data_3MAZ
# 
_entry.id   3MAZ 
# 
_audit_conform.dict_name       mmcif_pdbx.dic 
_audit_conform.dict_version    5.399 
_audit_conform.dict_location   http://mmcif.pdb.org/dictionaries/ascii/mmcif_pdbx.dic 
# 
loop_
_database_2.database_id 
_database_2.database_code 
_database_2.pdbx_database_accession 
_database_2.pdbx_DOI 
PDB   3MAZ         pdb_00003maz 10.2210/pdb3maz/pdb 
RCSB  RCSB058327   ?            ?                   
WWPDB D_1000058327 ?            ?                   
# 
loop_
_pdbx_audit_revision_history.ordinal 
_pdbx_audit_revision_history.data_content_type 
_pdbx_audit_revision_history.major_revision 
_pdbx_audit_revision_history.minor_revision 
_pdbx_audit_revision_history.revision_date 
1 'Structure model' 1 0 2010-05-12 
2 'Structure model' 1 1 2011-07-13 
3 'Structure model' 1 2 2021-10-06 
4 'Structure model' 1 3 2023-09-06 
5 'Structure model' 1 4 2023-11-22 
6 'Structure model' 1 5 2024-11-20 
# 
_pdbx_audit_revision_details.ordinal             1 
_pdbx_audit_revision_details.revision_ordinal    1 
_pdbx_audit_revision_details.data_content_type   'Structure model' 
_pdbx_audit_revision_details.provider            repository 
_pdbx_audit_revision_details.type                'Initial release' 
_pdbx_audit_revision_details.description         ? 
_pdbx_audit_revision_details.details             ? 
# 
loop_
_pdbx_audit_revision_group.ordinal 
_pdbx_audit_revision_group.revision_ordinal 
_pdbx_audit_revision_group.data_content_type 
_pdbx_audit_revision_group.group 
1 2 'Structure model' 'Version format compliance' 
2 3 'Structure model' 'Database references'       
3 3 'Structure model' 'Derived calculations'      
4 4 'Structure model' 'Data collection'           
5 4 'Structure model' 'Refinement description'    
6 5 'Structure model' 'Data collection'           
7 6 'Structure model' 'Structure summary'         
# 
loop_
_pdbx_audit_revision_category.ordinal 
_pdbx_audit_revision_category.revision_ordinal 
_pdbx_audit_revision_category.data_content_type 
_pdbx_audit_revision_category.category 
1  3 'Structure model' database_2                    
2  3 'Structure model' struct_conn                   
3  3 'Structure model' struct_ref_seq_dif            
4  3 'Structure model' struct_site                   
5  4 'Structure model' chem_comp_atom                
6  4 'Structure model' chem_comp_bond                
7  4 'Structure model' pdbx_initial_refinement_model 
8  5 'Structure model' chem_comp_atom                
9  5 'Structure model' chem_comp_bond                
10 6 'Structure model' pdbx_entry_details            
11 6 'Structure model' pdbx_modification_feature     
# 
loop_
_pdbx_audit_revision_item.ordinal 
_pdbx_audit_revision_item.revision_ordinal 
_pdbx_audit_revision_item.data_content_type 
_pdbx_audit_revision_item.item 
1 3 'Structure model' '_database_2.pdbx_DOI'                
2 3 'Structure model' '_database_2.pdbx_database_accession' 
3 3 'Structure model' '_struct_conn.pdbx_leaving_atom_flag' 
4 3 'Structure model' '_struct_ref_seq_dif.details'         
5 3 'Structure model' '_struct_site.pdbx_auth_asym_id'      
6 3 'Structure model' '_struct_site.pdbx_auth_comp_id'      
7 3 'Structure model' '_struct_site.pdbx_auth_seq_id'       
8 5 'Structure model' '_chem_comp_atom.atom_id'             
9 5 'Structure model' '_chem_comp_bond.atom_id_2'           
# 
_pdbx_database_status.status_code                     REL 
_pdbx_database_status.entry_id                        3MAZ 
_pdbx_database_status.recvd_initial_deposition_date   2010-03-24 
_pdbx_database_status.deposit_site                    RCSB 
_pdbx_database_status.process_site                    RCSB 
_pdbx_database_status.status_code_sf                  REL 
_pdbx_database_status.status_code_mr                  ? 
_pdbx_database_status.SG_entry                        ? 
_pdbx_database_status.pdb_format_compatible           Y 
_pdbx_database_status.status_code_cs                  ? 
_pdbx_database_status.status_code_nmr_data            ? 
_pdbx_database_status.methods_development_category    ? 
# 
loop_
_audit_author.name 
_audit_author.pdbx_ordinal 
'Kaneko, T.'     1 
'Huang, H.'      2 
'Zhao, B.'       3 
'Li, L.'         4 
'Liu, H.'        5 
'Voss, C.K.'     6 
'Wu, C.'         7 
'Schiller, M.R.' 8 
'Li, S.S.'       9 
# 
_citation.id                        primary 
_citation.title                     'Loops govern SH2 domain specificity by controlling access to binding pockets.' 
_citation.journal_abbrev            Sci.Signal. 
_citation.journal_volume            3 
_citation.page_first                ra34 
_citation.page_last                 ra34 
_citation.year                      2010 
_citation.journal_id_ASTM           ? 
_citation.country                   US 
_citation.journal_id_ISSN           1937-9145 
_citation.journal_id_CSD            ? 
_citation.book_publisher            ? 
_citation.pdbx_database_id_PubMed   20442417 
_citation.pdbx_database_id_DOI      10.1126/scisignal.2000796 
# 
loop_
_citation_author.citation_id 
_citation_author.name 
_citation_author.ordinal 
_citation_author.identifier_ORCID 
primary 'Kaneko, T.'     1 ? 
primary 'Huang, H.'      2 ? 
primary 'Zhao, B.'       3 ? 
primary 'Li, L.'         4 ? 
primary 'Liu, H.'        5 ? 
primary 'Voss, C.K.'     6 ? 
primary 'Wu, C.'         7 ? 
primary 'Schiller, M.R.' 8 ? 
primary 'Li, S.S.'       9 ? 
# 
loop_
_entity.id 
_entity.type 
_entity.src_method 
_entity.pdbx_description 
_entity.formula_weight 
_entity.pdbx_number_of_molecules 
_entity.pdbx_ec 
_entity.pdbx_mutation 
_entity.pdbx_fragment 
_entity.details 
1 polymer     man 'Signal-transducing adaptor protein 1' 14180.105 1  ? C269A 'UNP Residues 167-285, SH2 domain' ?                 
2 polymer     syn 'CheD family protein'                  1300.355  1  ? C142A ?                                  'pTyr136 peptide' 
3 non-polymer syn 'MALONATE ION'                         102.046   1  ? ?     ?                                  ?                 
4 water       nat water                                  18.015    83 ? ?     ?                                  ?                 
# 
_entity_name_com.entity_id   1 
_entity_name_com.name        'STAP-1, Stem cell adaptor protein 1, BCR downstream-signaling protein 1, Docking protein BRDG1' 
# 
loop_
_entity_poly.entity_id 
_entity_poly.type 
_entity_poly.nstd_linkage 
_entity_poly.nstd_monomer 
_entity_poly.pdbx_seq_one_letter_code 
_entity_poly.pdbx_seq_one_letter_code_can 
_entity_poly.pdbx_strand_id 
_entity_poly.pdbx_target_identifier 
1 'polypeptide(L)' no no  
;GSGRAMDYVDVLNPMPACFYTVSRKEATEMLQKNPSLGNMILRPGSDSRNYSITIRQEIDIPRIKHYKVMSVGQNYTIEL
EKPVTLPNLFSVIDYFVKETRGNLRPFIASTDENTGQEPSMEGRS
;
;GSGRAMDYVDVLNPMPACFYTVSRKEATEMLQKNPSLGNMILRPGSDSRNYSITIRQEIDIPRIKHYKVMSVGQNYTIEL
EKPVTLPNLFSVIDYFVKETRGNLRPFIASTDENTGQEPSMEGRS
;
A ? 
2 'polypeptide(L)' no yes 'ANS(PTR)ENVLIAK(NH2)' ANSYENVLIAKX B ? 
# 
loop_
_pdbx_entity_nonpoly.entity_id 
_pdbx_entity_nonpoly.name 
_pdbx_entity_nonpoly.comp_id 
3 'MALONATE ION' MLI 
4 water          HOH 
# 
loop_
_entity_poly_seq.entity_id 
_entity_poly_seq.num 
_entity_poly_seq.mon_id 
_entity_poly_seq.hetero 
1 1   GLY n 
1 2   SER n 
1 3   GLY n 
1 4   ARG n 
1 5   ALA n 
1 6   MET n 
1 7   ASP n 
1 8   TYR n 
1 9   VAL n 
1 10  ASP n 
1 11  VAL n 
1 12  LEU n 
1 13  ASN n 
1 14  PRO n 
1 15  MET n 
1 16  PRO n 
1 17  ALA n 
1 18  CYS n 
1 19  PHE n 
1 20  TYR n 
1 21  THR n 
1 22  VAL n 
1 23  SER n 
1 24  ARG n 
1 25  LYS n 
1 26  GLU n 
1 27  ALA n 
1 28  THR n 
1 29  GLU n 
1 30  MET n 
1 31  LEU n 
1 32  GLN n 
1 33  LYS n 
1 34  ASN n 
1 35  PRO n 
1 36  SER n 
1 37  LEU n 
1 38  GLY n 
1 39  ASN n 
1 40  MET n 
1 41  ILE n 
1 42  LEU n 
1 43  ARG n 
1 44  PRO n 
1 45  GLY n 
1 46  SER n 
1 47  ASP n 
1 48  SER n 
1 49  ARG n 
1 50  ASN n 
1 51  TYR n 
1 52  SER n 
1 53  ILE n 
1 54  THR n 
1 55  ILE n 
1 56  ARG n 
1 57  GLN n 
1 58  GLU n 
1 59  ILE n 
1 60  ASP n 
1 61  ILE n 
1 62  PRO n 
1 63  ARG n 
1 64  ILE n 
1 65  LYS n 
1 66  HIS n 
1 67  TYR n 
1 68  LYS n 
1 69  VAL n 
1 70  MET n 
1 71  SER n 
1 72  VAL n 
1 73  GLY n 
1 74  GLN n 
1 75  ASN n 
1 76  TYR n 
1 77  THR n 
1 78  ILE n 
1 79  GLU n 
1 80  LEU n 
1 81  GLU n 
1 82  LYS n 
1 83  PRO n 
1 84  VAL n 
1 85  THR n 
1 86  LEU n 
1 87  PRO n 
1 88  ASN n 
1 89  LEU n 
1 90  PHE n 
1 91  SER n 
1 92  VAL n 
1 93  ILE n 
1 94  ASP n 
1 95  TYR n 
1 96  PHE n 
1 97  VAL n 
1 98  LYS n 
1 99  GLU n 
1 100 THR n 
1 101 ARG n 
1 102 GLY n 
1 103 ASN n 
1 104 LEU n 
1 105 ARG n 
1 106 PRO n 
1 107 PHE n 
1 108 ILE n 
1 109 ALA n 
1 110 SER n 
1 111 THR n 
1 112 ASP n 
1 113 GLU n 
1 114 ASN n 
1 115 THR n 
1 116 GLY n 
1 117 GLN n 
1 118 GLU n 
1 119 PRO n 
1 120 SER n 
1 121 MET n 
1 122 GLU n 
1 123 GLY n 
1 124 ARG n 
1 125 SER n 
2 1   ALA n 
2 2   ASN n 
2 3   SER n 
2 4   PTR n 
2 5   GLU n 
2 6   ASN n 
2 7   VAL n 
2 8   LEU n 
2 9   ILE n 
2 10  ALA n 
2 11  LYS n 
2 12  NH2 n 
# 
_entity_src_gen.entity_id                          1 
_entity_src_gen.pdbx_src_id                        1 
_entity_src_gen.pdbx_alt_source_flag               sample 
_entity_src_gen.pdbx_seq_type                      ? 
_entity_src_gen.pdbx_beg_seq_num                   ? 
_entity_src_gen.pdbx_end_seq_num                   ? 
_entity_src_gen.gene_src_common_name               human 
_entity_src_gen.gene_src_genus                     ? 
_entity_src_gen.pdbx_gene_src_gene                 'STAP1, BRDG1' 
_entity_src_gen.gene_src_species                   ? 
_entity_src_gen.gene_src_strain                    ? 
_entity_src_gen.gene_src_tissue                    ? 
_entity_src_gen.gene_src_tissue_fraction           ? 
_entity_src_gen.gene_src_details                   ? 
_entity_src_gen.pdbx_gene_src_fragment             ? 
_entity_src_gen.pdbx_gene_src_scientific_name      'Homo sapiens' 
_entity_src_gen.pdbx_gene_src_ncbi_taxonomy_id     9606 
_entity_src_gen.pdbx_gene_src_variant              ? 
_entity_src_gen.pdbx_gene_src_cell_line            ? 
_entity_src_gen.pdbx_gene_src_atcc                 ? 
_entity_src_gen.pdbx_gene_src_organ                ? 
_entity_src_gen.pdbx_gene_src_organelle            ? 
_entity_src_gen.pdbx_gene_src_cell                 ? 
_entity_src_gen.pdbx_gene_src_cellular_location    ? 
_entity_src_gen.host_org_common_name               ? 
_entity_src_gen.pdbx_host_org_scientific_name      'Escherichia coli' 
_entity_src_gen.pdbx_host_org_ncbi_taxonomy_id     562 
_entity_src_gen.host_org_genus                     ? 
_entity_src_gen.pdbx_host_org_gene                 ? 
_entity_src_gen.pdbx_host_org_organ                ? 
_entity_src_gen.host_org_species                   ? 
_entity_src_gen.pdbx_host_org_tissue               ? 
_entity_src_gen.pdbx_host_org_tissue_fraction      ? 
_entity_src_gen.pdbx_host_org_strain               ? 
_entity_src_gen.pdbx_host_org_variant              ? 
_entity_src_gen.pdbx_host_org_cell_line            ? 
_entity_src_gen.pdbx_host_org_atcc                 ? 
_entity_src_gen.pdbx_host_org_culture_collection   ? 
_entity_src_gen.pdbx_host_org_cell                 ? 
_entity_src_gen.pdbx_host_org_organelle            ? 
_entity_src_gen.pdbx_host_org_cellular_location    ? 
_entity_src_gen.pdbx_host_org_vector_type          ? 
_entity_src_gen.pdbx_host_org_vector               ? 
_entity_src_gen.host_org_details                   ? 
_entity_src_gen.expression_system_id               ? 
_entity_src_gen.plasmid_name                       ? 
_entity_src_gen.plasmid_details                    ? 
_entity_src_gen.pdbx_description                   ? 
# 
_pdbx_entity_src_syn.entity_id              2 
_pdbx_entity_src_syn.pdbx_src_id            1 
_pdbx_entity_src_syn.pdbx_alt_source_flag   sample 
_pdbx_entity_src_syn.pdbx_beg_seq_num       ? 
_pdbx_entity_src_syn.pdbx_end_seq_num       ? 
_pdbx_entity_src_syn.organism_scientific    ? 
_pdbx_entity_src_syn.organism_common_name   ? 
_pdbx_entity_src_syn.ncbi_taxonomy_id       ? 
_pdbx_entity_src_syn.details                'This sequence occurs naturally in humans.' 
# 
loop_
_chem_comp.id 
_chem_comp.type 
_chem_comp.mon_nstd_flag 
_chem_comp.name 
_chem_comp.pdbx_synonyms 
_chem_comp.formula 
_chem_comp.formula_weight 
ALA 'L-peptide linking' y ALANINE           ?                 'C3 H7 N O2'     89.093  
ARG 'L-peptide linking' y ARGININE          ?                 'C6 H15 N4 O2 1' 175.209 
ASN 'L-peptide linking' y ASPARAGINE        ?                 'C4 H8 N2 O3'    132.118 
ASP 'L-peptide linking' y 'ASPARTIC ACID'   ?                 'C4 H7 N O4'     133.103 
CYS 'L-peptide linking' y CYSTEINE          ?                 'C3 H7 N O2 S'   121.158 
GLN 'L-peptide linking' y GLUTAMINE         ?                 'C5 H10 N2 O3'   146.144 
GLU 'L-peptide linking' y 'GLUTAMIC ACID'   ?                 'C5 H9 N O4'     147.129 
GLY 'peptide linking'   y GLYCINE           ?                 'C2 H5 N O2'     75.067  
HIS 'L-peptide linking' y HISTIDINE         ?                 'C6 H10 N3 O2 1' 156.162 
HOH non-polymer         . WATER             ?                 'H2 O'           18.015  
ILE 'L-peptide linking' y ISOLEUCINE        ?                 'C6 H13 N O2'    131.173 
LEU 'L-peptide linking' y LEUCINE           ?                 'C6 H13 N O2'    131.173 
LYS 'L-peptide linking' y LYSINE            ?                 'C6 H15 N2 O2 1' 147.195 
MET 'L-peptide linking' y METHIONINE        ?                 'C5 H11 N O2 S'  149.211 
MLI non-polymer         . 'MALONATE ION'    ?                 'C3 H2 O4 -2'    102.046 
NH2 non-polymer         . 'AMINO GROUP'     ?                 'H2 N'           16.023  
PHE 'L-peptide linking' y PHENYLALANINE     ?                 'C9 H11 N O2'    165.189 
PRO 'L-peptide linking' y PROLINE           ?                 'C5 H9 N O2'     115.130 
PTR 'L-peptide linking' n O-PHOSPHOTYROSINE PHOSPHONOTYROSINE 'C9 H12 N O6 P'  261.168 
SER 'L-peptide linking' y SERINE            ?                 'C3 H7 N O3'     105.093 
THR 'L-peptide linking' y THREONINE         ?                 'C4 H9 N O3'     119.119 
TYR 'L-peptide linking' y TYROSINE          ?                 'C9 H11 N O3'    181.189 
VAL 'L-peptide linking' y VALINE            ?                 'C5 H11 N O2'    117.146 
# 
loop_
_pdbx_poly_seq_scheme.asym_id 
_pdbx_poly_seq_scheme.entity_id 
_pdbx_poly_seq_scheme.seq_id 
_pdbx_poly_seq_scheme.mon_id 
_pdbx_poly_seq_scheme.ndb_seq_num 
_pdbx_poly_seq_scheme.pdb_seq_num 
_pdbx_poly_seq_scheme.auth_seq_num 
_pdbx_poly_seq_scheme.pdb_mon_id 
_pdbx_poly_seq_scheme.auth_mon_id 
_pdbx_poly_seq_scheme.pdb_strand_id 
_pdbx_poly_seq_scheme.pdb_ins_code 
_pdbx_poly_seq_scheme.hetero 
A 1 1   GLY 1   161 ?   ?   ?   A . n 
A 1 2   SER 2   162 ?   ?   ?   A . n 
A 1 3   GLY 3   163 ?   ?   ?   A . n 
A 1 4   ARG 4   164 ?   ?   ?   A . n 
A 1 5   ALA 5   165 ?   ?   ?   A . n 
A 1 6   MET 6   166 ?   ?   ?   A . n 
A 1 7   ASP 7   167 ?   ?   ?   A . n 
A 1 8   TYR 8   168 ?   ?   ?   A . n 
A 1 9   VAL 9   169 ?   ?   ?   A . n 
A 1 10  ASP 10  170 ?   ?   ?   A . n 
A 1 11  VAL 11  171 171 VAL VAL A . n 
A 1 12  LEU 12  172 172 LEU LEU A . n 
A 1 13  ASN 13  173 173 ASN ASN A . n 
A 1 14  PRO 14  174 174 PRO PRO A . n 
A 1 15  MET 15  175 175 MET MET A . n 
A 1 16  PRO 16  176 176 PRO PRO A . n 
A 1 17  ALA 17  177 177 ALA ALA A . n 
A 1 18  CYS 18  178 178 CYS CYS A . n 
A 1 19  PHE 19  179 179 PHE PHE A . n 
A 1 20  TYR 20  180 180 TYR TYR A . n 
A 1 21  THR 21  181 181 THR THR A . n 
A 1 22  VAL 22  182 182 VAL VAL A . n 
A 1 23  SER 23  183 183 SER SER A . n 
A 1 24  ARG 24  184 184 ARG ARG A . n 
A 1 25  LYS 25  185 185 LYS LYS A . n 
A 1 26  GLU 26  186 186 GLU GLU A . n 
A 1 27  ALA 27  187 187 ALA ALA A . n 
A 1 28  THR 28  188 188 THR THR A . n 
A 1 29  GLU 29  189 189 GLU GLU A . n 
A 1 30  MET 30  190 190 MET MET A . n 
A 1 31  LEU 31  191 191 LEU LEU A . n 
A 1 32  GLN 32  192 192 GLN GLN A . n 
A 1 33  LYS 33  193 193 LYS LYS A . n 
A 1 34  ASN 34  194 194 ASN ASN A . n 
A 1 35  PRO 35  195 195 PRO PRO A . n 
A 1 36  SER 36  196 196 SER SER A . n 
A 1 37  LEU 37  197 197 LEU LEU A . n 
A 1 38  GLY 38  198 198 GLY GLY A . n 
A 1 39  ASN 39  199 199 ASN ASN A . n 
A 1 40  MET 40  200 200 MET MET A . n 
A 1 41  ILE 41  201 201 ILE ILE A . n 
A 1 42  LEU 42  202 202 LEU LEU A . n 
A 1 43  ARG 43  203 203 ARG ARG A . n 
A 1 44  PRO 44  204 204 PRO PRO A . n 
A 1 45  GLY 45  205 205 GLY GLY A . n 
A 1 46  SER 46  206 206 SER SER A . n 
A 1 47  ASP 47  207 207 ASP ASP A . n 
A 1 48  SER 48  208 208 SER SER A . n 
A 1 49  ARG 49  209 209 ARG ARG A . n 
A 1 50  ASN 50  210 210 ASN ASN A . n 
A 1 51  TYR 51  211 211 TYR TYR A . n 
A 1 52  SER 52  212 212 SER SER A . n 
A 1 53  ILE 53  213 213 ILE ILE A . n 
A 1 54  THR 54  214 214 THR THR A . n 
A 1 55  ILE 55  215 215 ILE ILE A . n 
A 1 56  ARG 56  216 216 ARG ARG A . n 
A 1 57  GLN 57  217 217 GLN GLN A . n 
A 1 58  GLU 58  218 218 GLU GLU A . n 
A 1 59  ILE 59  219 219 ILE ILE A . n 
A 1 60  ASP 60  220 220 ASP ASP A . n 
A 1 61  ILE 61  221 221 ILE ILE A . n 
A 1 62  PRO 62  222 222 PRO PRO A . n 
A 1 63  ARG 63  223 223 ARG ARG A . n 
A 1 64  ILE 64  224 224 ILE ILE A . n 
A 1 65  LYS 65  225 225 LYS LYS A . n 
A 1 66  HIS 66  226 226 HIS HIS A . n 
A 1 67  TYR 67  227 227 TYR TYR A . n 
A 1 68  LYS 68  228 228 LYS LYS A . n 
A 1 69  VAL 69  229 229 VAL VAL A . n 
A 1 70  MET 70  230 230 MET MET A . n 
A 1 71  SER 71  231 231 SER SER A . n 
A 1 72  VAL 72  232 232 VAL VAL A . n 
A 1 73  GLY 73  233 233 GLY GLY A . n 
A 1 74  GLN 74  234 234 GLN GLN A . n 
A 1 75  ASN 75  235 235 ASN ASN A . n 
A 1 76  TYR 76  236 236 TYR TYR A . n 
A 1 77  THR 77  237 237 THR THR A . n 
A 1 78  ILE 78  238 238 ILE ILE A . n 
A 1 79  GLU 79  239 239 GLU GLU A . n 
A 1 80  LEU 80  240 240 LEU LEU A . n 
A 1 81  GLU 81  241 241 GLU GLU A . n 
A 1 82  LYS 82  242 242 LYS LYS A . n 
A 1 83  PRO 83  243 243 PRO PRO A . n 
A 1 84  VAL 84  244 244 VAL VAL A . n 
A 1 85  THR 85  245 245 THR THR A . n 
A 1 86  LEU 86  246 246 LEU LEU A . n 
A 1 87  PRO 87  247 247 PRO PRO A . n 
A 1 88  ASN 88  248 248 ASN ASN A . n 
A 1 89  LEU 89  249 249 LEU LEU A . n 
A 1 90  PHE 90  250 250 PHE PHE A . n 
A 1 91  SER 91  251 251 SER SER A . n 
A 1 92  VAL 92  252 252 VAL VAL A . n 
A 1 93  ILE 93  253 253 ILE ILE A . n 
A 1 94  ASP 94  254 254 ASP ASP A . n 
A 1 95  TYR 95  255 255 TYR TYR A . n 
A 1 96  PHE 96  256 256 PHE PHE A . n 
A 1 97  VAL 97  257 257 VAL VAL A . n 
A 1 98  LYS 98  258 258 LYS LYS A . n 
A 1 99  GLU 99  259 259 GLU GLU A . n 
A 1 100 THR 100 260 260 THR THR A . n 
A 1 101 ARG 101 261 261 ARG ARG A . n 
A 1 102 GLY 102 262 262 GLY GLY A . n 
A 1 103 ASN 103 263 263 ASN ASN A . n 
A 1 104 LEU 104 264 264 LEU LEU A . n 
A 1 105 ARG 105 265 265 ARG ARG A . n 
A 1 106 PRO 106 266 266 PRO PRO A . n 
A 1 107 PHE 107 267 267 PHE PHE A . n 
A 1 108 ILE 108 268 268 ILE ILE A . n 
A 1 109 ALA 109 269 269 ALA ALA A . n 
A 1 110 SER 110 270 ?   ?   ?   A . n 
A 1 111 THR 111 271 ?   ?   ?   A . n 
A 1 112 ASP 112 272 ?   ?   ?   A . n 
A 1 113 GLU 113 273 ?   ?   ?   A . n 
A 1 114 ASN 114 274 ?   ?   ?   A . n 
A 1 115 THR 115 275 ?   ?   ?   A . n 
A 1 116 GLY 116 276 ?   ?   ?   A . n 
A 1 117 GLN 117 277 ?   ?   ?   A . n 
A 1 118 GLU 118 278 ?   ?   ?   A . n 
A 1 119 PRO 119 279 ?   ?   ?   A . n 
A 1 120 SER 120 280 ?   ?   ?   A . n 
A 1 121 MET 121 281 ?   ?   ?   A . n 
A 1 122 GLU 122 282 ?   ?   ?   A . n 
A 1 123 GLY 123 283 ?   ?   ?   A . n 
A 1 124 ARG 124 284 ?   ?   ?   A . n 
A 1 125 SER 125 285 ?   ?   ?   A . n 
B 2 1   ALA 1   133 ?   ?   ?   B . n 
B 2 2   ASN 2   134 134 ASN ASN B . n 
B 2 3   SER 3   135 135 SER SER B . n 
B 2 4   PTR 4   136 136 PTR PTR B . n 
B 2 5   GLU 5   137 137 GLU GLU B . n 
B 2 6   ASN 6   138 138 ASN ASN B . n 
B 2 7   VAL 7   139 139 VAL VAL B . n 
B 2 8   LEU 8   140 140 LEU LEU B . n 
B 2 9   ILE 9   141 141 ILE ILE B . n 
B 2 10  ALA 10  142 142 ALA ALA B . n 
B 2 11  LYS 11  143 143 LYS LYS B . n 
B 2 12  NH2 12  144 144 NH2 NH2 B . n 
# 
loop_
_pdbx_nonpoly_scheme.asym_id 
_pdbx_nonpoly_scheme.entity_id 
_pdbx_nonpoly_scheme.mon_id 
_pdbx_nonpoly_scheme.ndb_seq_num 
_pdbx_nonpoly_scheme.pdb_seq_num 
_pdbx_nonpoly_scheme.auth_seq_num 
_pdbx_nonpoly_scheme.pdb_mon_id 
_pdbx_nonpoly_scheme.auth_mon_id 
_pdbx_nonpoly_scheme.pdb_strand_id 
_pdbx_nonpoly_scheme.pdb_ins_code 
C 3 MLI 1  1001 1001 MLI MLI A . 
D 4 HOH 1  1    1    HOH HOH A . 
D 4 HOH 2  2    2    HOH HOH A . 
D 4 HOH 3  3    3    HOH HOH A . 
D 4 HOH 4  5    5    HOH HOH A . 
D 4 HOH 5  6    6    HOH HOH A . 
D 4 HOH 6  7    7    HOH HOH A . 
D 4 HOH 7  9    9    HOH HOH A . 
D 4 HOH 8  10   10   HOH HOH A . 
D 4 HOH 9  11   11   HOH HOH A . 
D 4 HOH 10 12   12   HOH HOH A . 
D 4 HOH 11 13   13   HOH HOH A . 
D 4 HOH 12 14   14   HOH HOH A . 
D 4 HOH 13 15   15   HOH HOH A . 
D 4 HOH 14 17   17   HOH HOH A . 
D 4 HOH 15 18   18   HOH HOH A . 
D 4 HOH 16 19   19   HOH HOH A . 
D 4 HOH 17 20   20   HOH HOH A . 
D 4 HOH 18 21   21   HOH HOH A . 
D 4 HOH 19 22   22   HOH HOH A . 
D 4 HOH 20 23   23   HOH HOH A . 
D 4 HOH 21 24   24   HOH HOH A . 
D 4 HOH 22 25   25   HOH HOH A . 
D 4 HOH 23 26   26   HOH HOH A . 
D 4 HOH 24 27   27   HOH HOH A . 
D 4 HOH 25 28   28   HOH HOH A . 
D 4 HOH 26 29   29   HOH HOH A . 
D 4 HOH 27 30   30   HOH HOH A . 
D 4 HOH 28 32   32   HOH HOH A . 
D 4 HOH 29 33   33   HOH HOH A . 
D 4 HOH 30 34   34   HOH HOH A . 
D 4 HOH 31 35   35   HOH HOH A . 
D 4 HOH 32 36   36   HOH HOH A . 
D 4 HOH 33 37   37   HOH HOH A . 
D 4 HOH 34 38   38   HOH HOH A . 
D 4 HOH 35 39   39   HOH HOH A . 
D 4 HOH 36 40   40   HOH HOH A . 
D 4 HOH 37 41   41   HOH HOH A . 
D 4 HOH 38 42   42   HOH HOH A . 
D 4 HOH 39 44   44   HOH HOH A . 
D 4 HOH 40 45   45   HOH HOH A . 
D 4 HOH 41 46   46   HOH HOH A . 
D 4 HOH 42 47   47   HOH HOH A . 
D 4 HOH 43 48   48   HOH HOH A . 
D 4 HOH 44 49   49   HOH HOH A . 
D 4 HOH 45 51   51   HOH HOH A . 
D 4 HOH 46 53   53   HOH HOH A . 
D 4 HOH 47 54   54   HOH HOH A . 
D 4 HOH 48 55   55   HOH HOH A . 
D 4 HOH 49 56   56   HOH HOH A . 
D 4 HOH 50 57   57   HOH HOH A . 
D 4 HOH 51 58   58   HOH HOH A . 
D 4 HOH 52 59   59   HOH HOH A . 
D 4 HOH 53 60   60   HOH HOH A . 
D 4 HOH 54 61   61   HOH HOH A . 
D 4 HOH 55 62   62   HOH HOH A . 
D 4 HOH 56 63   63   HOH HOH A . 
D 4 HOH 57 64   64   HOH HOH A . 
D 4 HOH 58 65   65   HOH HOH A . 
D 4 HOH 59 66   66   HOH HOH A . 
D 4 HOH 60 67   67   HOH HOH A . 
D 4 HOH 61 68   68   HOH HOH A . 
D 4 HOH 62 69   69   HOH HOH A . 
D 4 HOH 63 72   72   HOH HOH A . 
D 4 HOH 64 73   73   HOH HOH A . 
D 4 HOH 65 74   74   HOH HOH A . 
D 4 HOH 66 75   75   HOH HOH A . 
D 4 HOH 67 76   76   HOH HOH A . 
D 4 HOH 68 77   77   HOH HOH A . 
D 4 HOH 69 78   78   HOH HOH A . 
D 4 HOH 70 79   79   HOH HOH A . 
D 4 HOH 71 80   80   HOH HOH A . 
D 4 HOH 72 81   81   HOH HOH A . 
D 4 HOH 73 82   82   HOH HOH A . 
D 4 HOH 74 83   83   HOH HOH A . 
E 4 HOH 1  4    4    HOH HOH B . 
E 4 HOH 2  8    8    HOH HOH B . 
E 4 HOH 3  16   16   HOH HOH B . 
E 4 HOH 4  31   31   HOH HOH B . 
E 4 HOH 5  43   43   HOH HOH B . 
E 4 HOH 6  50   50   HOH HOH B . 
E 4 HOH 7  52   52   HOH HOH B . 
E 4 HOH 8  70   70   HOH HOH B . 
E 4 HOH 9  71   71   HOH HOH B . 
# 
loop_
_software.name 
_software.classification 
_software.version 
_software.citation_id 
_software.pdbx_ordinal 
CrystalClear 'data collection' .    ? 1 
PHASER       phasing           .    ? 2 
CNS          refinement        1.21 ? 3 
CrystalClear 'data reduction'  .    ? 4 
CrystalClear 'data scaling'    .    ? 5 
# 
_cell.entry_id           3MAZ 
_cell.length_a           72.640 
_cell.length_b           72.640 
_cell.length_c           97.840 
_cell.angle_alpha        90.00 
_cell.angle_beta         90.00 
_cell.angle_gamma        120.00 
_cell.Z_PDB              12 
_cell.pdbx_unique_axis   ? 
_cell.length_a_esd       ? 
_cell.length_b_esd       ? 
_cell.length_c_esd       ? 
_cell.angle_alpha_esd    ? 
_cell.angle_beta_esd     ? 
_cell.angle_gamma_esd    ? 
# 
_symmetry.entry_id                         3MAZ 
_symmetry.space_group_name_H-M             'P 62 2 2' 
_symmetry.pdbx_full_space_group_name_H-M   ? 
_symmetry.cell_setting                     ? 
_symmetry.Int_Tables_number                180 
_symmetry.space_group_name_Hall            ? 
# 
_exptl.entry_id          3MAZ 
_exptl.method            'X-RAY DIFFRACTION' 
_exptl.crystals_number   1 
# 
_exptl_crystal.id                    1 
_exptl_crystal.density_meas          ? 
_exptl_crystal.density_Matthews      2.41 
_exptl_crystal.density_percent_sol   48.89 
_exptl_crystal.description           ? 
_exptl_crystal.F_000                 ? 
_exptl_crystal.preparation           ? 
# 
_exptl_crystal_grow.crystal_id      1 
_exptl_crystal_grow.method          'VAPOR DIFFUSION, SITTING DROP' 
_exptl_crystal_grow.temp            295 
_exptl_crystal_grow.temp_details    ? 
_exptl_crystal_grow.pH              5.0 
_exptl_crystal_grow.pdbx_details    '2.1 M sodium malonate, pH 5.0, VAPOR DIFFUSION, SITTING DROP, temperature 295K' 
_exptl_crystal_grow.pdbx_pH_range   ? 
# 
_diffrn.id                     1 
_diffrn.ambient_temp           100 
_diffrn.ambient_temp_details   ? 
_diffrn.crystal_id             1 
# 
_diffrn_detector.diffrn_id              1 
_diffrn_detector.detector               'IMAGE PLATE' 
_diffrn_detector.type                   'RIGAKU RAXIS IV++' 
_diffrn_detector.pdbx_collection_date   2008-07-10 
_diffrn_detector.details                ? 
# 
_diffrn_radiation.diffrn_id                        1 
_diffrn_radiation.wavelength_id                    1 
_diffrn_radiation.pdbx_monochromatic_or_laue_m_l   M 
_diffrn_radiation.monochromator                    mirrors 
_diffrn_radiation.pdbx_diffrn_protocol             'SINGLE WAVELENGTH' 
_diffrn_radiation.pdbx_scattering_type             x-ray 
# 
_diffrn_radiation_wavelength.id           1 
_diffrn_radiation_wavelength.wavelength   1.5418 
_diffrn_radiation_wavelength.wt           1.0 
# 
_diffrn_source.diffrn_id                   1 
_diffrn_source.source                      'ROTATING ANODE' 
_diffrn_source.type                        'RIGAKU RUH3R' 
_diffrn_source.pdbx_synchrotron_site       ? 
_diffrn_source.pdbx_synchrotron_beamline   ? 
_diffrn_source.pdbx_wavelength             ? 
_diffrn_source.pdbx_wavelength_list        1.5418 
# 
_reflns.entry_id                     3MAZ 
_reflns.observed_criterion_sigma_I   0 
_reflns.observed_criterion_sigma_F   0 
_reflns.d_resolution_low             24.3 
_reflns.d_resolution_high            1.9 
_reflns.number_obs                   12585 
_reflns.number_all                   12591 
_reflns.percent_possible_obs         100 
_reflns.pdbx_Rmerge_I_obs            ? 
_reflns.pdbx_Rsym_value              ? 
_reflns.pdbx_netI_over_sigmaI        ? 
_reflns.B_iso_Wilson_estimate        27.4 
_reflns.pdbx_redundancy              ? 
_reflns.R_free_details               ? 
_reflns.limit_h_max                  ? 
_reflns.limit_h_min                  ? 
_reflns.limit_k_max                  ? 
_reflns.limit_k_min                  ? 
_reflns.limit_l_max                  ? 
_reflns.limit_l_min                  ? 
_reflns.observed_criterion_F_max     ? 
_reflns.observed_criterion_F_min     ? 
_reflns.pdbx_chi_squared             ? 
_reflns.pdbx_scaling_rejects         ? 
_reflns.pdbx_diffrn_id               1 
_reflns.pdbx_ordinal                 1 
# 
_reflns_shell.d_res_high             1.9 
_reflns_shell.d_res_low              1.97 
_reflns_shell.percent_possible_all   100 
_reflns_shell.Rmerge_I_obs           ? 
_reflns_shell.pdbx_Rsym_value        ? 
_reflns_shell.meanI_over_sigI_obs    ? 
_reflns_shell.pdbx_redundancy        ? 
_reflns_shell.percent_possible_obs   ? 
_reflns_shell.number_unique_all      ? 
_reflns_shell.number_measured_all    ? 
_reflns_shell.number_measured_obs    ? 
_reflns_shell.number_unique_obs      ? 
_reflns_shell.pdbx_chi_squared       ? 
_reflns_shell.pdbx_diffrn_id         ? 
_reflns_shell.pdbx_ordinal           1 
# 
_refine.entry_id                                 3MAZ 
_refine.ls_number_reflns_obs                     12583 
_refine.ls_number_reflns_all                     12597 
_refine.pdbx_ls_sigma_I                          ? 
_refine.pdbx_ls_sigma_F                          0.0 
_refine.pdbx_data_cutoff_high_absF               1413652.72 
_refine.pdbx_data_cutoff_low_absF                0.000000 
_refine.pdbx_data_cutoff_high_rms_absF           ? 
_refine.ls_d_res_low                             24.27 
_refine.ls_d_res_high                            1.90 
_refine.ls_percent_reflns_obs                    99.8 
_refine.ls_R_factor_obs                          0.212 
_refine.ls_R_factor_all                          0.2249 
_refine.ls_R_factor_R_work                       0.212 
_refine.ls_R_factor_R_free                       0.236 
_refine.ls_R_factor_R_free_error                 0.010 
_refine.ls_R_factor_R_free_error_details         ? 
_refine.ls_percent_reflns_R_free                 4.8 
_refine.ls_number_reflns_R_free                  606 
_refine.ls_number_parameters                     ? 
_refine.ls_number_restraints                     ? 
_refine.occupancy_min                            ? 
_refine.occupancy_max                            ? 
_refine.correlation_coeff_Fo_to_Fc               ? 
_refine.correlation_coeff_Fo_to_Fc_free          ? 
_refine.B_iso_mean                               32.8 
_refine.aniso_B[1][1]                            -1.33 
_refine.aniso_B[2][2]                            -1.33 
_refine.aniso_B[3][3]                            2.67 
_refine.aniso_B[1][2]                            0.00 
_refine.aniso_B[1][3]                            0.00 
_refine.aniso_B[2][3]                            0.00 
_refine.solvent_model_details                    'FLAT MODEL' 
_refine.solvent_model_param_ksol                 0.4 
_refine.solvent_model_param_bsol                 46.2015 
_refine.pdbx_solvent_vdw_probe_radii             ? 
_refine.pdbx_solvent_ion_probe_radii             ? 
_refine.pdbx_solvent_shrinkage_radii             ? 
_refine.pdbx_ls_cross_valid_method               THROUGHOUT 
_refine.details                                  'BULK SOLVENT MODEL USED' 
_refine.pdbx_starting_model                      'PDB ENTRIES 1BMB 1H9O 1I3Z 1KC2' 
_refine.pdbx_method_to_determine_struct          'MOLECULAR REPLACEMENT' 
_refine.pdbx_isotropic_thermal_model             RESTRAINED 
_refine.pdbx_stereochemistry_target_values       'Engh & Huber' 
_refine.pdbx_stereochem_target_val_spec_case     ? 
_refine.pdbx_R_Free_selection_details            RANDOM 
_refine.pdbx_overall_ESU_R_Free                  ? 
_refine.overall_SU_ML                            ? 
_refine.overall_SU_B                             ? 
_refine.ls_redundancy_reflns_obs                 ? 
_refine.B_iso_min                                ? 
_refine.B_iso_max                                ? 
_refine.overall_SU_R_Cruickshank_DPI             ? 
_refine.overall_SU_R_free                        ? 
_refine.ls_wR_factor_R_free                      ? 
_refine.ls_wR_factor_R_work                      ? 
_refine.overall_FOM_free_R_set                   ? 
_refine.overall_FOM_work_R_set                   ? 
_refine.pdbx_overall_phase_error                 ? 
_refine.pdbx_refine_id                           'X-RAY DIFFRACTION' 
_refine.pdbx_overall_ESU_R                       ? 
_refine.pdbx_diffrn_id                           1 
_refine.pdbx_TLS_residual_ADP_flag               ? 
_refine.pdbx_overall_SU_R_free_Cruickshank_DPI   ? 
_refine.pdbx_overall_SU_R_Blow_DPI               ? 
_refine.pdbx_overall_SU_R_free_Blow_DPI          ? 
# 
_refine_analyze.entry_id                        3MAZ 
_refine_analyze.Luzzati_coordinate_error_obs    0.24 
_refine_analyze.Luzzati_sigma_a_obs             0.16 
_refine_analyze.Luzzati_d_res_low_obs           5.00 
_refine_analyze.Luzzati_coordinate_error_free   0.28 
_refine_analyze.Luzzati_sigma_a_free            0.25 
_refine_analyze.Luzzati_d_res_low_free          ? 
_refine_analyze.number_disordered_residues      ? 
_refine_analyze.occupancy_sum_hydrogen          ? 
_refine_analyze.occupancy_sum_non_hydrogen      ? 
_refine_analyze.pdbx_Luzzati_d_res_high_obs     ? 
_refine_analyze.pdbx_refine_id                  'X-RAY DIFFRACTION' 
# 
_refine_hist.pdbx_refine_id                   'X-RAY DIFFRACTION' 
_refine_hist.cycle_id                         LAST 
_refine_hist.pdbx_number_atoms_protein        885 
_refine_hist.pdbx_number_atoms_nucleic_acid   0 
_refine_hist.pdbx_number_atoms_ligand         7 
_refine_hist.number_atoms_solvent             83 
_refine_hist.number_atoms_total               975 
_refine_hist.d_res_high                       1.90 
_refine_hist.d_res_low                        24.27 
# 
loop_
_refine_ls_restr.type 
_refine_ls_restr.dev_ideal 
_refine_ls_restr.dev_ideal_target 
_refine_ls_restr.weight 
_refine_ls_restr.number 
_refine_ls_restr.pdbx_refine_id 
_refine_ls_restr.pdbx_restraint_function 
c_bond_d                0.012 ?    ? ? 'X-RAY DIFFRACTION' ? 
c_bond_d_na             ?     ?    ? ? 'X-RAY DIFFRACTION' ? 
c_bond_d_prot           ?     ?    ? ? 'X-RAY DIFFRACTION' ? 
c_angle_d               ?     ?    ? ? 'X-RAY DIFFRACTION' ? 
c_angle_d_na            ?     ?    ? ? 'X-RAY DIFFRACTION' ? 
c_angle_d_prot          ?     ?    ? ? 'X-RAY DIFFRACTION' ? 
c_angle_deg             1.5   ?    ? ? 'X-RAY DIFFRACTION' ? 
c_angle_deg_na          ?     ?    ? ? 'X-RAY DIFFRACTION' ? 
c_angle_deg_prot        ?     ?    ? ? 'X-RAY DIFFRACTION' ? 
c_dihedral_angle_d      24.3  ?    ? ? 'X-RAY DIFFRACTION' ? 
c_dihedral_angle_d_na   ?     ?    ? ? 'X-RAY DIFFRACTION' ? 
c_dihedral_angle_d_prot ?     ?    ? ? 'X-RAY DIFFRACTION' ? 
c_improper_angle_d      0.88  ?    ? ? 'X-RAY DIFFRACTION' ? 
c_improper_angle_d_na   ?     ?    ? ? 'X-RAY DIFFRACTION' ? 
c_improper_angle_d_prot ?     ?    ? ? 'X-RAY DIFFRACTION' ? 
c_mcbond_it             1.67  1.50 ? ? 'X-RAY DIFFRACTION' ? 
c_mcangle_it            2.78  2.00 ? ? 'X-RAY DIFFRACTION' ? 
c_scbond_it             2.10  2.00 ? ? 'X-RAY DIFFRACTION' ? 
c_scangle_it            3.15  2.50 ? ? 'X-RAY DIFFRACTION' ? 
# 
_refine_ls_restr_ncs.pdbx_refine_id      'X-RAY DIFFRACTION' 
_refine_ls_restr_ncs.dom_id              1 
_refine_ls_restr_ncs.ncs_model_details   NONE 
_refine_ls_restr_ncs.rms_dev_position    ? 
_refine_ls_restr_ncs.weight_position     ? 
_refine_ls_restr_ncs.rms_dev_B_iso       ? 
_refine_ls_restr_ncs.weight_B_iso        ? 
_refine_ls_restr_ncs.pdbx_ordinal        1 
_refine_ls_restr_ncs.pdbx_type           . 
_refine_ls_restr_ncs.pdbx_auth_asym_id   . 
_refine_ls_restr_ncs.pdbx_ens_id         1 
_refine_ls_restr_ncs.pdbx_number         ? 
_refine_ls_restr_ncs.pdbx_asym_id        ? 
_refine_ls_restr_ncs.pdbx_rms            ? 
_refine_ls_restr_ncs.pdbx_weight         ? 
# 
_refine_ls_shell.pdbx_total_number_of_bins_used   6 
_refine_ls_shell.d_res_high                       1.90 
_refine_ls_shell.d_res_low                        2.02 
_refine_ls_shell.number_reflns_R_work             1935 
_refine_ls_shell.R_factor_R_work                  0.251 
_refine_ls_shell.percent_reflns_obs               100.0 
_refine_ls_shell.R_factor_R_free                  0.302 
_refine_ls_shell.R_factor_R_free_error            0.030 
_refine_ls_shell.percent_reflns_R_free            5.1 
_refine_ls_shell.number_reflns_R_free             103 
_refine_ls_shell.number_reflns_all                ? 
_refine_ls_shell.R_factor_all                     ? 
_refine_ls_shell.number_reflns_obs                ? 
_refine_ls_shell.redundancy_reflns_obs            ? 
_refine_ls_shell.pdbx_refine_id                   'X-RAY DIFFRACTION' 
# 
loop_
_pdbx_xplor_file.pdbx_refine_id 
_pdbx_xplor_file.serial_no 
_pdbx_xplor_file.param_file 
_pdbx_xplor_file.topol_file 
'X-RAY DIFFRACTION' 1 protein_rep.param ? 
'X-RAY DIFFRACTION' 2 t                 ? 
'X-RAY DIFFRACTION' 3 water_rep.param   ? 
'X-RAY DIFFRACTION' 4 t                 ? 
'X-RAY DIFFRACTION' 5 t                 ? 
# 
_struct_ncs_dom.id            1 
_struct_ncs_dom.details       ? 
_struct_ncs_dom.pdbx_ens_id   1 
# 
_struct_ncs_ens.id        1 
_struct_ncs_ens.details   ? 
# 
_struct.entry_id                  3MAZ 
_struct.title                     'Crystal Structure of the Human BRDG1/STAP-1 SH2 Domain in Complex with the NTAL pTyr136 Peptide' 
_struct.pdbx_model_details        ? 
_struct.pdbx_CASP_flag            ? 
_struct.pdbx_model_type_details   ? 
# 
_struct_keywords.entry_id        3MAZ 
_struct_keywords.pdbx_keywords   'SIGNALING PROTEIN' 
_struct_keywords.text            
'modular domain, phosphotyrosine, specificity, Cytoplasm, Phosphoprotein, SH2 domain, SIGNALING PROTEIN' 
# 
loop_
_struct_asym.id 
_struct_asym.pdbx_blank_PDB_chainid_flag 
_struct_asym.pdbx_modified 
_struct_asym.entity_id 
_struct_asym.details 
A N N 1 ? 
B N N 2 ? 
C N N 3 ? 
D N N 4 ? 
E N N 4 ? 
# 
loop_
_struct_ref.id 
_struct_ref.db_name 
_struct_ref.db_code 
_struct_ref.pdbx_db_accession 
_struct_ref.entity_id 
_struct_ref.pdbx_seq_one_letter_code 
_struct_ref.pdbx_align_begin 
_struct_ref.pdbx_db_isoform 
1 UNP STAP1_HUMAN Q9ULZ2 1 
;DYVDVLNPMPACFYTVSRKEATEMLQKNPSLGNMILRPGSDSRNYSITIRQEIDIPRIKHYKVMSVGQNYTIELEKPVTL
PNLFSVIDYFVKETRGNLRPFICSTDENTGQEPSMEGRS
;
167 ? 
2 UNP NTAL_HUMAN  Q9GZY6 2 ANSYENVLICK 133 ? 
# 
loop_
_struct_ref_seq.align_id 
_struct_ref_seq.ref_id 
_struct_ref_seq.pdbx_PDB_id_code 
_struct_ref_seq.pdbx_strand_id 
_struct_ref_seq.seq_align_beg 
_struct_ref_seq.pdbx_seq_align_beg_ins_code 
_struct_ref_seq.seq_align_end 
_struct_ref_seq.pdbx_seq_align_end_ins_code 
_struct_ref_seq.pdbx_db_accession 
_struct_ref_seq.db_align_beg 
_struct_ref_seq.pdbx_db_align_beg_ins_code 
_struct_ref_seq.db_align_end 
_struct_ref_seq.pdbx_db_align_end_ins_code 
_struct_ref_seq.pdbx_auth_seq_align_beg 
_struct_ref_seq.pdbx_auth_seq_align_end 
1 1 3MAZ A 7 ? 125 ? Q9ULZ2 167 ? 285 ? 167 285 
2 2 3MAZ B 1 ? 11  ? Q9GZY6 133 ? 143 ? 133 143 
# 
loop_
_struct_ref_seq_dif.align_id 
_struct_ref_seq_dif.pdbx_pdb_id_code 
_struct_ref_seq_dif.mon_id 
_struct_ref_seq_dif.pdbx_pdb_strand_id 
_struct_ref_seq_dif.seq_num 
_struct_ref_seq_dif.pdbx_pdb_ins_code 
_struct_ref_seq_dif.pdbx_seq_db_name 
_struct_ref_seq_dif.pdbx_seq_db_accession_code 
_struct_ref_seq_dif.db_mon_id 
_struct_ref_seq_dif.pdbx_seq_db_seq_num 
_struct_ref_seq_dif.details 
_struct_ref_seq_dif.pdbx_auth_seq_num 
_struct_ref_seq_dif.pdbx_ordinal 
1 3MAZ GLY A 1   ? UNP Q9ULZ2 ?   ?   'expression tag'      161 1 
1 3MAZ SER A 2   ? UNP Q9ULZ2 ?   ?   'expression tag'      162 2 
1 3MAZ GLY A 3   ? UNP Q9ULZ2 ?   ?   'expression tag'      163 3 
1 3MAZ ARG A 4   ? UNP Q9ULZ2 ?   ?   'expression tag'      164 4 
1 3MAZ ALA A 5   ? UNP Q9ULZ2 ?   ?   'expression tag'      165 5 
1 3MAZ MET A 6   ? UNP Q9ULZ2 ?   ?   'expression tag'      166 6 
1 3MAZ ALA A 109 ? UNP Q9ULZ2 CYS 269 'engineered mutation' 269 7 
2 3MAZ ALA B 10  ? UNP Q9GZY6 CYS 142 'engineered mutation' 142 8 
2 3MAZ NH2 B 12  ? UNP Q9GZY6 ?   ?   amidation             144 9 
# 
_pdbx_struct_assembly.id                   1 
_pdbx_struct_assembly.details              author_and_software_defined_assembly 
_pdbx_struct_assembly.method_details       PISA 
_pdbx_struct_assembly.oligomeric_details   dimeric 
_pdbx_struct_assembly.oligomeric_count     2 
# 
loop_
_pdbx_struct_assembly_prop.biol_id 
_pdbx_struct_assembly_prop.type 
_pdbx_struct_assembly_prop.value 
_pdbx_struct_assembly_prop.details 
1 'ABSA (A^2)' 1710 ? 
1 MORE         -11  ? 
1 'SSA (A^2)'  6610 ? 
# 
_pdbx_struct_assembly_gen.assembly_id       1 
_pdbx_struct_assembly_gen.oper_expression   1 
_pdbx_struct_assembly_gen.asym_id_list      A,B,C,D,E 
# 
_pdbx_struct_oper_list.id                   1 
_pdbx_struct_oper_list.type                 'identity operation' 
_pdbx_struct_oper_list.name                 1_555 
_pdbx_struct_oper_list.symmetry_operation   x,y,z 
_pdbx_struct_oper_list.matrix[1][1]         1.0000000000 
_pdbx_struct_oper_list.matrix[1][2]         0.0000000000 
_pdbx_struct_oper_list.matrix[1][3]         0.0000000000 
_pdbx_struct_oper_list.vector[1]            0.0000000000 
_pdbx_struct_oper_list.matrix[2][1]         0.0000000000 
_pdbx_struct_oper_list.matrix[2][2]         1.0000000000 
_pdbx_struct_oper_list.matrix[2][3]         0.0000000000 
_pdbx_struct_oper_list.vector[2]            0.0000000000 
_pdbx_struct_oper_list.matrix[3][1]         0.0000000000 
_pdbx_struct_oper_list.matrix[3][2]         0.0000000000 
_pdbx_struct_oper_list.matrix[3][3]         1.0000000000 
_pdbx_struct_oper_list.vector[3]            0.0000000000 
# 
_struct_biol.id        1 
_struct_biol.details   ? 
# 
loop_
_struct_conf.conf_type_id 
_struct_conf.id 
_struct_conf.pdbx_PDB_helix_id 
_struct_conf.beg_label_comp_id 
_struct_conf.beg_label_asym_id 
_struct_conf.beg_label_seq_id 
_struct_conf.pdbx_beg_PDB_ins_code 
_struct_conf.end_label_comp_id 
_struct_conf.end_label_asym_id 
_struct_conf.end_label_seq_id 
_struct_conf.pdbx_end_PDB_ins_code 
_struct_conf.beg_auth_comp_id 
_struct_conf.beg_auth_asym_id 
_struct_conf.beg_auth_seq_id 
_struct_conf.end_auth_comp_id 
_struct_conf.end_auth_asym_id 
_struct_conf.end_auth_seq_id 
_struct_conf.pdbx_PDB_helix_class 
_struct_conf.details 
_struct_conf.pdbx_PDB_helix_length 
HELX_P HELX_P1 1 SER A 23 ? ASN A 34  ? SER A 183 ASN A 194 1 ? 12 
HELX_P HELX_P2 2 PRO A 35 ? GLY A 38  ? PRO A 195 GLY A 198 5 ? 4  
HELX_P HELX_P3 3 ASN A 88 ? THR A 100 ? ASN A 248 THR A 260 1 ? 13 
# 
_struct_conf_type.id          HELX_P 
_struct_conf_type.criteria    ? 
_struct_conf_type.reference   ? 
# 
loop_
_struct_conn.id 
_struct_conn.conn_type_id 
_struct_conn.pdbx_leaving_atom_flag 
_struct_conn.pdbx_PDB_id 
_struct_conn.ptnr1_label_asym_id 
_struct_conn.ptnr1_label_comp_id 
_struct_conn.ptnr1_label_seq_id 
_struct_conn.ptnr1_label_atom_id 
_struct_conn.pdbx_ptnr1_label_alt_id 
_struct_conn.pdbx_ptnr1_PDB_ins_code 
_struct_conn.pdbx_ptnr1_standard_comp_id 
_struct_conn.ptnr1_symmetry 
_struct_conn.ptnr2_label_asym_id 
_struct_conn.ptnr2_label_comp_id 
_struct_conn.ptnr2_label_seq_id 
_struct_conn.ptnr2_label_atom_id 
_struct_conn.pdbx_ptnr2_label_alt_id 
_struct_conn.pdbx_ptnr2_PDB_ins_code 
_struct_conn.ptnr1_auth_asym_id 
_struct_conn.ptnr1_auth_comp_id 
_struct_conn.ptnr1_auth_seq_id 
_struct_conn.ptnr2_auth_asym_id 
_struct_conn.ptnr2_auth_comp_id 
_struct_conn.ptnr2_auth_seq_id 
_struct_conn.ptnr2_symmetry 
_struct_conn.pdbx_ptnr3_label_atom_id 
_struct_conn.pdbx_ptnr3_label_seq_id 
_struct_conn.pdbx_ptnr3_label_comp_id 
_struct_conn.pdbx_ptnr3_label_asym_id 
_struct_conn.pdbx_ptnr3_label_alt_id 
_struct_conn.pdbx_ptnr3_PDB_ins_code 
_struct_conn.details 
_struct_conn.pdbx_dist_value 
_struct_conn.pdbx_value_order 
_struct_conn.pdbx_role 
covale1 covale both ? B SER 3 C ? ? ? 1_555 B PTR 4 N ? ? B SER 135 B PTR 136 1_555 ? ? ? ? ? ? ? 1.327 ? ? 
covale2 covale both ? B PTR 4 C ? ? ? 1_555 B GLU 5 N ? ? B PTR 136 B GLU 137 1_555 ? ? ? ? ? ? ? 1.333 ? ? 
# 
_struct_conn_type.id          covale 
_struct_conn_type.criteria    ? 
_struct_conn_type.reference   ? 
# 
_pdbx_modification_feature.ordinal                            1 
_pdbx_modification_feature.label_comp_id                      PTR 
_pdbx_modification_feature.label_asym_id                      B 
_pdbx_modification_feature.label_seq_id                       4 
_pdbx_modification_feature.label_alt_id                       ? 
_pdbx_modification_feature.modified_residue_label_comp_id     . 
_pdbx_modification_feature.modified_residue_label_asym_id     . 
_pdbx_modification_feature.modified_residue_label_seq_id      . 
_pdbx_modification_feature.modified_residue_label_alt_id      . 
_pdbx_modification_feature.auth_comp_id                       PTR 
_pdbx_modification_feature.auth_asym_id                       B 
_pdbx_modification_feature.auth_seq_id                        136 
_pdbx_modification_feature.PDB_ins_code                       ? 
_pdbx_modification_feature.symmetry                           1_555 
_pdbx_modification_feature.modified_residue_auth_comp_id      . 
_pdbx_modification_feature.modified_residue_auth_asym_id      . 
_pdbx_modification_feature.modified_residue_auth_seq_id       . 
_pdbx_modification_feature.modified_residue_PDB_ins_code      . 
_pdbx_modification_feature.modified_residue_symmetry          . 
_pdbx_modification_feature.comp_id_linking_atom               . 
_pdbx_modification_feature.modified_residue_id_linking_atom   . 
_pdbx_modification_feature.modified_residue_id                TYR 
_pdbx_modification_feature.ref_pcm_id                         1 
_pdbx_modification_feature.ref_comp_id                        PTR 
_pdbx_modification_feature.type                               Phosphorylation 
_pdbx_modification_feature.category                           'Named protein modification' 
# 
_struct_sheet.id               A 
_struct_sheet.type             ? 
_struct_sheet.number_strands   5 
_struct_sheet.details          ? 
# 
loop_
_struct_sheet_order.sheet_id 
_struct_sheet_order.range_id_1 
_struct_sheet_order.range_id_2 
_struct_sheet_order.offset 
_struct_sheet_order.sense 
A 1 2 ? anti-parallel 
A 2 3 ? anti-parallel 
A 3 4 ? anti-parallel 
A 4 5 ? anti-parallel 
# 
loop_
_struct_sheet_range.sheet_id 
_struct_sheet_range.id 
_struct_sheet_range.beg_label_comp_id 
_struct_sheet_range.beg_label_asym_id 
_struct_sheet_range.beg_label_seq_id 
_struct_sheet_range.pdbx_beg_PDB_ins_code 
_struct_sheet_range.end_label_comp_id 
_struct_sheet_range.end_label_asym_id 
_struct_sheet_range.end_label_seq_id 
_struct_sheet_range.pdbx_end_PDB_ins_code 
_struct_sheet_range.beg_auth_comp_id 
_struct_sheet_range.beg_auth_asym_id 
_struct_sheet_range.beg_auth_seq_id 
_struct_sheet_range.end_auth_comp_id 
_struct_sheet_range.end_auth_asym_id 
_struct_sheet_range.end_auth_seq_id 
A 1 MET A 40 ? PRO A 44 ? MET A 200 PRO A 204 
A 2 TYR A 51 ? GLN A 57 ? TYR A 211 GLN A 217 
A 3 ARG A 63 ? VAL A 72 ? ARG A 223 VAL A 232 
A 4 ASN A 75 ? ILE A 78 ? ASN A 235 ILE A 238 
A 5 VAL A 84 ? LEU A 86 ? VAL A 244 LEU A 246 
# 
loop_
_pdbx_struct_sheet_hbond.sheet_id 
_pdbx_struct_sheet_hbond.range_id_1 
_pdbx_struct_sheet_hbond.range_id_2 
_pdbx_struct_sheet_hbond.range_1_label_atom_id 
_pdbx_struct_sheet_hbond.range_1_label_comp_id 
_pdbx_struct_sheet_hbond.range_1_label_asym_id 
_pdbx_struct_sheet_hbond.range_1_label_seq_id 
_pdbx_struct_sheet_hbond.range_1_PDB_ins_code 
_pdbx_struct_sheet_hbond.range_1_auth_atom_id 
_pdbx_struct_sheet_hbond.range_1_auth_comp_id 
_pdbx_struct_sheet_hbond.range_1_auth_asym_id 
_pdbx_struct_sheet_hbond.range_1_auth_seq_id 
_pdbx_struct_sheet_hbond.range_2_label_atom_id 
_pdbx_struct_sheet_hbond.range_2_label_comp_id 
_pdbx_struct_sheet_hbond.range_2_label_asym_id 
_pdbx_struct_sheet_hbond.range_2_label_seq_id 
_pdbx_struct_sheet_hbond.range_2_PDB_ins_code 
_pdbx_struct_sheet_hbond.range_2_auth_atom_id 
_pdbx_struct_sheet_hbond.range_2_auth_comp_id 
_pdbx_struct_sheet_hbond.range_2_auth_asym_id 
_pdbx_struct_sheet_hbond.range_2_auth_seq_id 
A 1 2 N ARG A 43 ? N ARG A 203 O SER A 52 ? O SER A 212 
A 2 3 N ILE A 55 ? N ILE A 215 O LYS A 65 ? O LYS A 225 
A 3 4 N MET A 70 ? N MET A 230 O THR A 77 ? O THR A 237 
A 4 5 N ILE A 78 ? N ILE A 238 O VAL A 84 ? O VAL A 244 
# 
_struct_site.id                   AC1 
_struct_site.pdbx_evidence_code   Software 
_struct_site.pdbx_auth_asym_id    A 
_struct_site.pdbx_auth_comp_id    MLI 
_struct_site.pdbx_auth_seq_id     1001 
_struct_site.pdbx_auth_ins_code   ? 
_struct_site.pdbx_num_residues    5 
_struct_site.details              'BINDING SITE FOR RESIDUE MLI A 1001' 
# 
loop_
_struct_site_gen.id 
_struct_site_gen.site_id 
_struct_site_gen.pdbx_num_res 
_struct_site_gen.label_comp_id 
_struct_site_gen.label_asym_id 
_struct_site_gen.label_seq_id 
_struct_site_gen.pdbx_auth_ins_code 
_struct_site_gen.auth_comp_id 
_struct_site_gen.auth_asym_id 
_struct_site_gen.auth_seq_id 
_struct_site_gen.label_atom_id 
_struct_site_gen.label_alt_id 
_struct_site_gen.symmetry 
_struct_site_gen.details 
1 AC1 5 HOH D .   ? HOH A 2   . ? 12_565 ? 
2 AC1 5 HOH D .   ? HOH A 83  . ? 1_555  ? 
3 AC1 5 HOH D .   ? HOH A 83  . ? 12_565 ? 
4 AC1 5 PRO A 106 ? PRO A 266 . ? 12_565 ? 
5 AC1 5 PRO A 106 ? PRO A 266 . ? 1_555  ? 
# 
_pdbx_entry_details.entry_id                   3MAZ 
_pdbx_entry_details.compound_details           ? 
_pdbx_entry_details.source_details             ? 
_pdbx_entry_details.nonpolymer_details         ? 
_pdbx_entry_details.sequence_details           ? 
_pdbx_entry_details.has_ligand_of_interest     ? 
_pdbx_entry_details.has_protein_modification   Y 
# 
loop_
_pdbx_validate_symm_contact.id 
_pdbx_validate_symm_contact.PDB_model_num 
_pdbx_validate_symm_contact.auth_atom_id_1 
_pdbx_validate_symm_contact.auth_asym_id_1 
_pdbx_validate_symm_contact.auth_comp_id_1 
_pdbx_validate_symm_contact.auth_seq_id_1 
_pdbx_validate_symm_contact.PDB_ins_code_1 
_pdbx_validate_symm_contact.label_alt_id_1 
_pdbx_validate_symm_contact.site_symmetry_1 
_pdbx_validate_symm_contact.auth_atom_id_2 
_pdbx_validate_symm_contact.auth_asym_id_2 
_pdbx_validate_symm_contact.auth_comp_id_2 
_pdbx_validate_symm_contact.auth_seq_id_2 
_pdbx_validate_symm_contact.PDB_ins_code_2 
_pdbx_validate_symm_contact.label_alt_id_2 
_pdbx_validate_symm_contact.site_symmetry_2 
_pdbx_validate_symm_contact.dist 
1 1 O A HOH 69 ? ? 1_555 O A HOH 69 ? ? 11_455 2.16 
2 1 O A HOH 75 ? ? 1_555 O A HOH 75 ? ? 11_455 2.16 
# 
_pdbx_struct_mod_residue.id               1 
_pdbx_struct_mod_residue.label_asym_id    B 
_pdbx_struct_mod_residue.label_comp_id    PTR 
_pdbx_struct_mod_residue.label_seq_id     4 
_pdbx_struct_mod_residue.auth_asym_id     B 
_pdbx_struct_mod_residue.auth_comp_id     PTR 
_pdbx_struct_mod_residue.auth_seq_id      136 
_pdbx_struct_mod_residue.PDB_ins_code     ? 
_pdbx_struct_mod_residue.parent_comp_id   TYR 
_pdbx_struct_mod_residue.details          O-PHOSPHOTYROSINE 
# 
loop_
_pdbx_struct_special_symmetry.id 
_pdbx_struct_special_symmetry.PDB_model_num 
_pdbx_struct_special_symmetry.auth_asym_id 
_pdbx_struct_special_symmetry.auth_comp_id 
_pdbx_struct_special_symmetry.auth_seq_id 
_pdbx_struct_special_symmetry.PDB_ins_code 
_pdbx_struct_special_symmetry.label_asym_id 
_pdbx_struct_special_symmetry.label_comp_id 
_pdbx_struct_special_symmetry.label_seq_id 
1 1 A MLI 1001 ? C MLI . 
2 1 A MLI 1001 ? C MLI . 
3 1 A HOH 83   ? D HOH . 
# 
loop_
_pdbx_unobs_or_zero_occ_residues.id 
_pdbx_unobs_or_zero_occ_residues.PDB_model_num 
_pdbx_unobs_or_zero_occ_residues.polymer_flag 
_pdbx_unobs_or_zero_occ_residues.occupancy_flag 
_pdbx_unobs_or_zero_occ_residues.auth_asym_id 
_pdbx_unobs_or_zero_occ_residues.auth_comp_id 
_pdbx_unobs_or_zero_occ_residues.auth_seq_id 
_pdbx_unobs_or_zero_occ_residues.PDB_ins_code 
_pdbx_unobs_or_zero_occ_residues.label_asym_id 
_pdbx_unobs_or_zero_occ_residues.label_comp_id 
_pdbx_unobs_or_zero_occ_residues.label_seq_id 
1  1 Y 1 A GLY 161 ? A GLY 1   
2  1 Y 1 A SER 162 ? A SER 2   
3  1 Y 1 A GLY 163 ? A GLY 3   
4  1 Y 1 A ARG 164 ? A ARG 4   
5  1 Y 1 A ALA 165 ? A ALA 5   
6  1 Y 1 A MET 166 ? A MET 6   
7  1 Y 1 A ASP 167 ? A ASP 7   
8  1 Y 1 A TYR 168 ? A TYR 8   
9  1 Y 1 A VAL 169 ? A VAL 9   
10 1 Y 1 A ASP 170 ? A ASP 10  
11 1 Y 1 A SER 270 ? A SER 110 
12 1 Y 1 A THR 271 ? A THR 111 
13 1 Y 1 A ASP 272 ? A ASP 112 
14 1 Y 1 A GLU 273 ? A GLU 113 
15 1 Y 1 A ASN 274 ? A ASN 114 
16 1 Y 1 A THR 275 ? A THR 115 
17 1 Y 1 A GLY 276 ? A GLY 116 
18 1 Y 1 A GLN 277 ? A GLN 117 
19 1 Y 1 A GLU 278 ? A GLU 118 
20 1 Y 1 A PRO 279 ? A PRO 119 
21 1 Y 1 A SER 280 ? A SER 120 
22 1 Y 1 A MET 281 ? A MET 121 
23 1 Y 1 A GLU 282 ? A GLU 122 
24 1 Y 1 A GLY 283 ? A GLY 123 
25 1 Y 1 A ARG 284 ? A ARG 124 
26 1 Y 1 A SER 285 ? A SER 125 
27 1 Y 1 B ALA 133 ? B ALA 1   
# 
loop_
_chem_comp_atom.comp_id 
_chem_comp_atom.atom_id 
_chem_comp_atom.type_symbol 
_chem_comp_atom.pdbx_aromatic_flag 
_chem_comp_atom.pdbx_stereo_config 
_chem_comp_atom.pdbx_ordinal 
ALA N    N N N 1   
ALA CA   C N S 2   
ALA C    C N N 3   
ALA O    O N N 4   
ALA CB   C N N 5   
ALA OXT  O N N 6   
ALA H    H N N 7   
ALA H2   H N N 8   
ALA HA   H N N 9   
ALA HB1  H N N 10  
ALA HB2  H N N 11  
ALA HB3  H N N 12  
ALA HXT  H N N 13  
ARG N    N N N 14  
ARG CA   C N S 15  
ARG C    C N N 16  
ARG O    O N N 17  
ARG CB   C N N 18  
ARG CG   C N N 19  
ARG CD   C N N 20  
ARG NE   N N N 21  
ARG CZ   C N N 22  
ARG NH1  N N N 23  
ARG NH2  N N N 24  
ARG OXT  O N N 25  
ARG H    H N N 26  
ARG H2   H N N 27  
ARG HA   H N N 28  
ARG HB2  H N N 29  
ARG HB3  H N N 30  
ARG HG2  H N N 31  
ARG HG3  H N N 32  
ARG HD2  H N N 33  
ARG HD3  H N N 34  
ARG HE   H N N 35  
ARG HH11 H N N 36  
ARG HH12 H N N 37  
ARG HH21 H N N 38  
ARG HH22 H N N 39  
ARG HXT  H N N 40  
ASN N    N N N 41  
ASN CA   C N S 42  
ASN C    C N N 43  
ASN O    O N N 44  
ASN CB   C N N 45  
ASN CG   C N N 46  
ASN OD1  O N N 47  
ASN ND2  N N N 48  
ASN OXT  O N N 49  
ASN H    H N N 50  
ASN H2   H N N 51  
ASN HA   H N N 52  
ASN HB2  H N N 53  
ASN HB3  H N N 54  
ASN HD21 H N N 55  
ASN HD22 H N N 56  
ASN HXT  H N N 57  
ASP N    N N N 58  
ASP CA   C N S 59  
ASP C    C N N 60  
ASP O    O N N 61  
ASP CB   C N N 62  
ASP CG   C N N 63  
ASP OD1  O N N 64  
ASP OD2  O N N 65  
ASP OXT  O N N 66  
ASP H    H N N 67  
ASP H2   H N N 68  
ASP HA   H N N 69  
ASP HB2  H N N 70  
ASP HB3  H N N 71  
ASP HD2  H N N 72  
ASP HXT  H N N 73  
CYS N    N N N 74  
CYS CA   C N R 75  
CYS C    C N N 76  
CYS O    O N N 77  
CYS CB   C N N 78  
CYS SG   S N N 79  
CYS OXT  O N N 80  
CYS H    H N N 81  
CYS H2   H N N 82  
CYS HA   H N N 83  
CYS HB2  H N N 84  
CYS HB3  H N N 85  
CYS HG   H N N 86  
CYS HXT  H N N 87  
GLN N    N N N 88  
GLN CA   C N S 89  
GLN C    C N N 90  
GLN O    O N N 91  
GLN CB   C N N 92  
GLN CG   C N N 93  
GLN CD   C N N 94  
GLN OE1  O N N 95  
GLN NE2  N N N 96  
GLN OXT  O N N 97  
GLN H    H N N 98  
GLN H2   H N N 99  
GLN HA   H N N 100 
GLN HB2  H N N 101 
GLN HB3  H N N 102 
GLN HG2  H N N 103 
GLN HG3  H N N 104 
GLN HE21 H N N 105 
GLN HE22 H N N 106 
GLN HXT  H N N 107 
GLU N    N N N 108 
GLU CA   C N S 109 
GLU C    C N N 110 
GLU O    O N N 111 
GLU CB   C N N 112 
GLU CG   C N N 113 
GLU CD   C N N 114 
GLU OE1  O N N 115 
GLU OE2  O N N 116 
GLU OXT  O N N 117 
GLU H    H N N 118 
GLU H2   H N N 119 
GLU HA   H N N 120 
GLU HB2  H N N 121 
GLU HB3  H N N 122 
GLU HG2  H N N 123 
GLU HG3  H N N 124 
GLU HE2  H N N 125 
GLU HXT  H N N 126 
GLY N    N N N 127 
GLY CA   C N N 128 
GLY C    C N N 129 
GLY O    O N N 130 
GLY OXT  O N N 131 
GLY H    H N N 132 
GLY H2   H N N 133 
GLY HA2  H N N 134 
GLY HA3  H N N 135 
GLY HXT  H N N 136 
HIS N    N N N 137 
HIS CA   C N S 138 
HIS C    C N N 139 
HIS O    O N N 140 
HIS CB   C N N 141 
HIS CG   C Y N 142 
HIS ND1  N Y N 143 
HIS CD2  C Y N 144 
HIS CE1  C Y N 145 
HIS NE2  N Y N 146 
HIS OXT  O N N 147 
HIS H    H N N 148 
HIS H2   H N N 149 
HIS HA   H N N 150 
HIS HB2  H N N 151 
HIS HB3  H N N 152 
HIS HD1  H N N 153 
HIS HD2  H N N 154 
HIS HE1  H N N 155 
HIS HE2  H N N 156 
HIS HXT  H N N 157 
HOH O    O N N 158 
HOH H1   H N N 159 
HOH H2   H N N 160 
ILE N    N N N 161 
ILE CA   C N S 162 
ILE C    C N N 163 
ILE O    O N N 164 
ILE CB   C N S 165 
ILE CG1  C N N 166 
ILE CG2  C N N 167 
ILE CD1  C N N 168 
ILE OXT  O N N 169 
ILE H    H N N 170 
ILE H2   H N N 171 
ILE HA   H N N 172 
ILE HB   H N N 173 
ILE HG12 H N N 174 
ILE HG13 H N N 175 
ILE HG21 H N N 176 
ILE HG22 H N N 177 
ILE HG23 H N N 178 
ILE HD11 H N N 179 
ILE HD12 H N N 180 
ILE HD13 H N N 181 
ILE HXT  H N N 182 
LEU N    N N N 183 
LEU CA   C N S 184 
LEU C    C N N 185 
LEU O    O N N 186 
LEU CB   C N N 187 
LEU CG   C N N 188 
LEU CD1  C N N 189 
LEU CD2  C N N 190 
LEU OXT  O N N 191 
LEU H    H N N 192 
LEU H2   H N N 193 
LEU HA   H N N 194 
LEU HB2  H N N 195 
LEU HB3  H N N 196 
LEU HG   H N N 197 
LEU HD11 H N N 198 
LEU HD12 H N N 199 
LEU HD13 H N N 200 
LEU HD21 H N N 201 
LEU HD22 H N N 202 
LEU HD23 H N N 203 
LEU HXT  H N N 204 
LYS N    N N N 205 
LYS CA   C N S 206 
LYS C    C N N 207 
LYS O    O N N 208 
LYS CB   C N N 209 
LYS CG   C N N 210 
LYS CD   C N N 211 
LYS CE   C N N 212 
LYS NZ   N N N 213 
LYS OXT  O N N 214 
LYS H    H N N 215 
LYS H2   H N N 216 
LYS HA   H N N 217 
LYS HB2  H N N 218 
LYS HB3  H N N 219 
LYS HG2  H N N 220 
LYS HG3  H N N 221 
LYS HD2  H N N 222 
LYS HD3  H N N 223 
LYS HE2  H N N 224 
LYS HE3  H N N 225 
LYS HZ1  H N N 226 
LYS HZ2  H N N 227 
LYS HZ3  H N N 228 
LYS HXT  H N N 229 
MET N    N N N 230 
MET CA   C N S 231 
MET C    C N N 232 
MET O    O N N 233 
MET CB   C N N 234 
MET CG   C N N 235 
MET SD   S N N 236 
MET CE   C N N 237 
MET OXT  O N N 238 
MET H    H N N 239 
MET H2   H N N 240 
MET HA   H N N 241 
MET HB2  H N N 242 
MET HB3  H N N 243 
MET HG2  H N N 244 
MET HG3  H N N 245 
MET HE1  H N N 246 
MET HE2  H N N 247 
MET HE3  H N N 248 
MET HXT  H N N 249 
MLI C1   C N N 250 
MLI C2   C N N 251 
MLI C3   C N N 252 
MLI O6   O N N 253 
MLI O7   O N N 254 
MLI O8   O N N 255 
MLI O9   O N N 256 
MLI H11  H N N 257 
MLI H12  H N N 258 
NH2 N    N N N 259 
NH2 HN1  H N N 260 
NH2 HN2  H N N 261 
PHE N    N N N 262 
PHE CA   C N S 263 
PHE C    C N N 264 
PHE O    O N N 265 
PHE CB   C N N 266 
PHE CG   C Y N 267 
PHE CD1  C Y N 268 
PHE CD2  C Y N 269 
PHE CE1  C Y N 270 
PHE CE2  C Y N 271 
PHE CZ   C Y N 272 
PHE OXT  O N N 273 
PHE H    H N N 274 
PHE H2   H N N 275 
PHE HA   H N N 276 
PHE HB2  H N N 277 
PHE HB3  H N N 278 
PHE HD1  H N N 279 
PHE HD2  H N N 280 
PHE HE1  H N N 281 
PHE HE2  H N N 282 
PHE HZ   H N N 283 
PHE HXT  H N N 284 
PRO N    N N N 285 
PRO CA   C N S 286 
PRO C    C N N 287 
PRO O    O N N 288 
PRO CB   C N N 289 
PRO CG   C N N 290 
PRO CD   C N N 291 
PRO OXT  O N N 292 
PRO H    H N N 293 
PRO HA   H N N 294 
PRO HB2  H N N 295 
PRO HB3  H N N 296 
PRO HG2  H N N 297 
PRO HG3  H N N 298 
PRO HD2  H N N 299 
PRO HD3  H N N 300 
PRO HXT  H N N 301 
PTR N    N N N 302 
PTR CA   C N S 303 
PTR C    C N N 304 
PTR O    O N N 305 
PTR OXT  O N N 306 
PTR CB   C N N 307 
PTR CG   C Y N 308 
PTR CD1  C Y N 309 
PTR CD2  C Y N 310 
PTR CE1  C Y N 311 
PTR CE2  C Y N 312 
PTR CZ   C Y N 313 
PTR OH   O N N 314 
PTR P    P N N 315 
PTR O1P  O N N 316 
PTR O2P  O N N 317 
PTR O3P  O N N 318 
PTR H    H N N 319 
PTR H2   H N N 320 
PTR HA   H N N 321 
PTR HXT  H N N 322 
PTR HB2  H N N 323 
PTR HB3  H N N 324 
PTR HD1  H N N 325 
PTR HD2  H N N 326 
PTR HE1  H N N 327 
PTR HE2  H N N 328 
PTR HO2P H N N 329 
PTR HO3P H N N 330 
SER N    N N N 331 
SER CA   C N S 332 
SER C    C N N 333 
SER O    O N N 334 
SER CB   C N N 335 
SER OG   O N N 336 
SER OXT  O N N 337 
SER H    H N N 338 
SER H2   H N N 339 
SER HA   H N N 340 
SER HB2  H N N 341 
SER HB3  H N N 342 
SER HG   H N N 343 
SER HXT  H N N 344 
THR N    N N N 345 
THR CA   C N S 346 
THR C    C N N 347 
THR O    O N N 348 
THR CB   C N R 349 
THR OG1  O N N 350 
THR CG2  C N N 351 
THR OXT  O N N 352 
THR H    H N N 353 
THR H2   H N N 354 
THR HA   H N N 355 
THR HB   H N N 356 
THR HG1  H N N 357 
THR HG21 H N N 358 
THR HG22 H N N 359 
THR HG23 H N N 360 
THR HXT  H N N 361 
TYR N    N N N 362 
TYR CA   C N S 363 
TYR C    C N N 364 
TYR O    O N N 365 
TYR CB   C N N 366 
TYR CG   C Y N 367 
TYR CD1  C Y N 368 
TYR CD2  C Y N 369 
TYR CE1  C Y N 370 
TYR CE2  C Y N 371 
TYR CZ   C Y N 372 
TYR OH   O N N 373 
TYR OXT  O N N 374 
TYR H    H N N 375 
TYR H2   H N N 376 
TYR HA   H N N 377 
TYR HB2  H N N 378 
TYR HB3  H N N 379 
TYR HD1  H N N 380 
TYR HD2  H N N 381 
TYR HE1  H N N 382 
TYR HE2  H N N 383 
TYR HH   H N N 384 
TYR HXT  H N N 385 
VAL N    N N N 386 
VAL CA   C N S 387 
VAL C    C N N 388 
VAL O    O N N 389 
VAL CB   C N N 390 
VAL CG1  C N N 391 
VAL CG2  C N N 392 
VAL OXT  O N N 393 
VAL H    H N N 394 
VAL H2   H N N 395 
VAL HA   H N N 396 
VAL HB   H N N 397 
VAL HG11 H N N 398 
VAL HG12 H N N 399 
VAL HG13 H N N 400 
VAL HG21 H N N 401 
VAL HG22 H N N 402 
VAL HG23 H N N 403 
VAL HXT  H N N 404 
# 
loop_
_chem_comp_bond.comp_id 
_chem_comp_bond.atom_id_1 
_chem_comp_bond.atom_id_2 
_chem_comp_bond.value_order 
_chem_comp_bond.pdbx_aromatic_flag 
_chem_comp_bond.pdbx_stereo_config 
_chem_comp_bond.pdbx_ordinal 
ALA N   CA   sing N N 1   
ALA N   H    sing N N 2   
ALA N   H2   sing N N 3   
ALA CA  C    sing N N 4   
ALA CA  CB   sing N N 5   
ALA CA  HA   sing N N 6   
ALA C   O    doub N N 7   
ALA C   OXT  sing N N 8   
ALA CB  HB1  sing N N 9   
ALA CB  HB2  sing N N 10  
ALA CB  HB3  sing N N 11  
ALA OXT HXT  sing N N 12  
ARG N   CA   sing N N 13  
ARG N   H    sing N N 14  
ARG N   H2   sing N N 15  
ARG CA  C    sing N N 16  
ARG CA  CB   sing N N 17  
ARG CA  HA   sing N N 18  
ARG C   O    doub N N 19  
ARG C   OXT  sing N N 20  
ARG CB  CG   sing N N 21  
ARG CB  HB2  sing N N 22  
ARG CB  HB3  sing N N 23  
ARG CG  CD   sing N N 24  
ARG CG  HG2  sing N N 25  
ARG CG  HG3  sing N N 26  
ARG CD  NE   sing N N 27  
ARG CD  HD2  sing N N 28  
ARG CD  HD3  sing N N 29  
ARG NE  CZ   sing N N 30  
ARG NE  HE   sing N N 31  
ARG CZ  NH1  sing N N 32  
ARG CZ  NH2  doub N N 33  
ARG NH1 HH11 sing N N 34  
ARG NH1 HH12 sing N N 35  
ARG NH2 HH21 sing N N 36  
ARG NH2 HH22 sing N N 37  
ARG OXT HXT  sing N N 38  
ASN N   CA   sing N N 39  
ASN N   H    sing N N 40  
ASN N   H2   sing N N 41  
ASN CA  C    sing N N 42  
ASN CA  CB   sing N N 43  
ASN CA  HA   sing N N 44  
ASN C   O    doub N N 45  
ASN C   OXT  sing N N 46  
ASN CB  CG   sing N N 47  
ASN CB  HB2  sing N N 48  
ASN CB  HB3  sing N N 49  
ASN CG  OD1  doub N N 50  
ASN CG  ND2  sing N N 51  
ASN ND2 HD21 sing N N 52  
ASN ND2 HD22 sing N N 53  
ASN OXT HXT  sing N N 54  
ASP N   CA   sing N N 55  
ASP N   H    sing N N 56  
ASP N   H2   sing N N 57  
ASP CA  C    sing N N 58  
ASP CA  CB   sing N N 59  
ASP CA  HA   sing N N 60  
ASP C   O    doub N N 61  
ASP C   OXT  sing N N 62  
ASP CB  CG   sing N N 63  
ASP CB  HB2  sing N N 64  
ASP CB  HB3  sing N N 65  
ASP CG  OD1  doub N N 66  
ASP CG  OD2  sing N N 67  
ASP OD2 HD2  sing N N 68  
ASP OXT HXT  sing N N 69  
CYS N   CA   sing N N 70  
CYS N   H    sing N N 71  
CYS N   H2   sing N N 72  
CYS CA  C    sing N N 73  
CYS CA  CB   sing N N 74  
CYS CA  HA   sing N N 75  
CYS C   O    doub N N 76  
CYS C   OXT  sing N N 77  
CYS CB  SG   sing N N 78  
CYS CB  HB2  sing N N 79  
CYS CB  HB3  sing N N 80  
CYS SG  HG   sing N N 81  
CYS OXT HXT  sing N N 82  
GLN N   CA   sing N N 83  
GLN N   H    sing N N 84  
GLN N   H2   sing N N 85  
GLN CA  C    sing N N 86  
GLN CA  CB   sing N N 87  
GLN CA  HA   sing N N 88  
GLN C   O    doub N N 89  
GLN C   OXT  sing N N 90  
GLN CB  CG   sing N N 91  
GLN CB  HB2  sing N N 92  
GLN CB  HB3  sing N N 93  
GLN CG  CD   sing N N 94  
GLN CG  HG2  sing N N 95  
GLN CG  HG3  sing N N 96  
GLN CD  OE1  doub N N 97  
GLN CD  NE2  sing N N 98  
GLN NE2 HE21 sing N N 99  
GLN NE2 HE22 sing N N 100 
GLN OXT HXT  sing N N 101 
GLU N   CA   sing N N 102 
GLU N   H    sing N N 103 
GLU N   H2   sing N N 104 
GLU CA  C    sing N N 105 
GLU CA  CB   sing N N 106 
GLU CA  HA   sing N N 107 
GLU C   O    doub N N 108 
GLU C   OXT  sing N N 109 
GLU CB  CG   sing N N 110 
GLU CB  HB2  sing N N 111 
GLU CB  HB3  sing N N 112 
GLU CG  CD   sing N N 113 
GLU CG  HG2  sing N N 114 
GLU CG  HG3  sing N N 115 
GLU CD  OE1  doub N N 116 
GLU CD  OE2  sing N N 117 
GLU OE2 HE2  sing N N 118 
GLU OXT HXT  sing N N 119 
GLY N   CA   sing N N 120 
GLY N   H    sing N N 121 
GLY N   H2   sing N N 122 
GLY CA  C    sing N N 123 
GLY CA  HA2  sing N N 124 
GLY CA  HA3  sing N N 125 
GLY C   O    doub N N 126 
GLY C   OXT  sing N N 127 
GLY OXT HXT  sing N N 128 
HIS N   CA   sing N N 129 
HIS N   H    sing N N 130 
HIS N   H2   sing N N 131 
HIS CA  C    sing N N 132 
HIS CA  CB   sing N N 133 
HIS CA  HA   sing N N 134 
HIS C   O    doub N N 135 
HIS C   OXT  sing N N 136 
HIS CB  CG   sing N N 137 
HIS CB  HB2  sing N N 138 
HIS CB  HB3  sing N N 139 
HIS CG  ND1  sing Y N 140 
HIS CG  CD2  doub Y N 141 
HIS ND1 CE1  doub Y N 142 
HIS ND1 HD1  sing N N 143 
HIS CD2 NE2  sing Y N 144 
HIS CD2 HD2  sing N N 145 
HIS CE1 NE2  sing Y N 146 
HIS CE1 HE1  sing N N 147 
HIS NE2 HE2  sing N N 148 
HIS OXT HXT  sing N N 149 
HOH O   H1   sing N N 150 
HOH O   H2   sing N N 151 
ILE N   CA   sing N N 152 
ILE N   H    sing N N 153 
ILE N   H2   sing N N 154 
ILE CA  C    sing N N 155 
ILE CA  CB   sing N N 156 
ILE CA  HA   sing N N 157 
ILE C   O    doub N N 158 
ILE C   OXT  sing N N 159 
ILE CB  CG1  sing N N 160 
ILE CB  CG2  sing N N 161 
ILE CB  HB   sing N N 162 
ILE CG1 CD1  sing N N 163 
ILE CG1 HG12 sing N N 164 
ILE CG1 HG13 sing N N 165 
ILE CG2 HG21 sing N N 166 
ILE CG2 HG22 sing N N 167 
ILE CG2 HG23 sing N N 168 
ILE CD1 HD11 sing N N 169 
ILE CD1 HD12 sing N N 170 
ILE CD1 HD13 sing N N 171 
ILE OXT HXT  sing N N 172 
LEU N   CA   sing N N 173 
LEU N   H    sing N N 174 
LEU N   H2   sing N N 175 
LEU CA  C    sing N N 176 
LEU CA  CB   sing N N 177 
LEU CA  HA   sing N N 178 
LEU C   O    doub N N 179 
LEU C   OXT  sing N N 180 
LEU CB  CG   sing N N 181 
LEU CB  HB2  sing N N 182 
LEU CB  HB3  sing N N 183 
LEU CG  CD1  sing N N 184 
LEU CG  CD2  sing N N 185 
LEU CG  HG   sing N N 186 
LEU CD1 HD11 sing N N 187 
LEU CD1 HD12 sing N N 188 
LEU CD1 HD13 sing N N 189 
LEU CD2 HD21 sing N N 190 
LEU CD2 HD22 sing N N 191 
LEU CD2 HD23 sing N N 192 
LEU OXT HXT  sing N N 193 
LYS N   CA   sing N N 194 
LYS N   H    sing N N 195 
LYS N   H2   sing N N 196 
LYS CA  C    sing N N 197 
LYS CA  CB   sing N N 198 
LYS CA  HA   sing N N 199 
LYS C   O    doub N N 200 
LYS C   OXT  sing N N 201 
LYS CB  CG   sing N N 202 
LYS CB  HB2  sing N N 203 
LYS CB  HB3  sing N N 204 
LYS CG  CD   sing N N 205 
LYS CG  HG2  sing N N 206 
LYS CG  HG3  sing N N 207 
LYS CD  CE   sing N N 208 
LYS CD  HD2  sing N N 209 
LYS CD  HD3  sing N N 210 
LYS CE  NZ   sing N N 211 
LYS CE  HE2  sing N N 212 
LYS CE  HE3  sing N N 213 
LYS NZ  HZ1  sing N N 214 
LYS NZ  HZ2  sing N N 215 
LYS NZ  HZ3  sing N N 216 
LYS OXT HXT  sing N N 217 
MET N   CA   sing N N 218 
MET N   H    sing N N 219 
MET N   H2   sing N N 220 
MET CA  C    sing N N 221 
MET CA  CB   sing N N 222 
MET CA  HA   sing N N 223 
MET C   O    doub N N 224 
MET C   OXT  sing N N 225 
MET CB  CG   sing N N 226 
MET CB  HB2  sing N N 227 
MET CB  HB3  sing N N 228 
MET CG  SD   sing N N 229 
MET CG  HG2  sing N N 230 
MET CG  HG3  sing N N 231 
MET SD  CE   sing N N 232 
MET CE  HE1  sing N N 233 
MET CE  HE2  sing N N 234 
MET CE  HE3  sing N N 235 
MET OXT HXT  sing N N 236 
MLI C1  C2   sing N N 237 
MLI C1  C3   sing N N 238 
MLI C1  H11  sing N N 239 
MLI C1  H12  sing N N 240 
MLI C2  O6   doub N N 241 
MLI C2  O7   sing N N 242 
MLI C3  O8   doub N N 243 
MLI C3  O9   sing N N 244 
NH2 N   HN1  sing N N 245 
NH2 N   HN2  sing N N 246 
PHE N   CA   sing N N 247 
PHE N   H    sing N N 248 
PHE N   H2   sing N N 249 
PHE CA  C    sing N N 250 
PHE CA  CB   sing N N 251 
PHE CA  HA   sing N N 252 
PHE C   O    doub N N 253 
PHE C   OXT  sing N N 254 
PHE CB  CG   sing N N 255 
PHE CB  HB2  sing N N 256 
PHE CB  HB3  sing N N 257 
PHE CG  CD1  doub Y N 258 
PHE CG  CD2  sing Y N 259 
PHE CD1 CE1  sing Y N 260 
PHE CD1 HD1  sing N N 261 
PHE CD2 CE2  doub Y N 262 
PHE CD2 HD2  sing N N 263 
PHE CE1 CZ   doub Y N 264 
PHE CE1 HE1  sing N N 265 
PHE CE2 CZ   sing Y N 266 
PHE CE2 HE2  sing N N 267 
PHE CZ  HZ   sing N N 268 
PHE OXT HXT  sing N N 269 
PRO N   CA   sing N N 270 
PRO N   CD   sing N N 271 
PRO N   H    sing N N 272 
PRO CA  C    sing N N 273 
PRO CA  CB   sing N N 274 
PRO CA  HA   sing N N 275 
PRO C   O    doub N N 276 
PRO C   OXT  sing N N 277 
PRO CB  CG   sing N N 278 
PRO CB  HB2  sing N N 279 
PRO CB  HB3  sing N N 280 
PRO CG  CD   sing N N 281 
PRO CG  HG2  sing N N 282 
PRO CG  HG3  sing N N 283 
PRO CD  HD2  sing N N 284 
PRO CD  HD3  sing N N 285 
PRO OXT HXT  sing N N 286 
PTR N   CA   sing N N 287 
PTR N   H    sing N N 288 
PTR N   H2   sing N N 289 
PTR CA  C    sing N N 290 
PTR CA  CB   sing N N 291 
PTR CA  HA   sing N N 292 
PTR C   O    doub N N 293 
PTR C   OXT  sing N N 294 
PTR OXT HXT  sing N N 295 
PTR CB  CG   sing N N 296 
PTR CB  HB2  sing N N 297 
PTR CB  HB3  sing N N 298 
PTR CG  CD1  doub Y N 299 
PTR CG  CD2  sing Y N 300 
PTR CD1 CE1  sing Y N 301 
PTR CD1 HD1  sing N N 302 
PTR CD2 CE2  doub Y N 303 
PTR CD2 HD2  sing N N 304 
PTR CE1 CZ   doub Y N 305 
PTR CE1 HE1  sing N N 306 
PTR CE2 CZ   sing Y N 307 
PTR CE2 HE2  sing N N 308 
PTR CZ  OH   sing N N 309 
PTR OH  P    sing N N 310 
PTR P   O1P  doub N N 311 
PTR P   O2P  sing N N 312 
PTR P   O3P  sing N N 313 
PTR O2P HO2P sing N N 314 
PTR O3P HO3P sing N N 315 
SER N   CA   sing N N 316 
SER N   H    sing N N 317 
SER N   H2   sing N N 318 
SER CA  C    sing N N 319 
SER CA  CB   sing N N 320 
SER CA  HA   sing N N 321 
SER C   O    doub N N 322 
SER C   OXT  sing N N 323 
SER CB  OG   sing N N 324 
SER CB  HB2  sing N N 325 
SER CB  HB3  sing N N 326 
SER OG  HG   sing N N 327 
SER OXT HXT  sing N N 328 
THR N   CA   sing N N 329 
THR N   H    sing N N 330 
THR N   H2   sing N N 331 
THR CA  C    sing N N 332 
THR CA  CB   sing N N 333 
THR CA  HA   sing N N 334 
THR C   O    doub N N 335 
THR C   OXT  sing N N 336 
THR CB  OG1  sing N N 337 
THR CB  CG2  sing N N 338 
THR CB  HB   sing N N 339 
THR OG1 HG1  sing N N 340 
THR CG2 HG21 sing N N 341 
THR CG2 HG22 sing N N 342 
THR CG2 HG23 sing N N 343 
THR OXT HXT  sing N N 344 
TYR N   CA   sing N N 345 
TYR N   H    sing N N 346 
TYR N   H2   sing N N 347 
TYR CA  C    sing N N 348 
TYR CA  CB   sing N N 349 
TYR CA  HA   sing N N 350 
TYR C   O    doub N N 351 
TYR C   OXT  sing N N 352 
TYR CB  CG   sing N N 353 
TYR CB  HB2  sing N N 354 
TYR CB  HB3  sing N N 355 
TYR CG  CD1  doub Y N 356 
TYR CG  CD2  sing Y N 357 
TYR CD1 CE1  sing Y N 358 
TYR CD1 HD1  sing N N 359 
TYR CD2 CE2  doub Y N 360 
TYR CD2 HD2  sing N N 361 
TYR CE1 CZ   doub Y N 362 
TYR CE1 HE1  sing N N 363 
TYR CE2 CZ   sing Y N 364 
TYR CE2 HE2  sing N N 365 
TYR CZ  OH   sing N N 366 
TYR OH  HH   sing N N 367 
TYR OXT HXT  sing N N 368 
VAL N   CA   sing N N 369 
VAL N   H    sing N N 370 
VAL N   H2   sing N N 371 
VAL CA  C    sing N N 372 
VAL CA  CB   sing N N 373 
VAL CA  HA   sing N N 374 
VAL C   O    doub N N 375 
VAL C   OXT  sing N N 376 
VAL CB  CG1  sing N N 377 
VAL CB  CG2  sing N N 378 
VAL CB  HB   sing N N 379 
VAL CG1 HG11 sing N N 380 
VAL CG1 HG12 sing N N 381 
VAL CG1 HG13 sing N N 382 
VAL CG2 HG21 sing N N 383 
VAL CG2 HG22 sing N N 384 
VAL CG2 HG23 sing N N 385 
VAL OXT HXT  sing N N 386 
# 
loop_
_pdbx_initial_refinement_model.id 
_pdbx_initial_refinement_model.entity_id_list 
_pdbx_initial_refinement_model.type 
_pdbx_initial_refinement_model.source_name 
_pdbx_initial_refinement_model.accession_code 
_pdbx_initial_refinement_model.details 
1 ? 'experimental model' PDB 1BMB 'PDB ENTRIES 1BMB 1H9O 1I3Z 1KC2' 
2 ? 'experimental model' PDB 1H9O 'PDB ENTRIES 1BMB 1H9O 1I3Z 1KC2' 
3 ? 'experimental model' PDB 1I3Z 'PDB ENTRIES 1BMB 1H9O 1I3Z 1KC2' 
4 ? 'experimental model' PDB 1KC2 'PDB ENTRIES 1BMB 1H9O 1I3Z 1KC2' 
# 
_atom_sites.entry_id                    3MAZ 
_atom_sites.fract_transf_matrix[1][1]   -0.00572609 
_atom_sites.fract_transf_matrix[1][2]   -0.00959950 
_atom_sites.fract_transf_matrix[1][3]   -0.01130320 
_atom_sites.fract_transf_matrix[2][1]   -0.00018513 
_atom_sites.fract_transf_matrix[2][2]   0.00479368 
_atom_sites.fract_transf_matrix[2][3]   -0.01515484 
_atom_sites.fract_transf_matrix[3][1]   0.00932531 
_atom_sites.fract_transf_matrix[3][2]   -0.00395526 
_atom_sites.fract_transf_matrix[3][3]   -0.00136502 
_atom_sites.fract_transf_vector[1]      -0.253658 
_atom_sites.fract_transf_vector[2]      0.225228 
_atom_sites.fract_transf_vector[3]      0.131884 
# 
loop_
_atom_type.symbol 
C 
N 
O 
P 
S 
# 
loop_
_atom_site.group_PDB 
_atom_site.id 
_atom_site.type_symbol 
_atom_site.label_atom_id 
_atom_site.label_alt_id 
_atom_site.label_comp_id 
_atom_site.label_asym_id 
_atom_site.label_entity_id 
_atom_site.label_seq_id 
_atom_site.pdbx_PDB_ins_code 
_atom_site.Cartn_x 
_atom_site.Cartn_y 
_atom_site.Cartn_z 
_atom_site.occupancy 
_atom_site.B_iso_or_equiv 
_atom_site.pdbx_formal_charge 
_atom_site.auth_seq_id 
_atom_site.auth_comp_id 
_atom_site.auth_asym_id 
_atom_site.auth_atom_id 
_atom_site.pdbx_PDB_model_num 
ATOM   1   N N   . VAL A 1 11  ? 11.380  -6.418  -22.368 1.00 33.91 ? 171  VAL A N   1 
ATOM   2   C CA  . VAL A 1 11  ? 10.928  -5.316  -21.478 1.00 33.08 ? 171  VAL A CA  1 
ATOM   3   C C   . VAL A 1 11  ? 10.991  -5.778  -20.024 1.00 31.73 ? 171  VAL A C   1 
ATOM   4   O O   . VAL A 1 11  ? 11.011  -6.977  -19.731 1.00 31.72 ? 171  VAL A O   1 
ATOM   5   C CB  . VAL A 1 11  ? 9.460   -4.856  -21.818 1.00 33.95 ? 171  VAL A CB  1 
ATOM   6   C CG1 . VAL A 1 11  ? 9.233   -4.969  -23.314 1.00 36.31 ? 171  VAL A CG1 1 
ATOM   7   C CG2 . VAL A 1 11  ? 8.425   -5.674  -21.059 1.00 34.86 ? 171  VAL A CG2 1 
ATOM   8   N N   . LEU A 1 12  ? 11.050  -4.814  -19.120 1.00 31.11 ? 172  LEU A N   1 
ATOM   9   C CA  . LEU A 1 12  ? 11.079  -5.111  -17.692 1.00 31.21 ? 172  LEU A CA  1 
ATOM   10  C C   . LEU A 1 12  ? 9.688   -4.844  -17.137 1.00 29.16 ? 172  LEU A C   1 
ATOM   11  O O   . LEU A 1 12  ? 9.127   -3.782  -17.388 1.00 30.07 ? 172  LEU A O   1 
ATOM   12  C CB  . LEU A 1 12  ? 12.048  -4.177  -16.987 1.00 33.36 ? 172  LEU A CB  1 
ATOM   13  C CG  . LEU A 1 12  ? 13.493  -4.211  -17.469 1.00 36.13 ? 172  LEU A CG  1 
ATOM   14  C CD1 . LEU A 1 12  ? 14.258  -3.038  -16.849 1.00 38.83 ? 172  LEU A CD1 1 
ATOM   15  C CD2 . LEU A 1 12  ? 14.103  -5.556  -17.096 1.00 36.41 ? 172  LEU A CD2 1 
ATOM   16  N N   . ASN A 1 13  ? 9.129   -5.794  -16.394 1.00 27.47 ? 173  ASN A N   1 
ATOM   17  C CA  . ASN A 1 13  ? 7.826   -5.574  -15.769 1.00 27.01 ? 173  ASN A CA  1 
ATOM   18  C C   . ASN A 1 13  ? 7.899   -6.184  -14.383 1.00 25.55 ? 173  ASN A C   1 
ATOM   19  O O   . ASN A 1 13  ? 7.255   -7.203  -14.101 1.00 24.05 ? 173  ASN A O   1 
ATOM   20  C CB  . ASN A 1 13  ? 6.667   -6.211  -16.564 1.00 24.57 ? 173  ASN A CB  1 
ATOM   21  C CG  . ASN A 1 13  ? 5.313   -5.665  -16.120 1.00 27.49 ? 173  ASN A CG  1 
ATOM   22  O OD1 . ASN A 1 13  ? 5.202   -4.473  -15.844 1.00 26.45 ? 173  ASN A OD1 1 
ATOM   23  N ND2 . ASN A 1 13  ? 4.288   -6.523  -16.048 1.00 21.90 ? 173  ASN A ND2 1 
ATOM   24  N N   . PRO A 1 14  ? 8.697   -5.563  -13.487 1.00 26.60 ? 174  PRO A N   1 
ATOM   25  C CA  . PRO A 1 14  ? 8.841   -6.084  -12.125 1.00 26.16 ? 174  PRO A CA  1 
ATOM   26  C C   . PRO A 1 14  ? 7.694   -5.671  -11.224 1.00 24.81 ? 174  PRO A C   1 
ATOM   27  O O   . PRO A 1 14  ? 6.729   -5.047  -11.664 1.00 25.01 ? 174  PRO A O   1 
ATOM   28  C CB  . PRO A 1 14  ? 10.153  -5.445  -11.658 1.00 28.04 ? 174  PRO A CB  1 
ATOM   29  C CG  . PRO A 1 14  ? 10.025  -4.030  -12.237 1.00 26.47 ? 174  PRO A CG  1 
ATOM   30  C CD  . PRO A 1 14  ? 9.508   -4.336  -13.668 1.00 26.65 ? 174  PRO A CD  1 
ATOM   31  N N   . MET A 1 15  ? 7.816   -6.056  -9.955  1.00 23.60 ? 175  MET A N   1 
ATOM   32  C CA  . MET A 1 15  ? 6.850   -5.669  -8.943  1.00 23.04 ? 175  MET A CA  1 
ATOM   33  C C   . MET A 1 15  ? 7.221   -4.204  -8.605  1.00 21.66 ? 175  MET A C   1 
ATOM   34  O O   . MET A 1 15  ? 8.360   -3.784  -8.838  1.00 21.07 ? 175  MET A O   1 
ATOM   35  C CB  . MET A 1 15  ? 7.043   -6.553  -7.713  1.00 24.03 ? 175  MET A CB  1 
ATOM   36  C CG  . MET A 1 15  ? 6.499   -7.981  -7.903  1.00 26.85 ? 175  MET A CG  1 
ATOM   37  S SD  . MET A 1 15  ? 4.732   -7.993  -8.263  1.00 27.61 ? 175  MET A SD  1 
ATOM   38  C CE  . MET A 1 15  ? 4.011   -7.826  -6.620  1.00 27.10 ? 175  MET A CE  1 
ATOM   39  N N   . PRO A 1 16  ? 6.258   -3.396  -8.117  1.00 20.38 ? 176  PRO A N   1 
ATOM   40  C CA  . PRO A 1 16  ? 6.574   -2.001  -7.759  1.00 20.18 ? 176  PRO A CA  1 
ATOM   41  C C   . PRO A 1 16  ? 7.797   -1.921  -6.820  1.00 19.80 ? 176  PRO A C   1 
ATOM   42  O O   . PRO A 1 16  ? 8.072   -2.857  -6.052  1.00 19.64 ? 176  PRO A O   1 
ATOM   43  C CB  . PRO A 1 16  ? 5.291   -1.526  -7.056  1.00 19.07 ? 176  PRO A CB  1 
ATOM   44  C CG  . PRO A 1 16  ? 4.209   -2.279  -7.853  1.00 20.40 ? 176  PRO A CG  1 
ATOM   45  C CD  . PRO A 1 16  ? 4.818   -3.680  -7.948  1.00 20.46 ? 176  PRO A CD  1 
ATOM   46  N N   . ALA A 1 17  ? 8.517   -0.799  -6.869  1.00 21.07 ? 177  ALA A N   1 
ATOM   47  C CA  . ALA A 1 17  ? 9.708   -0.609  -6.028  1.00 21.31 ? 177  ALA A CA  1 
ATOM   48  C C   . ALA A 1 17  ? 9.443   -0.783  -4.530  1.00 23.09 ? 177  ALA A C   1 
ATOM   49  O O   . ALA A 1 17  ? 10.347  -1.218  -3.792  1.00 24.47 ? 177  ALA A O   1 
ATOM   50  C CB  . ALA A 1 17  ? 10.320  0.773   -6.285  1.00 22.21 ? 177  ALA A CB  1 
ATOM   51  N N   . CYS A 1 18  ? 8.227   -0.453  -4.068  1.00 21.27 ? 178  CYS A N   1 
ATOM   52  C CA  . CYS A 1 18  ? 7.893   -0.607  -2.645  1.00 22.61 ? 178  CYS A CA  1 
ATOM   53  C C   . CYS A 1 18  ? 7.304   -1.985  -2.276  1.00 22.34 ? 178  CYS A C   1 
ATOM   54  O O   . CYS A 1 18  ? 6.736   -2.156  -1.194  1.00 21.98 ? 178  CYS A O   1 
ATOM   55  C CB  . CYS A 1 18  ? 6.943   0.526   -2.178  1.00 20.38 ? 178  CYS A CB  1 
ATOM   56  S SG  . CYS A 1 18  ? 5.246   0.453   -2.789  1.00 22.02 ? 178  CYS A SG  1 
ATOM   57  N N   . PHE A 1 19  ? 7.430   -2.970  -3.173  1.00 21.92 ? 179  PHE A N   1 
ATOM   58  C CA  . PHE A 1 19  ? 6.941   -4.319  -2.886  1.00 21.91 ? 179  PHE A CA  1 
ATOM   59  C C   . PHE A 1 19  ? 8.051   -5.116  -2.178  1.00 24.92 ? 179  PHE A C   1 
ATOM   60  O O   . PHE A 1 19  ? 9.187   -5.177  -2.656  1.00 25.45 ? 179  PHE A O   1 
ATOM   61  C CB  . PHE A 1 19  ? 6.536   -5.074  -4.171  1.00 23.06 ? 179  PHE A CB  1 
ATOM   62  C CG  . PHE A 1 19  ? 6.231   -6.532  -3.935  1.00 22.12 ? 179  PHE A CG  1 
ATOM   63  C CD1 . PHE A 1 19  ? 7.178   -7.510  -4.219  1.00 24.81 ? 179  PHE A CD1 1 
ATOM   64  C CD2 . PHE A 1 19  ? 5.031   -6.913  -3.352  1.00 23.93 ? 179  PHE A CD2 1 
ATOM   65  C CE1 . PHE A 1 19  ? 6.930   -8.866  -3.907  1.00 25.94 ? 179  PHE A CE1 1 
ATOM   66  C CE2 . PHE A 1 19  ? 4.758   -8.251  -3.035  1.00 24.92 ? 179  PHE A CE2 1 
ATOM   67  C CZ  . PHE A 1 19  ? 5.718   -9.232  -3.313  1.00 25.98 ? 179  PHE A CZ  1 
ATOM   68  N N   . TYR A 1 20  ? 7.708   -5.692  -1.027  1.00 25.70 ? 180  TYR A N   1 
ATOM   69  C CA  . TYR A 1 20  ? 8.650   -6.508  -0.257  1.00 28.23 ? 180  TYR A CA  1 
ATOM   70  C C   . TYR A 1 20  ? 7.901   -7.743  0.190   1.00 27.58 ? 180  TYR A C   1 
ATOM   71  O O   . TYR A 1 20  ? 6.717   -7.674  0.498   1.00 27.32 ? 180  TYR A O   1 
ATOM   72  C CB  . TYR A 1 20  ? 9.195   -5.733  0.961   1.00 25.71 ? 180  TYR A CB  1 
ATOM   73  C CG  . TYR A 1 20  ? 9.894   -4.453  0.559   1.00 25.74 ? 180  TYR A CG  1 
ATOM   74  C CD1 . TYR A 1 20  ? 9.203   -3.233  0.522   1.00 27.56 ? 180  TYR A CD1 1 
ATOM   75  C CD2 . TYR A 1 20  ? 11.205  -4.465  0.138   1.00 26.25 ? 180  TYR A CD2 1 
ATOM   76  C CE1 . TYR A 1 20  ? 9.813   -2.074  0.069   1.00 27.22 ? 180  TYR A CE1 1 
ATOM   77  C CE2 . TYR A 1 20  ? 11.830  -3.304  -0.330  1.00 29.02 ? 180  TYR A CE2 1 
ATOM   78  C CZ  . TYR A 1 20  ? 11.119  -2.114  -0.364  1.00 26.73 ? 180  TYR A CZ  1 
ATOM   79  O OH  . TYR A 1 20  ? 11.709  -0.999  -0.894  1.00 27.38 ? 180  TYR A OH  1 
ATOM   80  N N   . THR A 1 21  ? 8.570   -8.892  0.180   1.00 30.74 ? 181  THR A N   1 
ATOM   81  C CA  . THR A 1 21  ? 7.903   -10.120 0.625   1.00 33.25 ? 181  THR A CA  1 
ATOM   82  C C   . THR A 1 21  ? 8.064   -10.188 2.161   1.00 34.34 ? 181  THR A C   1 
ATOM   83  O O   . THR A 1 21  ? 8.866   -10.960 2.705   1.00 34.75 ? 181  THR A O   1 
ATOM   84  C CB  . THR A 1 21  ? 8.521   -11.369 -0.064  1.00 34.21 ? 181  THR A CB  1 
ATOM   85  O OG1 . THR A 1 21  ? 9.936   -11.397 0.190   1.00 36.90 ? 181  THR A OG1 1 
ATOM   86  C CG2 . THR A 1 21  ? 8.291   -11.316 -1.578  1.00 33.99 ? 181  THR A CG2 1 
ATOM   87  N N   . VAL A 1 22  ? 7.290   -9.355  2.849   1.00 34.17 ? 182  VAL A N   1 
ATOM   88  C CA  . VAL A 1 22  ? 7.338   -9.256  4.299   1.00 33.24 ? 182  VAL A CA  1 
ATOM   89  C C   . VAL A 1 22  ? 5.945   -9.385  4.886   1.00 34.14 ? 182  VAL A C   1 
ATOM   90  O O   . VAL A 1 22  ? 4.934   -9.241  4.184   1.00 34.17 ? 182  VAL A O   1 
ATOM   91  C CB  . VAL A 1 22  ? 7.952   -7.898  4.746   1.00 33.19 ? 182  VAL A CB  1 
ATOM   92  C CG1 . VAL A 1 22  ? 9.374   -7.788  4.261   1.00 34.12 ? 182  VAL A CG1 1 
ATOM   93  C CG2 . VAL A 1 22  ? 7.118   -6.733  4.198   1.00 33.01 ? 182  VAL A CG2 1 
ATOM   94  N N   . SER A 1 23  ? 5.888   -9.666  6.187   1.00 34.14 ? 183  SER A N   1 
ATOM   95  C CA  . SER A 1 23  ? 4.614   -9.821  6.865   1.00 33.06 ? 183  SER A CA  1 
ATOM   96  C C   . SER A 1 23  ? 4.098   -8.448  7.264   1.00 33.98 ? 183  SER A C   1 
ATOM   97  O O   . SER A 1 23  ? 4.797   -7.431  7.141   1.00 34.13 ? 183  SER A O   1 
ATOM   98  C CB  . SER A 1 23  ? 4.778   -10.673 8.136   1.00 34.09 ? 183  SER A CB  1 
ATOM   99  O OG  . SER A 1 23  ? 5.596   -9.991  9.075   1.00 32.90 ? 183  SER A OG  1 
ATOM   100 N N   . ARG A 1 24  ? 2.864   -8.439  7.741   1.00 34.36 ? 184  ARG A N   1 
ATOM   101 C CA  . ARG A 1 24  ? 2.243   -7.226  8.222   1.00 36.47 ? 184  ARG A CA  1 
ATOM   102 C C   . ARG A 1 24  ? 3.112   -6.584  9.317   1.00 36.49 ? 184  ARG A C   1 
ATOM   103 O O   . ARG A 1 24  ? 3.291   -5.369  9.329   1.00 34.62 ? 184  ARG A O   1 
ATOM   104 C CB  . ARG A 1 24  ? 0.863   -7.547  8.772   1.00 36.89 ? 184  ARG A CB  1 
ATOM   105 C CG  . ARG A 1 24  ? 0.277   -6.416  9.579   1.00 39.23 ? 184  ARG A CG  1 
ATOM   106 C CD  . ARG A 1 24  ? -1.061  -6.796  10.205  1.00 39.14 ? 184  ARG A CD  1 
ATOM   107 N NE  . ARG A 1 24  ? -2.160  -6.661  9.262   1.00 38.35 ? 184  ARG A NE  1 
ATOM   108 C CZ  . ARG A 1 24  ? -3.298  -6.036  9.537   1.00 36.39 ? 184  ARG A CZ  1 
ATOM   109 N NH1 . ARG A 1 24  ? -3.478  -5.490  10.733  1.00 38.29 ? 184  ARG A NH1 1 
ATOM   110 N NH2 . ARG A 1 24  ? -4.245  -5.947  8.619   1.00 33.02 ? 184  ARG A NH2 1 
ATOM   111 N N   . LYS A 1 25  ? 3.656   -7.406  10.220  1.00 36.92 ? 185  LYS A N   1 
ATOM   112 C CA  . LYS A 1 25  ? 4.500   -6.920  11.317  1.00 36.92 ? 185  LYS A CA  1 
ATOM   113 C C   . LYS A 1 25  ? 5.833   -6.395  10.804  1.00 35.68 ? 185  LYS A C   1 
ATOM   114 O O   . LYS A 1 25  ? 6.309   -5.337  11.227  1.00 36.03 ? 185  LYS A O   1 
ATOM   115 C CB  . LYS A 1 25  ? 4.736   -8.047  12.346  1.00 39.72 ? 185  LYS A CB  1 
ATOM   116 C CG  . LYS A 1 25  ? 5.721   -7.684  13.464  1.00 43.96 ? 185  LYS A CG  1 
ATOM   117 C CD  . LYS A 1 25  ? 6.153   -8.906  14.313  1.00 46.55 ? 185  LYS A CD  1 
ATOM   118 C CE  . LYS A 1 25  ? 7.128   -8.479  15.425  1.00 49.09 ? 185  LYS A CE  1 
ATOM   119 N NZ  . LYS A 1 25  ? 7.816   -9.596  16.169  1.00 49.84 ? 185  LYS A NZ  1 
ATOM   120 N N   . GLU A 1 26  ? 6.436   -7.128  9.880   1.00 35.18 ? 186  GLU A N   1 
ATOM   121 C CA  . GLU A 1 26  ? 7.712   -6.727  9.307   1.00 35.41 ? 186  GLU A CA  1 
ATOM   122 C C   . GLU A 1 26  ? 7.580   -5.407  8.565   1.00 33.49 ? 186  GLU A C   1 
ATOM   123 O O   . GLU A 1 26  ? 8.471   -4.569  8.649   1.00 32.76 ? 186  GLU A O   1 
ATOM   124 C CB  . GLU A 1 26  ? 8.236   -7.789  8.338   1.00 37.16 ? 186  GLU A CB  1 
ATOM   125 C CG  . GLU A 1 26  ? 8.548   -9.119  8.976   1.00 41.71 ? 186  GLU A CG  1 
ATOM   126 C CD  . GLU A 1 26  ? 9.132   -10.120 7.982   1.00 46.13 ? 186  GLU A CD  1 
ATOM   127 O OE1 . GLU A 1 26  ? 8.396   -10.594 7.078   1.00 44.48 ? 186  GLU A OE1 1 
ATOM   128 O OE2 . GLU A 1 26  ? 10.338  -10.436 8.107   1.00 49.52 ? 186  GLU A OE2 1 
ATOM   129 N N   . ALA A 1 27  ? 6.478   -5.247  7.833   1.00 32.57 ? 187  ALA A N   1 
ATOM   130 C CA  . ALA A 1 27  ? 6.224   -4.026  7.067   1.00 32.49 ? 187  ALA A CA  1 
ATOM   131 C C   . ALA A 1 27  ? 6.093   -2.845  8.047   1.00 33.24 ? 187  ALA A C   1 
ATOM   132 O O   . ALA A 1 27  ? 6.691   -1.781  7.849   1.00 32.86 ? 187  ALA A O   1 
ATOM   133 C CB  . ALA A 1 27  ? 4.931   -4.192  6.226   1.00 28.44 ? 187  ALA A CB  1 
ATOM   134 N N   . THR A 1 28  ? 5.315   -3.053  9.107   1.00 34.28 ? 188  THR A N   1 
ATOM   135 C CA  . THR A 1 28  ? 5.105   -2.035  10.140  1.00 37.79 ? 188  THR A CA  1 
ATOM   136 C C   . THR A 1 28  ? 6.430   -1.557  10.735  1.00 38.83 ? 188  THR A C   1 
ATOM   137 O O   . THR A 1 28  ? 6.659   -0.347  10.874  1.00 39.62 ? 188  THR A O   1 
ATOM   138 C CB  . THR A 1 28  ? 4.216   -2.583  11.283  1.00 37.49 ? 188  THR A CB  1 
ATOM   139 O OG1 . THR A 1 28  ? 2.957   -2.998  10.747  1.00 38.63 ? 188  THR A OG1 1 
ATOM   140 C CG2 . THR A 1 28  ? 3.982   -1.514  12.345  1.00 38.39 ? 188  THR A CG2 1 
ATOM   141 N N   . GLU A 1 29  ? 7.308   -2.509  11.059  1.00 40.68 ? 189  GLU A N   1 
ATOM   142 C CA  . GLU A 1 29  ? 8.619   -2.215  11.632  1.00 40.92 ? 189  GLU A CA  1 
ATOM   143 C C   . GLU A 1 29  ? 9.535   -1.467  10.670  1.00 40.29 ? 189  GLU A C   1 
ATOM   144 O O   . GLU A 1 29  ? 10.261  -0.562  11.069  1.00 40.13 ? 189  GLU A O   1 
ATOM   145 C CB  . GLU A 1 29  ? 9.273   -3.523  12.085  1.00 45.58 ? 189  GLU A CB  1 
ATOM   146 C CG  . GLU A 1 29  ? 8.464   -4.220  13.168  1.00 50.29 ? 189  GLU A CG  1 
ATOM   147 C CD  . GLU A 1 29  ? 8.949   -5.629  13.508  1.00 55.13 ? 189  GLU A CD  1 
ATOM   148 O OE1 . GLU A 1 29  ? 8.443   -6.176  14.519  1.00 56.47 ? 189  GLU A OE1 1 
ATOM   149 O OE2 . GLU A 1 29  ? 9.809   -6.193  12.778  1.00 56.61 ? 189  GLU A OE2 1 
ATOM   150 N N   . MET A 1 30  ? 9.491   -1.840  9.395   1.00 37.64 ? 190  MET A N   1 
ATOM   151 C CA  . MET A 1 30  ? 10.318  -1.197  8.384   1.00 35.99 ? 190  MET A CA  1 
ATOM   152 C C   . MET A 1 30  ? 10.008  0.301   8.253   1.00 35.22 ? 190  MET A C   1 
ATOM   153 O O   . MET A 1 30  ? 10.915  1.132   8.117   1.00 33.58 ? 190  MET A O   1 
ATOM   154 C CB  . MET A 1 30  ? 10.095  -1.898  7.036   1.00 35.84 ? 190  MET A CB  1 
ATOM   155 C CG  . MET A 1 30  ? 10.722  -3.298  6.951   1.00 36.18 ? 190  MET A CG  1 
ATOM   156 S SD  . MET A 1 30  ? 10.218  -4.237  5.472   1.00 35.97 ? 190  MET A SD  1 
ATOM   157 C CE  . MET A 1 30  ? 10.941  -3.249  4.212   1.00 34.83 ? 190  MET A CE  1 
ATOM   158 N N   . LEU A 1 31  ? 8.714   0.620   8.280   1.00 34.94 ? 191  LEU A N   1 
ATOM   159 C CA  . LEU A 1 31  ? 8.217   1.987   8.150   1.00 34.92 ? 191  LEU A CA  1 
ATOM   160 C C   . LEU A 1 31  ? 8.591   2.847   9.372   1.00 37.05 ? 191  LEU A C   1 
ATOM   161 O O   . LEU A 1 31  ? 8.959   4.010   9.228   1.00 36.78 ? 191  LEU A O   1 
ATOM   162 C CB  . LEU A 1 31  ? 6.700   1.962   7.956   1.00 32.64 ? 191  LEU A CB  1 
ATOM   163 C CG  . LEU A 1 31  ? 6.183   1.385   6.631   1.00 31.78 ? 191  LEU A CG  1 
ATOM   164 C CD1 . LEU A 1 31  ? 4.684   1.671   6.497   1.00 32.08 ? 191  LEU A CD1 1 
ATOM   165 C CD2 . LEU A 1 31  ? 6.932   2.017   5.477   1.00 29.23 ? 191  LEU A CD2 1 
ATOM   166 N N   . GLN A 1 32  ? 8.504   2.271   10.566  1.00 39.10 ? 192  GLN A N   1 
ATOM   167 C CA  . GLN A 1 32  ? 8.871   3.008   11.776  1.00 42.66 ? 192  GLN A CA  1 
ATOM   168 C C   . GLN A 1 32  ? 10.387  3.261   11.818  1.00 44.50 ? 192  GLN A C   1 
ATOM   169 O O   . GLN A 1 32  ? 10.833  4.383   12.081  1.00 45.06 ? 192  GLN A O   1 
ATOM   170 C CB  . GLN A 1 32  ? 8.449   2.232   13.022  1.00 42.52 ? 192  GLN A CB  1 
ATOM   171 C CG  . GLN A 1 32  ? 6.973   1.972   13.091  1.00 45.54 ? 192  GLN A CG  1 
ATOM   172 C CD  . GLN A 1 32  ? 6.589   1.159   14.298  1.00 47.32 ? 192  GLN A CD  1 
ATOM   173 O OE1 . GLN A 1 32  ? 7.203   0.134   14.589  1.00 47.96 ? 192  GLN A OE1 1 
ATOM   174 N NE2 . GLN A 1 32  ? 5.558   1.605   15.009  1.00 49.22 ? 192  GLN A NE2 1 
ATOM   175 N N   . LYS A 1 33  ? 11.173  2.226   11.531  1.00 45.86 ? 193  LYS A N   1 
ATOM   176 C CA  . LYS A 1 33  ? 12.621  2.347   11.569  1.00 46.61 ? 193  LYS A CA  1 
ATOM   177 C C   . LYS A 1 33  ? 13.238  3.318   10.559  1.00 46.87 ? 193  LYS A C   1 
ATOM   178 O O   . LYS A 1 33  ? 14.242  3.955   10.869  1.00 46.67 ? 193  LYS A O   1 
ATOM   179 C CB  . LYS A 1 33  ? 13.275  0.959   11.436  1.00 48.43 ? 193  LYS A CB  1 
ATOM   180 C CG  . LYS A 1 33  ? 14.756  0.947   11.823  1.00 52.47 ? 193  LYS A CG  1 
ATOM   181 C CD  . LYS A 1 33  ? 15.244  -0.389  12.430  1.00 55.69 ? 193  LYS A CD  1 
ATOM   182 C CE  . LYS A 1 33  ? 15.313  -1.542  11.416  1.00 57.39 ? 193  LYS A CE  1 
ATOM   183 N NZ  . LYS A 1 33  ? 14.007  -2.258  11.226  1.00 58.39 ? 193  LYS A NZ  1 
ATOM   184 N N   . ASN A 1 34  ? 12.663  3.448   9.362   1.00 45.01 ? 194  ASN A N   1 
ATOM   185 C CA  . ASN A 1 34  ? 13.246  4.365   8.375   1.00 44.25 ? 194  ASN A CA  1 
ATOM   186 C C   . ASN A 1 34  ? 12.255  5.273   7.658   1.00 42.64 ? 194  ASN A C   1 
ATOM   187 O O   . ASN A 1 34  ? 12.092  5.175   6.439   1.00 41.03 ? 194  ASN A O   1 
ATOM   188 C CB  . ASN A 1 34  ? 14.053  3.589   7.322   1.00 45.36 ? 194  ASN A CB  1 
ATOM   189 C CG  . ASN A 1 34  ? 15.311  2.955   7.898   1.00 47.21 ? 194  ASN A CG  1 
ATOM   190 O OD1 . ASN A 1 34  ? 15.331  1.765   8.227   1.00 47.90 ? 194  ASN A OD1 1 
ATOM   191 N ND2 . ASN A 1 34  ? 16.365  3.760   8.043   1.00 46.88 ? 194  ASN A ND2 1 
ATOM   192 N N   . PRO A 1 35  ? 11.600  6.190   8.400   1.00 41.43 ? 195  PRO A N   1 
ATOM   193 C CA  . PRO A 1 35  ? 10.631  7.093   7.767   1.00 39.82 ? 195  PRO A CA  1 
ATOM   194 C C   . PRO A 1 35  ? 11.241  7.865   6.611   1.00 39.40 ? 195  PRO A C   1 
ATOM   195 O O   . PRO A 1 35  ? 10.538  8.231   5.657   1.00 38.91 ? 195  PRO A O   1 
ATOM   196 C CB  . PRO A 1 35  ? 10.201  8.017   8.918   1.00 41.37 ? 195  PRO A CB  1 
ATOM   197 C CG  . PRO A 1 35  ? 10.352  7.132   10.144  1.00 40.78 ? 195  PRO A CG  1 
ATOM   198 C CD  . PRO A 1 35  ? 11.682  6.441   9.854   1.00 41.86 ? 195  PRO A CD  1 
ATOM   199 N N   . SER A 1 36  ? 12.550  8.111   6.682   1.00 36.45 ? 196  SER A N   1 
ATOM   200 C CA  . SER A 1 36  ? 13.227  8.856   5.626   1.00 37.40 ? 196  SER A CA  1 
ATOM   201 C C   . SER A 1 36  ? 13.159  8.161   4.260   1.00 34.54 ? 196  SER A C   1 
ATOM   202 O O   . SER A 1 36  ? 13.309  8.813   3.223   1.00 33.68 ? 196  SER A O   1 
ATOM   203 C CB  . SER A 1 36  ? 14.709  9.107   5.987   1.00 37.83 ? 196  SER A CB  1 
ATOM   204 O OG  . SER A 1 36  ? 15.466  7.903   5.977   1.00 42.32 ? 196  SER A OG  1 
ATOM   205 N N   . LEU A 1 37  ? 12.915  6.852   4.260   1.00 33.86 ? 197  LEU A N   1 
ATOM   206 C CA  . LEU A 1 37  ? 12.865  6.087   3.005   1.00 34.15 ? 197  LEU A CA  1 
ATOM   207 C C   . LEU A 1 37  ? 11.486  5.975   2.338   1.00 32.31 ? 197  LEU A C   1 
ATOM   208 O O   . LEU A 1 37  ? 11.383  5.482   1.214   1.00 31.44 ? 197  LEU A O   1 
ATOM   209 C CB  . LEU A 1 37  ? 13.436  4.688   3.236   1.00 34.03 ? 197  LEU A CB  1 
ATOM   210 C CG  . LEU A 1 37  ? 14.838  4.635   3.855   1.00 35.02 ? 197  LEU A CG  1 
ATOM   211 C CD1 . LEU A 1 37  ? 15.256  3.196   4.007   1.00 35.84 ? 197  LEU A CD1 1 
ATOM   212 C CD2 . LEU A 1 37  ? 15.824  5.402   2.975   1.00 35.92 ? 197  LEU A CD2 1 
ATOM   213 N N   . GLY A 1 38  ? 10.448  6.465   3.015   1.00 31.70 ? 198  GLY A N   1 
ATOM   214 C CA  . GLY A 1 38  ? 9.090   6.399   2.488   1.00 28.76 ? 198  GLY A CA  1 
ATOM   215 C C   . GLY A 1 38  ? 8.141   5.905   3.565   1.00 26.94 ? 198  GLY A C   1 
ATOM   216 O O   . GLY A 1 38  ? 8.589   5.540   4.643   1.00 27.97 ? 198  GLY A O   1 
ATOM   217 N N   . ASN A 1 39  ? 6.837   5.871   3.287   1.00 24.82 ? 199  ASN A N   1 
ATOM   218 C CA  . ASN A 1 39  ? 5.867   5.427   4.279   1.00 22.66 ? 199  ASN A CA  1 
ATOM   219 C C   . ASN A 1 39  ? 4.801   4.492   3.716   1.00 23.57 ? 199  ASN A C   1 
ATOM   220 O O   . ASN A 1 39  ? 3.685   4.432   4.236   1.00 24.04 ? 199  ASN A O   1 
ATOM   221 C CB  . ASN A 1 39  ? 5.175   6.651   4.912   1.00 23.49 ? 199  ASN A CB  1 
ATOM   222 C CG  . ASN A 1 39  ? 4.472   7.538   3.866   1.00 26.75 ? 199  ASN A CG  1 
ATOM   223 O OD1 . ASN A 1 39  ? 4.308   7.146   2.691   1.00 25.31 ? 199  ASN A OD1 1 
ATOM   224 N ND2 . ASN A 1 39  ? 4.050   8.721   4.287   1.00 25.15 ? 199  ASN A ND2 1 
ATOM   225 N N   . MET A 1 40  ? 5.116   3.795   2.628   1.00 21.38 ? 200  MET A N   1 
ATOM   226 C CA  . MET A 1 40  ? 4.152   2.883   2.050   1.00 21.05 ? 200  MET A CA  1 
ATOM   227 C C   . MET A 1 40  ? 4.853   1.635   1.506   1.00 21.49 ? 200  MET A C   1 
ATOM   228 O O   . MET A 1 40  ? 5.847   1.732   0.763   1.00 21.66 ? 200  MET A O   1 
ATOM   229 C CB  . MET A 1 40  ? 3.382   3.576   0.921   1.00 20.64 ? 200  MET A CB  1 
ATOM   230 C CG  . MET A 1 40  ? 2.492   2.624   0.079   1.00 19.17 ? 200  MET A CG  1 
ATOM   231 S SD  . MET A 1 40  ? 1.335   3.519   -1.007  1.00 20.68 ? 200  MET A SD  1 
ATOM   232 C CE  . MET A 1 40  ? 2.380   4.345   -2.004  1.00 15.39 ? 200  MET A CE  1 
ATOM   233 N N   . ILE A 1 41  ? 4.305   0.486   1.869   1.00 21.07 ? 201  ILE A N   1 
ATOM   234 C CA  . ILE A 1 41  ? 4.823   -0.802  1.439   1.00 23.54 ? 201  ILE A CA  1 
ATOM   235 C C   . ILE A 1 41  ? 3.718   -1.689  0.860   1.00 22.23 ? 201  ILE A C   1 
ATOM   236 O O   . ILE A 1 41  ? 2.593   -1.732  1.368   1.00 23.60 ? 201  ILE A O   1 
ATOM   237 C CB  . ILE A 1 41  ? 5.514   -1.553  2.626   1.00 23.45 ? 201  ILE A CB  1 
ATOM   238 C CG1 . ILE A 1 41  ? 6.904   -0.954  2.880   1.00 25.84 ? 201  ILE A CG1 1 
ATOM   239 C CG2 . ILE A 1 41  ? 5.601   -3.060  2.335   1.00 24.90 ? 201  ILE A CG2 1 
ATOM   240 C CD1 . ILE A 1 41  ? 7.551   -1.369  4.224   1.00 28.11 ? 201  ILE A CD1 1 
ATOM   241 N N   . LEU A 1 42  ? 4.047   -2.367  -0.237  1.00 21.47 ? 202  LEU A N   1 
ATOM   242 C CA  . LEU A 1 42  ? 3.149   -3.326  -0.878  1.00 22.21 ? 202  LEU A CA  1 
ATOM   243 C C   . LEU A 1 42  ? 3.718   -4.697  -0.472  1.00 21.21 ? 202  LEU A C   1 
ATOM   244 O O   . LEU A 1 42  ? 4.936   -4.917  -0.529  1.00 24.32 ? 202  LEU A O   1 
ATOM   245 C CB  . LEU A 1 42  ? 3.195   -3.176  -2.408  1.00 21.66 ? 202  LEU A CB  1 
ATOM   246 C CG  . LEU A 1 42  ? 2.313   -4.114  -3.253  1.00 20.86 ? 202  LEU A CG  1 
ATOM   247 C CD1 . LEU A 1 42  ? 0.841   -3.854  -2.970  1.00 19.09 ? 202  LEU A CD1 1 
ATOM   248 C CD2 . LEU A 1 42  ? 2.591   -3.885  -4.741  1.00 22.06 ? 202  LEU A CD2 1 
ATOM   249 N N   . ARG A 1 43  ? 2.853   -5.612  -0.062  1.00 23.56 ? 203  ARG A N   1 
ATOM   250 C CA  . ARG A 1 43  ? 3.306   -6.931  0.371   1.00 25.03 ? 203  ARG A CA  1 
ATOM   251 C C   . ARG A 1 43  ? 2.295   -8.010  0.017   1.00 26.01 ? 203  ARG A C   1 
ATOM   252 O O   . ARG A 1 43  ? 1.142   -7.723  -0.359  1.00 24.35 ? 203  ARG A O   1 
ATOM   253 C CB  . ARG A 1 43  ? 3.552   -6.929  1.902   1.00 25.33 ? 203  ARG A CB  1 
ATOM   254 C CG  . ARG A 1 43  ? 2.306   -6.582  2.711   1.00 22.43 ? 203  ARG A CG  1 
ATOM   255 C CD  . ARG A 1 43  ? 2.602   -6.292  4.198   1.00 24.05 ? 203  ARG A CD  1 
ATOM   256 N NE  . ARG A 1 43  ? 1.379   -5.799  4.828   1.00 25.84 ? 203  ARG A NE  1 
ATOM   257 C CZ  . ARG A 1 43  ? 0.341   -6.555  5.168   1.00 24.08 ? 203  ARG A CZ  1 
ATOM   258 N NH1 . ARG A 1 43  ? 0.367   -7.877  4.969   1.00 25.16 ? 203  ARG A NH1 1 
ATOM   259 N NH2 . ARG A 1 43  ? -0.756  -5.978  5.650   1.00 24.35 ? 203  ARG A NH2 1 
ATOM   260 N N   . PRO A 1 44  ? 2.719   -9.280  0.118   1.00 27.65 ? 204  PRO A N   1 
ATOM   261 C CA  . PRO A 1 44  ? 1.782   -10.359 -0.211  1.00 30.89 ? 204  PRO A CA  1 
ATOM   262 C C   . PRO A 1 44  ? 0.622   -10.308 0.763   1.00 33.70 ? 204  PRO A C   1 
ATOM   263 O O   . PRO A 1 44  ? 0.813   -9.970  1.927   1.00 35.22 ? 204  PRO A O   1 
ATOM   264 C CB  . PRO A 1 44  ? 2.634   -11.624 -0.043  1.00 30.16 ? 204  PRO A CB  1 
ATOM   265 C CG  . PRO A 1 44  ? 4.010   -11.157 -0.376  1.00 28.63 ? 204  PRO A CG  1 
ATOM   266 C CD  . PRO A 1 44  ? 4.074   -9.813  0.349   1.00 27.40 ? 204  PRO A CD  1 
ATOM   267 N N   . GLY A 1 45  ? -0.575  -10.616 0.293   1.00 37.31 ? 205  GLY A N   1 
ATOM   268 C CA  . GLY A 1 45  ? -1.710  -10.597 1.188   1.00 44.97 ? 205  GLY A CA  1 
ATOM   269 C C   . GLY A 1 45  ? -1.685  -11.885 1.981   1.00 50.77 ? 205  GLY A C   1 
ATOM   270 O O   . GLY A 1 45  ? -1.497  -12.954 1.392   1.00 49.57 ? 205  GLY A O   1 
ATOM   271 N N   . SER A 1 46  ? -1.832  -11.796 3.306   1.00 55.78 ? 206  SER A N   1 
ATOM   272 C CA  . SER A 1 46  ? -1.851  -12.998 4.150   1.00 61.04 ? 206  SER A CA  1 
ATOM   273 C C   . SER A 1 46  ? -3.017  -13.912 3.739   1.00 63.75 ? 206  SER A C   1 
ATOM   274 O O   . SER A 1 46  ? -4.139  -13.445 3.505   1.00 65.27 ? 206  SER A O   1 
ATOM   275 C CB  . SER A 1 46  ? -2.011  -12.627 5.633   1.00 60.98 ? 206  SER A CB  1 
ATOM   276 O OG  . SER A 1 46  ? -0.886  -11.929 6.124   1.00 62.92 ? 206  SER A OG  1 
ATOM   277 N N   . ASP A 1 47  ? -2.740  -15.210 3.642   1.00 67.37 ? 207  ASP A N   1 
ATOM   278 C CA  . ASP A 1 47  ? -3.752  -16.214 3.284   1.00 69.77 ? 207  ASP A CA  1 
ATOM   279 C C   . ASP A 1 47  ? -4.470  -16.008 1.944   1.00 69.30 ? 207  ASP A C   1 
ATOM   280 O O   . ASP A 1 47  ? -5.628  -16.421 1.785   1.00 70.76 ? 207  ASP A O   1 
ATOM   281 C CB  . ASP A 1 47  ? -4.807  -16.321 4.403   1.00 72.76 ? 207  ASP A CB  1 
ATOM   282 C CG  . ASP A 1 47  ? -4.227  -16.833 5.719   1.00 75.24 ? 207  ASP A CG  1 
ATOM   283 O OD1 . ASP A 1 47  ? -3.316  -16.172 6.276   1.00 76.45 ? 207  ASP A OD1 1 
ATOM   284 O OD2 . ASP A 1 47  ? -4.689  -17.897 6.197   1.00 76.72 ? 207  ASP A OD2 1 
ATOM   285 N N   . SER A 1 48  ? -3.801  -15.380 0.982   1.00 67.12 ? 208  SER A N   1 
ATOM   286 C CA  . SER A 1 48  ? -4.408  -15.165 -0.328  1.00 65.22 ? 208  SER A CA  1 
ATOM   287 C C   . SER A 1 48  ? -3.345  -14.820 -1.367  1.00 63.50 ? 208  SER A C   1 
ATOM   288 O O   . SER A 1 48  ? -2.211  -14.506 -1.009  1.00 63.83 ? 208  SER A O   1 
ATOM   289 C CB  . SER A 1 48  ? -5.461  -14.050 -0.238  1.00 65.48 ? 208  SER A CB  1 
ATOM   290 O OG  . SER A 1 48  ? -4.928  -12.863 0.336   1.00 65.51 ? 208  SER A OG  1 
ATOM   291 N N   . ARG A 1 49  ? -3.703  -14.905 -2.649  1.00 61.55 ? 209  ARG A N   1 
ATOM   292 C CA  . ARG A 1 49  ? -2.771  -14.568 -3.735  1.00 59.49 ? 209  ARG A CA  1 
ATOM   293 C C   . ARG A 1 49  ? -2.877  -13.065 -4.018  1.00 55.68 ? 209  ARG A C   1 
ATOM   294 O O   . ARG A 1 49  ? -2.276  -12.542 -4.958  1.00 57.05 ? 209  ARG A O   1 
ATOM   295 C CB  . ARG A 1 49  ? -3.107  -15.349 -5.016  1.00 61.80 ? 209  ARG A CB  1 
ATOM   296 C CG  . ARG A 1 49  ? -4.200  -14.739 -5.937  1.00 64.55 ? 209  ARG A CG  1 
ATOM   297 C CD  . ARG A 1 49  ? -3.682  -13.602 -6.856  1.00 65.30 ? 209  ARG A CD  1 
ATOM   298 N NE  . ARG A 1 49  ? -2.262  -13.752 -7.184  1.00 67.97 ? 209  ARG A NE  1 
ATOM   299 C CZ  . ARG A 1 49  ? -1.547  -12.877 -7.891  1.00 69.27 ? 209  ARG A CZ  1 
ATOM   300 N NH1 . ARG A 1 49  ? -2.116  -11.768 -8.364  1.00 70.14 ? 209  ARG A NH1 1 
ATOM   301 N NH2 . ARG A 1 49  ? -0.250  -13.102 -8.118  1.00 68.98 ? 209  ARG A NH2 1 
ATOM   302 N N   . ASN A 1 50  ? -3.664  -12.387 -3.192  1.00 49.59 ? 210  ASN A N   1 
ATOM   303 C CA  . ASN A 1 50  ? -3.887  -10.954 -3.304  1.00 41.49 ? 210  ASN A CA  1 
ATOM   304 C C   . ASN A 1 50  ? -2.758  -10.192 -2.640  1.00 36.34 ? 210  ASN A C   1 
ATOM   305 O O   . ASN A 1 50  ? -1.747  -10.790 -2.224  1.00 34.71 ? 210  ASN A O   1 
ATOM   306 C CB  . ASN A 1 50  ? -5.217  -10.631 -2.650  1.00 38.46 ? 210  ASN A CB  1 
ATOM   307 C CG  . ASN A 1 50  ? -6.349  -11.383 -3.290  1.00 39.07 ? 210  ASN A CG  1 
ATOM   308 O OD1 . ASN A 1 50  ? -6.613  -11.223 -4.486  1.00 36.81 ? 210  ASN A OD1 1 
ATOM   309 N ND2 . ASN A 1 50  ? -7.019  -12.225 -2.512  1.00 37.09 ? 210  ASN A ND2 1 
ATOM   310 N N   . TYR A 1 51  ? -2.925  -8.875  -2.524  1.00 31.42 ? 211  TYR A N   1 
ATOM   311 C CA  . TYR A 1 51  ? -1.895  -8.046  -1.912  1.00 28.40 ? 211  TYR A CA  1 
ATOM   312 C C   . TYR A 1 51  ? -2.458  -7.122  -0.839  1.00 26.50 ? 211  TYR A C   1 
ATOM   313 O O   . TYR A 1 51  ? -3.669  -6.944  -0.737  1.00 24.95 ? 211  TYR A O   1 
ATOM   314 C CB  . TYR A 1 51  ? -1.195  -7.197  -2.973  1.00 27.17 ? 211  TYR A CB  1 
ATOM   315 C CG  . TYR A 1 51  ? -0.433  -8.026  -3.994  1.00 28.61 ? 211  TYR A CG  1 
ATOM   316 C CD1 . TYR A 1 51  ? 0.878   -8.436  -3.746  1.00 26.13 ? 211  TYR A CD1 1 
ATOM   317 C CD2 . TYR A 1 51  ? -1.052  -8.438  -5.191  1.00 29.12 ? 211  TYR A CD2 1 
ATOM   318 C CE1 . TYR A 1 51  ? 1.573   -9.246  -4.661  1.00 27.23 ? 211  TYR A CE1 1 
ATOM   319 C CE2 . TYR A 1 51  ? -0.371  -9.252  -6.109  1.00 29.08 ? 211  TYR A CE2 1 
ATOM   320 C CZ  . TYR A 1 51  ? 0.935   -9.652  -5.838  1.00 28.54 ? 211  TYR A CZ  1 
ATOM   321 O OH  . TYR A 1 51  ? 1.607   -10.476 -6.725  1.00 29.35 ? 211  TYR A OH  1 
ATOM   322 N N   . SER A 1 52  ? -1.539  -6.575  -0.043  1.00 25.70 ? 212  SER A N   1 
ATOM   323 C CA  . SER A 1 52  ? -1.863  -5.635  1.015   1.00 24.16 ? 212  SER A CA  1 
ATOM   324 C C   . SER A 1 52  ? -0.924  -4.438  0.925   1.00 23.64 ? 212  SER A C   1 
ATOM   325 O O   . SER A 1 52  ? 0.234   -4.552  0.513   1.00 23.74 ? 212  SER A O   1 
ATOM   326 C CB  . SER A 1 52  ? -1.700  -6.287  2.394   1.00 24.30 ? 212  SER A CB  1 
ATOM   327 O OG  . SER A 1 52  ? -2.589  -7.377  2.525   1.00 24.28 ? 212  SER A OG  1 
ATOM   328 N N   . ILE A 1 53  ? -1.437  -3.282  1.318   1.00 21.51 ? 213  ILE A N   1 
ATOM   329 C CA  . ILE A 1 53  ? -0.641  -2.059  1.341   1.00 21.79 ? 213  ILE A CA  1 
ATOM   330 C C   . ILE A 1 53  ? -0.638  -1.652  2.809   1.00 23.69 ? 213  ILE A C   1 
ATOM   331 O O   . ILE A 1 53  ? -1.707  -1.608  3.435   1.00 22.68 ? 213  ILE A O   1 
ATOM   332 C CB  . ILE A 1 53  ? -1.324  -0.918  0.551   1.00 23.21 ? 213  ILE A CB  1 
ATOM   333 C CG1 . ILE A 1 53  ? -1.333  -1.240  -0.949  1.00 24.96 ? 213  ILE A CG1 1 
ATOM   334 C CG2 . ILE A 1 53  ? -0.589  0.436   0.811   1.00 23.70 ? 213  ILE A CG2 1 
ATOM   335 C CD1 . ILE A 1 53  ? -0.067  -0.801  -1.659  1.00 29.49 ? 213  ILE A CD1 1 
ATOM   336 N N   . THR A 1 54  ? 0.553   -1.403  3.341   1.00 22.81 ? 214  THR A N   1 
ATOM   337 C CA  . THR A 1 54  ? 0.721   -0.927  4.716   1.00 24.92 ? 214  THR A CA  1 
ATOM   338 C C   . THR A 1 54  ? 1.294   0.476   4.636   1.00 24.01 ? 214  THR A C   1 
ATOM   339 O O   . THR A 1 54  ? 2.308   0.714   3.970   1.00 24.53 ? 214  THR A O   1 
ATOM   340 C CB  . THR A 1 54  ? 1.722   -1.773  5.511   1.00 26.92 ? 214  THR A CB  1 
ATOM   341 O OG1 . THR A 1 54  ? 1.184   -3.080  5.709   1.00 25.92 ? 214  THR A OG1 1 
ATOM   342 C CG2 . THR A 1 54  ? 2.019   -1.119  6.858   1.00 25.20 ? 214  THR A CG2 1 
ATOM   343 N N   . ILE A 1 55  ? 0.657   1.420   5.315   1.00 23.50 ? 215  ILE A N   1 
ATOM   344 C CA  . ILE A 1 55  ? 1.172   2.783   5.296   1.00 22.99 ? 215  ILE A CA  1 
ATOM   345 C C   . ILE A 1 55  ? 1.380   3.300   6.731   1.00 24.31 ? 215  ILE A C   1 
ATOM   346 O O   . ILE A 1 55  ? 0.809   2.764   7.684   1.00 25.01 ? 215  ILE A O   1 
ATOM   347 C CB  . ILE A 1 55  ? 0.196   3.746   4.572   1.00 22.48 ? 215  ILE A CB  1 
ATOM   348 C CG1 . ILE A 1 55  ? -1.131  3.854   5.338   1.00 21.44 ? 215  ILE A CG1 1 
ATOM   349 C CG2 . ILE A 1 55  ? -0.061  3.249   3.123   1.00 23.85 ? 215  ILE A CG2 1 
ATOM   350 C CD1 . ILE A 1 55  ? -2.100  4.883   4.722   1.00 22.65 ? 215  ILE A CD1 1 
ATOM   351 N N   . ARG A 1 56  ? 2.222   4.316   6.852   1.00 25.27 ? 216  ARG A N   1 
ATOM   352 C CA  . ARG A 1 56  ? 2.449   4.998   8.124   1.00 27.08 ? 216  ARG A CA  1 
ATOM   353 C C   . ARG A 1 56  ? 2.265   6.484   7.835   1.00 26.82 ? 216  ARG A C   1 
ATOM   354 O O   . ARG A 1 56  ? 3.097   7.101   7.173   1.00 28.11 ? 216  ARG A O   1 
ATOM   355 C CB  . ARG A 1 56  ? 3.860   4.753   8.657   1.00 28.55 ? 216  ARG A CB  1 
ATOM   356 C CG  . ARG A 1 56  ? 4.153   5.515   9.965   1.00 30.71 ? 216  ARG A CG  1 
ATOM   357 C CD  . ARG A 1 56  ? 5.371   4.922   10.661  1.00 35.63 ? 216  ARG A CD  1 
ATOM   358 N NE  . ARG A 1 56  ? 5.597   5.477   12.001  1.00 37.32 ? 216  ARG A NE  1 
ATOM   359 C CZ  . ARG A 1 56  ? 6.107   6.683   12.248  1.00 38.94 ? 216  ARG A CZ  1 
ATOM   360 N NH1 . ARG A 1 56  ? 6.461   7.489   11.253  1.00 37.97 ? 216  ARG A NH1 1 
ATOM   361 N NH2 . ARG A 1 56  ? 6.260   7.088   13.507  1.00 40.55 ? 216  ARG A NH2 1 
ATOM   362 N N   . GLN A 1 57  ? 1.147   7.050   8.280   1.00 27.07 ? 217  GLN A N   1 
ATOM   363 C CA  . GLN A 1 57  ? 0.904   8.474   8.080   1.00 30.32 ? 217  GLN A CA  1 
ATOM   364 C C   . GLN A 1 57  ? 1.114   9.251   9.379   1.00 32.59 ? 217  GLN A C   1 
ATOM   365 O O   . GLN A 1 57  ? 0.914   8.721   10.477  1.00 33.03 ? 217  GLN A O   1 
ATOM   366 C CB  . GLN A 1 57  ? -0.511  8.716   7.575   1.00 30.81 ? 217  GLN A CB  1 
ATOM   367 C CG  . GLN A 1 57  ? -0.684  8.454   6.092   1.00 30.13 ? 217  GLN A CG  1 
ATOM   368 C CD  . GLN A 1 57  ? -2.098  8.763   5.632   1.00 30.47 ? 217  GLN A CD  1 
ATOM   369 O OE1 . GLN A 1 57  ? -3.082  8.272   6.214   1.00 29.06 ? 217  GLN A OE1 1 
ATOM   370 N NE2 . GLN A 1 57  ? -2.211  9.576   4.585   1.00 28.38 ? 217  GLN A NE2 1 
ATOM   371 N N   . GLU A 1 58  ? 1.544   10.496  9.241   1.00 35.92 ? 218  GLU A N   1 
ATOM   372 C CA  . GLU A 1 58  ? 1.790   11.368  10.385  1.00 42.13 ? 218  GLU A CA  1 
ATOM   373 C C   . GLU A 1 58  ? 1.056   12.677  10.173  1.00 42.84 ? 218  GLU A C   1 
ATOM   374 O O   . GLU A 1 58  ? 1.649   13.756  10.284  1.00 45.26 ? 218  GLU A O   1 
ATOM   375 C CB  . GLU A 1 58  ? 3.289   11.660  10.552  1.00 44.41 ? 218  GLU A CB  1 
ATOM   376 C CG  . GLU A 1 58  ? 4.138   10.437  10.885  1.00 50.19 ? 218  GLU A CG  1 
ATOM   377 C CD  . GLU A 1 58  ? 5.599   10.783  11.164  1.00 52.55 ? 218  GLU A CD  1 
ATOM   378 O OE1 . GLU A 1 58  ? 6.254   11.376  10.271  1.00 54.01 ? 218  GLU A OE1 1 
ATOM   379 O OE2 . GLU A 1 58  ? 6.088   10.452  12.274  1.00 54.78 ? 218  GLU A OE2 1 
ATOM   380 N N   . ILE A 1 59  ? -0.230  12.575  9.853   1.00 42.29 ? 219  ILE A N   1 
ATOM   381 C CA  . ILE A 1 59  ? -1.052  13.755  9.636   1.00 42.60 ? 219  ILE A CA  1 
ATOM   382 C C   . ILE A 1 59  ? -1.339  14.391  11.003  1.00 42.58 ? 219  ILE A C   1 
ATOM   383 O O   . ILE A 1 59  ? -0.896  15.521  11.257  1.00 42.80 ? 219  ILE A O   1 
ATOM   384 C CB  . ILE A 1 59  ? -2.329  13.370  8.845   1.00 42.07 ? 219  ILE A CB  1 
ATOM   385 C CG1 . ILE A 1 59  ? -1.929  13.111  7.379   1.00 41.46 ? 219  ILE A CG1 1 
ATOM   386 C CG2 . ILE A 1 59  ? -3.364  14.471  8.923   1.00 43.70 ? 219  ILE A CG2 1 
ATOM   387 C CD1 . ILE A 1 59  ? -3.012  12.555  6.529   1.00 38.79 ? 219  ILE A CD1 1 
ATOM   388 N N   . ASP A 1 60  ? -2.056  13.683  11.879  1.00 41.73 ? 220  ASP A N   1 
ATOM   389 C CA  . ASP A 1 60  ? -2.311  14.188  13.237  1.00 41.91 ? 220  ASP A CA  1 
ATOM   390 C C   . ASP A 1 60  ? -1.312  13.516  14.202  1.00 40.91 ? 220  ASP A C   1 
ATOM   391 O O   . ASP A 1 60  ? -0.523  14.204  14.859  1.00 42.48 ? 220  ASP A O   1 
ATOM   392 C CB  . ASP A 1 60  ? -3.777  13.964  13.655  1.00 43.29 ? 220  ASP A CB  1 
ATOM   393 C CG  . ASP A 1 60  ? -4.222  12.514  13.562  1.00 44.64 ? 220  ASP A CG  1 
ATOM   394 O OD1 . ASP A 1 60  ? -3.548  11.710  12.884  1.00 43.92 ? 220  ASP A OD1 1 
ATOM   395 O OD2 . ASP A 1 60  ? -5.277  12.190  14.165  1.00 43.60 ? 220  ASP A OD2 1 
ATOM   396 N N   . ILE A 1 61  ? -1.342  12.183  14.285  1.00 37.23 ? 221  ILE A N   1 
ATOM   397 C CA  . ILE A 1 61  ? -0.382  11.419  15.090  1.00 35.25 ? 221  ILE A CA  1 
ATOM   398 C C   . ILE A 1 61  ? 0.025   10.246  14.180  1.00 33.66 ? 221  ILE A C   1 
ATOM   399 O O   . ILE A 1 61  ? -0.687  9.929   13.216  1.00 32.30 ? 221  ILE A O   1 
ATOM   400 C CB  . ILE A 1 61  ? -0.980  10.835  16.438  1.00 34.72 ? 221  ILE A CB  1 
ATOM   401 C CG1 . ILE A 1 61  ? -2.164  9.908   16.162  1.00 33.75 ? 221  ILE A CG1 1 
ATOM   402 C CG2 . ILE A 1 61  ? -1.381  11.975  17.380  1.00 36.89 ? 221  ILE A CG2 1 
ATOM   403 C CD1 . ILE A 1 61  ? -2.625  9.130   17.396  1.00 33.88 ? 221  ILE A CD1 1 
ATOM   404 N N   . PRO A 1 62  ? 1.172   9.602   14.451  1.00 32.99 ? 222  PRO A N   1 
ATOM   405 C CA  . PRO A 1 62  ? 1.547   8.483   13.581  1.00 31.76 ? 222  PRO A CA  1 
ATOM   406 C C   . PRO A 1 62  ? 0.479   7.374   13.663  1.00 30.41 ? 222  PRO A C   1 
ATOM   407 O O   . PRO A 1 62  ? 0.012   7.014   14.760  1.00 29.29 ? 222  PRO A O   1 
ATOM   408 C CB  . PRO A 1 62  ? 2.892   8.026   14.158  1.00 32.82 ? 222  PRO A CB  1 
ATOM   409 C CG  . PRO A 1 62  ? 3.419   9.238   14.844  1.00 33.07 ? 222  PRO A CG  1 
ATOM   410 C CD  . PRO A 1 62  ? 2.189   9.819   15.494  1.00 33.06 ? 222  PRO A CD  1 
ATOM   411 N N   . ARG A 1 63  ? 0.077   6.854   12.508  1.00 29.24 ? 223  ARG A N   1 
ATOM   412 C CA  . ARG A 1 63  ? -0.911  5.786   12.456  1.00 29.60 ? 223  ARG A CA  1 
ATOM   413 C C   . ARG A 1 63  ? -0.517  4.779   11.392  1.00 29.78 ? 223  ARG A C   1 
ATOM   414 O O   . ARG A 1 63  ? -0.147  5.167   10.288  1.00 30.09 ? 223  ARG A O   1 
ATOM   415 C CB  . ARG A 1 63  ? -2.291  6.321   12.080  1.00 30.12 ? 223  ARG A CB  1 
ATOM   416 C CG  . ARG A 1 63  ? -2.854  7.378   12.977  1.00 32.17 ? 223  ARG A CG  1 
ATOM   417 C CD  . ARG A 1 63  ? -4.146  7.873   12.370  1.00 33.84 ? 223  ARG A CD  1 
ATOM   418 N NE  . ARG A 1 63  ? -4.739  8.937   13.163  1.00 34.39 ? 223  ARG A NE  1 
ATOM   419 C CZ  . ARG A 1 63  ? -5.497  8.725   14.228  1.00 34.38 ? 223  ARG A CZ  1 
ATOM   420 N NH1 . ARG A 1 63  ? -5.752  7.483   14.619  1.00 31.49 ? 223  ARG A NH1 1 
ATOM   421 N NH2 . ARG A 1 63  ? -5.992  9.759   14.900  1.00 34.35 ? 223  ARG A NH2 1 
ATOM   422 N N   . ILE A 1 64  ? -0.599  3.496   11.727  1.00 29.34 ? 224  ILE A N   1 
ATOM   423 C CA  . ILE A 1 64  ? -0.293  2.431   10.766  1.00 29.36 ? 224  ILE A CA  1 
ATOM   424 C C   . ILE A 1 64  ? -1.641  1.930   10.258  1.00 28.93 ? 224  ILE A C   1 
ATOM   425 O O   . ILE A 1 64  ? -2.552  1.636   11.043  1.00 28.45 ? 224  ILE A O   1 
ATOM   426 C CB  . ILE A 1 64  ? 0.481   1.247   11.406  1.00 30.50 ? 224  ILE A CB  1 
ATOM   427 C CG1 . ILE A 1 64  ? 1.851   1.716   11.910  1.00 30.56 ? 224  ILE A CG1 1 
ATOM   428 C CG2 . ILE A 1 64  ? 0.624   0.100   10.387  1.00 29.92 ? 224  ILE A CG2 1 
ATOM   429 C CD1 . ILE A 1 64  ? 2.783   2.269   10.837  1.00 32.64 ? 224  ILE A CD1 1 
ATOM   430 N N   . LYS A 1 65  ? -1.786  1.867   8.937   1.00 27.97 ? 225  LYS A N   1 
ATOM   431 C CA  . LYS A 1 65  ? -3.033  1.419   8.328   1.00 27.95 ? 225  LYS A CA  1 
ATOM   432 C C   . LYS A 1 65  ? -2.738  0.400   7.222   1.00 27.40 ? 225  LYS A C   1 
ATOM   433 O O   . LYS A 1 65  ? -1.705  0.493   6.551   1.00 27.54 ? 225  LYS A O   1 
ATOM   434 C CB  . LYS A 1 65  ? -3.796  2.620   7.763   1.00 28.57 ? 225  LYS A CB  1 
ATOM   435 C CG  . LYS A 1 65  ? -4.383  3.501   8.853   1.00 30.86 ? 225  LYS A CG  1 
ATOM   436 C CD  . LYS A 1 65  ? -5.019  4.774   8.307   1.00 31.69 ? 225  LYS A CD  1 
ATOM   437 C CE  . LYS A 1 65  ? -5.651  5.568   9.446   1.00 32.59 ? 225  LYS A CE  1 
ATOM   438 N NZ  . LYS A 1 65  ? -6.445  6.711   8.934   1.00 33.93 ? 225  LYS A NZ  1 
ATOM   439 N N   . HIS A 1 66  ? -3.633  -0.569  7.065   1.00 24.76 ? 226  HIS A N   1 
ATOM   440 C CA  . HIS A 1 66  ? -3.468  -1.621  6.065   1.00 25.81 ? 226  HIS A CA  1 
ATOM   441 C C   . HIS A 1 66  ? -4.661  -1.662  5.149   1.00 24.00 ? 226  HIS A C   1 
ATOM   442 O O   . HIS A 1 66  ? -5.809  -1.514  5.595   1.00 23.84 ? 226  HIS A O   1 
ATOM   443 C CB  . HIS A 1 66  ? -3.303  -2.979  6.741   1.00 25.69 ? 226  HIS A CB  1 
ATOM   444 C CG  . HIS A 1 66  ? -2.283  -2.982  7.831   1.00 27.35 ? 226  HIS A CG  1 
ATOM   445 N ND1 . HIS A 1 66  ? -0.928  -3.064  7.587   1.00 27.20 ? 226  HIS A ND1 1 
ATOM   446 C CD2 . HIS A 1 66  ? -2.423  -2.874  9.175   1.00 27.65 ? 226  HIS A CD2 1 
ATOM   447 C CE1 . HIS A 1 66  ? -0.274  -3.007  8.736   1.00 29.63 ? 226  HIS A CE1 1 
ATOM   448 N NE2 . HIS A 1 66  ? -1.158  -2.892  9.713   1.00 29.22 ? 226  HIS A NE2 1 
ATOM   449 N N   . TYR A 1 67  ? -4.383  -1.876  3.861   1.00 23.90 ? 227  TYR A N   1 
ATOM   450 C CA  . TYR A 1 67  ? -5.427  -1.929  2.836   1.00 23.00 ? 227  TYR A CA  1 
ATOM   451 C C   . TYR A 1 67  ? -5.310  -3.195  1.976   1.00 23.82 ? 227  TYR A C   1 
ATOM   452 O O   . TYR A 1 67  ? -4.212  -3.663  1.701   1.00 24.93 ? 227  TYR A O   1 
ATOM   453 C CB  . TYR A 1 67  ? -5.324  -0.716  1.911   1.00 21.97 ? 227  TYR A CB  1 
ATOM   454 C CG  . TYR A 1 67  ? -5.475  0.602   2.626   1.00 23.89 ? 227  TYR A CG  1 
ATOM   455 C CD1 . TYR A 1 67  ? -4.408  1.158   3.313   1.00 22.67 ? 227  TYR A CD1 1 
ATOM   456 C CD2 . TYR A 1 67  ? -6.717  1.263   2.664   1.00 23.79 ? 227  TYR A CD2 1 
ATOM   457 C CE1 . TYR A 1 67  ? -4.556  2.342   4.030   1.00 24.36 ? 227  TYR A CE1 1 
ATOM   458 C CE2 . TYR A 1 67  ? -6.884  2.452   3.386   1.00 23.84 ? 227  TYR A CE2 1 
ATOM   459 C CZ  . TYR A 1 67  ? -5.797  2.979   4.063   1.00 24.21 ? 227  TYR A CZ  1 
ATOM   460 O OH  . TYR A 1 67  ? -5.924  4.134   4.795   1.00 23.83 ? 227  TYR A OH  1 
ATOM   461 N N   . LYS A 1 68  ? -6.453  -3.710  1.557   1.00 24.36 ? 228  LYS A N   1 
ATOM   462 C CA  . LYS A 1 68  ? -6.520  -4.894  0.716   1.00 26.06 ? 228  LYS A CA  1 
ATOM   463 C C   . LYS A 1 68  ? -6.603  -4.506  -0.755  1.00 24.18 ? 228  LYS A C   1 
ATOM   464 O O   . LYS A 1 68  ? -7.375  -3.626  -1.137  1.00 24.05 ? 228  LYS A O   1 
ATOM   465 C CB  . LYS A 1 68  ? -7.744  -5.736  1.060   1.00 26.57 ? 228  LYS A CB  1 
ATOM   466 C CG  . LYS A 1 68  ? -7.670  -6.425  2.408   1.00 32.27 ? 228  LYS A CG  1 
ATOM   467 C CD  . LYS A 1 68  ? -8.822  -7.391  2.515   1.00 37.07 ? 228  LYS A CD  1 
ATOM   468 C CE  . LYS A 1 68  ? -8.785  -8.167  3.808   1.00 41.32 ? 228  LYS A CE  1 
ATOM   469 N NZ  . LYS A 1 68  ? -9.913  -9.153  3.873   1.00 45.65 ? 228  LYS A NZ  1 
ATOM   470 N N   . VAL A 1 69  ? -5.775  -5.173  -1.562  1.00 24.62 ? 229  VAL A N   1 
ATOM   471 C CA  . VAL A 1 69  ? -5.719  -4.976  -3.006  1.00 23.85 ? 229  VAL A CA  1 
ATOM   472 C C   . VAL A 1 69  ? -5.988  -6.377  -3.594  1.00 23.46 ? 229  VAL A C   1 
ATOM   473 O O   . VAL A 1 69  ? -5.124  -7.262  -3.562  1.00 25.71 ? 229  VAL A O   1 
ATOM   474 C CB  . VAL A 1 69  ? -4.330  -4.485  -3.437  1.00 23.10 ? 229  VAL A CB  1 
ATOM   475 C CG1 . VAL A 1 69  ? -4.304  -4.287  -4.964  1.00 23.95 ? 229  VAL A CG1 1 
ATOM   476 C CG2 . VAL A 1 69  ? -3.982  -3.164  -2.689  1.00 23.34 ? 229  VAL A CG2 1 
ATOM   477 N N   . MET A 1 70  ? -7.179  -6.548  -4.140  1.00 24.94 ? 230  MET A N   1 
ATOM   478 C CA  . MET A 1 70  ? -7.611  -7.830  -4.666  1.00 27.59 ? 230  MET A CA  1 
ATOM   479 C C   . MET A 1 70  ? -7.397  -8.024  -6.154  1.00 27.25 ? 230  MET A C   1 
ATOM   480 O O   . MET A 1 70  ? -7.682  -7.130  -6.951  1.00 27.72 ? 230  MET A O   1 
ATOM   481 C CB  . MET A 1 70  ? -9.098  -8.016  -4.368  1.00 30.31 ? 230  MET A CB  1 
ATOM   482 C CG  . MET A 1 70  ? -9.466  -7.783  -2.907  1.00 36.90 ? 230  MET A CG  1 
ATOM   483 S SD  . MET A 1 70  ? -8.598  -8.910  -1.773  1.00 39.90 ? 230  MET A SD  1 
ATOM   484 C CE  . MET A 1 70  ? -9.705  -10.340 -1.869  1.00 42.26 ? 230  MET A CE  1 
ATOM   485 N N   . SER A 1 71  ? -6.910  -9.201  -6.518  1.00 28.71 ? 231  SER A N   1 
ATOM   486 C CA  . SER A 1 71  ? -6.734  -9.528  -7.929  1.00 29.05 ? 231  SER A CA  1 
ATOM   487 C C   . SER A 1 71  ? -8.115  -9.963  -8.416  1.00 29.53 ? 231  SER A C   1 
ATOM   488 O O   . SER A 1 71  ? -8.730  -10.865 -7.842  1.00 29.92 ? 231  SER A O   1 
ATOM   489 C CB  . SER A 1 71  ? -5.728  -10.670 -8.114  1.00 31.91 ? 231  SER A CB  1 
ATOM   490 O OG  . SER A 1 71  ? -5.673  -11.082 -9.492  1.00 36.51 ? 231  SER A OG  1 
ATOM   491 N N   . VAL A 1 72  ? -8.605  -9.311  -9.464  1.00 28.76 ? 232  VAL A N   1 
ATOM   492 C CA  . VAL A 1 72  ? -9.911  -9.610  -10.049 1.00 28.64 ? 232  VAL A CA  1 
ATOM   493 C C   . VAL A 1 72  ? -9.709  -9.630  -11.568 1.00 28.79 ? 232  VAL A C   1 
ATOM   494 O O   . VAL A 1 72  ? -9.509  -8.580  -12.188 1.00 26.51 ? 232  VAL A O   1 
ATOM   495 C CB  . VAL A 1 72  ? -10.954 -8.527  -9.696  1.00 30.84 ? 232  VAL A CB  1 
ATOM   496 C CG1 . VAL A 1 72  ? -12.321 -8.912  -10.290 1.00 32.49 ? 232  VAL A CG1 1 
ATOM   497 C CG2 . VAL A 1 72  ? -11.061 -8.371  -8.164  1.00 31.83 ? 232  VAL A CG2 1 
ATOM   498 N N   . GLY A 1 73  ? -9.741  -10.826 -12.155 1.00 28.93 ? 233  GLY A N   1 
ATOM   499 C CA  . GLY A 1 73  ? -9.511  -10.944 -13.589 1.00 29.77 ? 233  GLY A CA  1 
ATOM   500 C C   . GLY A 1 73  ? -8.100  -10.440 -13.849 1.00 29.65 ? 233  GLY A C   1 
ATOM   501 O O   . GLY A 1 73  ? -7.162  -10.845 -13.155 1.00 29.40 ? 233  GLY A O   1 
ATOM   502 N N   . GLN A 1 74  ? -7.937  -9.539  -14.814 1.00 29.02 ? 234  GLN A N   1 
ATOM   503 C CA  . GLN A 1 74  ? -6.604  -8.997  -15.106 1.00 30.42 ? 234  GLN A CA  1 
ATOM   504 C C   . GLN A 1 74  ? -6.366  -7.666  -14.402 1.00 29.28 ? 234  GLN A C   1 
ATOM   505 O O   . GLN A 1 74  ? -5.433  -6.948  -14.731 1.00 30.98 ? 234  GLN A O   1 
ATOM   506 C CB  . GLN A 1 74  ? -6.436  -8.733  -16.592 1.00 28.72 ? 234  GLN A CB  1 
ATOM   507 C CG  . GLN A 1 74  ? -6.817  -9.874  -17.472 1.00 28.99 ? 234  GLN A CG  1 
ATOM   508 C CD  . GLN A 1 74  ? -6.236  -9.693  -18.837 1.00 27.52 ? 234  GLN A CD  1 
ATOM   509 O OE1 . GLN A 1 74  ? -5.039  -9.858  -19.021 1.00 28.26 ? 234  GLN A OE1 1 
ATOM   510 N NE2 . GLN A 1 74  ? -7.065  -9.339  -19.792 1.00 26.50 ? 234  GLN A NE2 1 
ATOM   511 N N   . ASN A 1 75  ? -7.214  -7.333  -13.447 1.00 27.55 ? 235  ASN A N   1 
ATOM   512 C CA  . ASN A 1 75  ? -7.091  -6.054  -12.774 1.00 25.56 ? 235  ASN A CA  1 
ATOM   513 C C   . ASN A 1 75  ? -6.933  -6.226  -11.283 1.00 25.52 ? 235  ASN A C   1 
ATOM   514 O O   . ASN A 1 75  ? -6.854  -7.356  -10.774 1.00 24.17 ? 235  ASN A O   1 
ATOM   515 C CB  . ASN A 1 75  ? -8.340  -5.220  -13.098 1.00 23.54 ? 235  ASN A CB  1 
ATOM   516 C CG  . ASN A 1 75  ? -8.548  -5.059  -14.620 1.00 25.87 ? 235  ASN A CG  1 
ATOM   517 O OD1 . ASN A 1 75  ? -7.723  -4.449  -15.305 1.00 23.82 ? 235  ASN A OD1 1 
ATOM   518 N ND2 . ASN A 1 75  ? -9.633  -5.631  -15.145 1.00 24.59 ? 235  ASN A ND2 1 
ATOM   519 N N   . TYR A 1 76  ? -6.860  -5.094  -10.586 1.00 25.44 ? 236  TYR A N   1 
ATOM   520 C CA  . TYR A 1 76  ? -6.744  -5.091  -9.134  1.00 26.37 ? 236  TYR A CA  1 
ATOM   521 C C   . TYR A 1 76  ? -7.758  -4.102  -8.583  1.00 26.77 ? 236  TYR A C   1 
ATOM   522 O O   . TYR A 1 76  ? -7.909  -3.005  -9.108  1.00 26.43 ? 236  TYR A O   1 
ATOM   523 C CB  . TYR A 1 76  ? -5.341  -4.681  -8.707  1.00 26.06 ? 236  TYR A CB  1 
ATOM   524 C CG  . TYR A 1 76  ? -4.289  -5.673  -9.141  1.00 27.87 ? 236  TYR A CG  1 
ATOM   525 C CD1 . TYR A 1 76  ? -3.967  -6.771  -8.338  1.00 29.12 ? 236  TYR A CD1 1 
ATOM   526 C CD2 . TYR A 1 76  ? -3.637  -5.537  -10.366 1.00 27.31 ? 236  TYR A CD2 1 
ATOM   527 C CE1 . TYR A 1 76  ? -3.023  -7.707  -8.744  1.00 29.72 ? 236  TYR A CE1 1 
ATOM   528 C CE2 . TYR A 1 76  ? -2.688  -6.469  -10.782 1.00 29.86 ? 236  TYR A CE2 1 
ATOM   529 C CZ  . TYR A 1 76  ? -2.390  -7.550  -9.963  1.00 30.95 ? 236  TYR A CZ  1 
ATOM   530 O OH  . TYR A 1 76  ? -1.448  -8.478  -10.357 1.00 36.29 ? 236  TYR A OH  1 
ATOM   531 N N   . THR A 1 77  ? -8.447  -4.507  -7.516  1.00 26.96 ? 237  THR A N   1 
ATOM   532 C CA  . THR A 1 77  ? -9.432  -3.653  -6.900  1.00 25.84 ? 237  THR A CA  1 
ATOM   533 C C   . THR A 1 77  ? -8.967  -3.266  -5.498  1.00 25.32 ? 237  THR A C   1 
ATOM   534 O O   . THR A 1 77  ? -8.732  -4.127  -4.653  1.00 25.98 ? 237  THR A O   1 
ATOM   535 C CB  . THR A 1 77  ? -10.812 -4.359  -6.819  1.00 27.58 ? 237  THR A CB  1 
ATOM   536 O OG1 . THR A 1 77  ? -11.250 -4.681  -8.145  1.00 27.37 ? 237  THR A OG1 1 
ATOM   537 C CG2 . THR A 1 77  ? -11.845 -3.455  -6.152  1.00 25.99 ? 237  THR A CG2 1 
ATOM   538 N N   . ILE A 1 78  ? -8.784  -1.971  -5.280  1.00 23.94 ? 238  ILE A N   1 
ATOM   539 C CA  . ILE A 1 78  ? -8.391  -1.489  -3.962  1.00 24.38 ? 238  ILE A CA  1 
ATOM   540 C C   . ILE A 1 78  ? -9.701  -1.446  -3.167  1.00 23.43 ? 238  ILE A C   1 
ATOM   541 O O   . ILE A 1 78  ? -10.652 -0.743  -3.542  1.00 24.12 ? 238  ILE A O   1 
ATOM   542 C CB  . ILE A 1 78  ? -7.795  -0.069  -4.002  1.00 23.54 ? 238  ILE A CB  1 
ATOM   543 C CG1 . ILE A 1 78  ? -6.632  0.006   -5.001  1.00 21.47 ? 238  ILE A CG1 1 
ATOM   544 C CG2 . ILE A 1 78  ? -7.248  0.295   -2.584  1.00 21.84 ? 238  ILE A CG2 1 
ATOM   545 C CD1 . ILE A 1 78  ? -6.125  1.439   -5.169  1.00 21.47 ? 238  ILE A CD1 1 
ATOM   546 N N   . GLU A 1 79  ? -9.743  -2.177  -2.057  1.00 25.89 ? 239  GLU A N   1 
ATOM   547 C CA  . GLU A 1 79  ? -10.959 -2.256  -1.241  1.00 28.14 ? 239  GLU A CA  1 
ATOM   548 C C   . GLU A 1 79  ? -11.158 -1.036  -0.336  1.00 28.44 ? 239  GLU A C   1 
ATOM   549 O O   . GLU A 1 79  ? -10.707 -1.019  0.801   1.00 27.78 ? 239  GLU A O   1 
ATOM   550 C CB  . GLU A 1 79  ? -10.910 -3.531  -0.399  1.00 31.97 ? 239  GLU A CB  1 
ATOM   551 C CG  . GLU A 1 79  ? -10.643 -4.783  -1.224  1.00 37.69 ? 239  GLU A CG  1 
ATOM   552 C CD  . GLU A 1 79  ? -11.900 -5.379  -1.834  1.00 44.42 ? 239  GLU A CD  1 
ATOM   553 O OE1 . GLU A 1 79  ? -12.522 -4.744  -2.731  1.00 44.97 ? 239  GLU A OE1 1 
ATOM   554 O OE2 . GLU A 1 79  ? -12.262 -6.508  -1.395  1.00 48.94 ? 239  GLU A OE2 1 
ATOM   555 N N   . LEU A 1 80  ? -11.828 -0.023  -0.869  1.00 28.08 ? 240  LEU A N   1 
ATOM   556 C CA  . LEU A 1 80  ? -12.110 1.214   -0.151  1.00 29.78 ? 240  LEU A CA  1 
ATOM   557 C C   . LEU A 1 80  ? -13.633 1.355   -0.099  1.00 30.79 ? 240  LEU A C   1 
ATOM   558 O O   . LEU A 1 80  ? -14.339 0.603   -0.770  1.00 29.43 ? 240  LEU A O   1 
ATOM   559 C CB  . LEU A 1 80  ? -11.527 2.417   -0.910  1.00 27.51 ? 240  LEU A CB  1 
ATOM   560 C CG  . LEU A 1 80  ? -10.023 2.400   -1.193  1.00 27.62 ? 240  LEU A CG  1 
ATOM   561 C CD1 . LEU A 1 80  ? -9.662  3.577   -2.084  1.00 27.13 ? 240  LEU A CD1 1 
ATOM   562 C CD2 . LEU A 1 80  ? -9.248  2.452   0.124   1.00 24.85 ? 240  LEU A CD2 1 
ATOM   563 N N   . GLU A 1 81  ? -14.127 2.323   0.674   1.00 32.52 ? 241  GLU A N   1 
ATOM   564 C CA  . GLU A 1 81  ? -15.563 2.569   0.773   1.00 33.68 ? 241  GLU A CA  1 
ATOM   565 C C   . GLU A 1 81  ? -16.138 2.506   -0.631  1.00 34.97 ? 241  GLU A C   1 
ATOM   566 O O   . GLU A 1 81  ? -17.139 1.848   -0.872  1.00 35.32 ? 241  GLU A O   1 
ATOM   567 C CB  . GLU A 1 81  ? -15.821 3.949   1.381   1.00 33.99 ? 241  GLU A CB  1 
ATOM   568 C CG  . GLU A 1 81  ? -15.702 3.945   2.891   1.00 36.35 ? 241  GLU A CG  1 
ATOM   569 C CD  . GLU A 1 81  ? -16.050 5.285   3.531   1.00 37.86 ? 241  GLU A CD  1 
ATOM   570 O OE1 . GLU A 1 81  ? -16.262 5.300   4.765   1.00 39.50 ? 241  GLU A OE1 1 
ATOM   571 O OE2 . GLU A 1 81  ? -16.090 6.309   2.814   1.00 38.11 ? 241  GLU A OE2 1 
ATOM   572 N N   . LYS A 1 82  ? -15.510 3.227   -1.552  1.00 34.28 ? 242  LYS A N   1 
ATOM   573 C CA  . LYS A 1 82  ? -15.917 3.192   -2.945  1.00 34.90 ? 242  LYS A CA  1 
ATOM   574 C C   . LYS A 1 82  ? -14.720 2.534   -3.640  1.00 33.75 ? 242  LYS A C   1 
ATOM   575 O O   . LYS A 1 82  ? -13.723 3.195   -3.934  1.00 32.58 ? 242  LYS A O   1 
ATOM   576 C CB  . LYS A 1 82  ? -16.143 4.596   -3.474  1.00 37.05 ? 242  LYS A CB  1 
ATOM   577 C CG  . LYS A 1 82  ? -17.427 5.236   -2.962  1.00 42.97 ? 242  LYS A CG  1 
ATOM   578 C CD  . LYS A 1 82  ? -17.552 6.671   -3.460  1.00 46.74 ? 242  LYS A CD  1 
ATOM   579 C CE  . LYS A 1 82  ? -18.854 7.324   -2.989  1.00 49.25 ? 242  LYS A CE  1 
ATOM   580 N NZ  . LYS A 1 82  ? -18.931 8.762   -3.427  1.00 50.91 ? 242  LYS A NZ  1 
ATOM   581 N N   . PRO A 1 83  ? -14.793 1.217   -3.864  1.00 33.43 ? 243  PRO A N   1 
ATOM   582 C CA  . PRO A 1 83  ? -13.703 0.479   -4.516  1.00 33.11 ? 243  PRO A CA  1 
ATOM   583 C C   . PRO A 1 83  ? -13.217 1.082   -5.835  1.00 31.88 ? 243  PRO A C   1 
ATOM   584 O O   . PRO A 1 83  ? -13.993 1.643   -6.617  1.00 31.06 ? 243  PRO A O   1 
ATOM   585 C CB  . PRO A 1 83  ? -14.269 -0.939  -4.662  1.00 34.14 ? 243  PRO A CB  1 
ATOM   586 C CG  . PRO A 1 83  ? -15.760 -0.754  -4.539  1.00 36.82 ? 243  PRO A CG  1 
ATOM   587 C CD  . PRO A 1 83  ? -15.902 0.320   -3.515  1.00 34.66 ? 243  PRO A CD  1 
ATOM   588 N N   . VAL A 1 84  ? -11.913 0.965   -6.060  1.00 30.62 ? 244  VAL A N   1 
ATOM   589 C CA  . VAL A 1 84  ? -11.251 1.495   -7.253  1.00 30.02 ? 244  VAL A CA  1 
ATOM   590 C C   . VAL A 1 84  ? -10.561 0.334   -7.958  1.00 28.76 ? 244  VAL A C   1 
ATOM   591 O O   . VAL A 1 84  ? -9.864  -0.439  -7.301  1.00 27.32 ? 244  VAL A O   1 
ATOM   592 C CB  . VAL A 1 84  ? -10.219 2.565   -6.822  1.00 30.48 ? 244  VAL A CB  1 
ATOM   593 C CG1 . VAL A 1 84  ? -9.313  2.956   -7.956  1.00 31.53 ? 244  VAL A CG1 1 
ATOM   594 C CG2 . VAL A 1 84  ? -10.973 3.805   -6.335  1.00 33.13 ? 244  VAL A CG2 1 
ATOM   595 N N   . THR A 1 85  ? -10.760 0.209   -9.278  1.00 26.93 ? 245  THR A N   1 
ATOM   596 C CA  . THR A 1 85  ? -10.140 -0.873  -10.055 1.00 27.21 ? 245  THR A CA  1 
ATOM   597 C C   . THR A 1 85  ? -9.157  -0.339  -11.102 1.00 26.24 ? 245  THR A C   1 
ATOM   598 O O   . THR A 1 85  ? -9.483  0.538   -11.908 1.00 25.14 ? 245  THR A O   1 
ATOM   599 C CB  . THR A 1 85  ? -11.209 -1.760  -10.722 1.00 27.31 ? 245  THR A CB  1 
ATOM   600 O OG1 . THR A 1 85  ? -12.079 -2.263  -9.705  1.00 27.46 ? 245  THR A OG1 1 
ATOM   601 C CG2 . THR A 1 85  ? -10.566 -2.950  -11.429 1.00 25.99 ? 245  THR A CG2 1 
ATOM   602 N N   . LEU A 1 86  ? -7.942  -0.885  -11.058 1.00 26.76 ? 246  LEU A N   1 
ATOM   603 C CA  . LEU A 1 86  ? -6.840  -0.469  -11.920 1.00 25.40 ? 246  LEU A CA  1 
ATOM   604 C C   . LEU A 1 86  ? -6.200  -1.699  -12.563 1.00 25.47 ? 246  LEU A C   1 
ATOM   605 O O   . LEU A 1 86  ? -6.246  -2.782  -11.997 1.00 23.34 ? 246  LEU A O   1 
ATOM   606 C CB  . LEU A 1 86  ? -5.834  0.287   -11.066 1.00 27.27 ? 246  LEU A CB  1 
ATOM   607 C CG  . LEU A 1 86  ? -6.480  1.455   -10.301 1.00 27.59 ? 246  LEU A CG  1 
ATOM   608 C CD1 . LEU A 1 86  ? -5.645  1.849   -9.115  1.00 28.11 ? 246  LEU A CD1 1 
ATOM   609 C CD2 . LEU A 1 86  ? -6.645  2.626   -11.222 1.00 27.90 ? 246  LEU A CD2 1 
ATOM   610 N N   . PRO A 1 87  ? -5.560  -1.527  -13.738 1.00 25.59 ? 247  PRO A N   1 
ATOM   611 C CA  . PRO A 1 87  ? -4.934  -2.631  -14.468 1.00 25.56 ? 247  PRO A CA  1 
ATOM   612 C C   . PRO A 1 87  ? -3.652  -3.282  -13.963 1.00 26.76 ? 247  PRO A C   1 
ATOM   613 O O   . PRO A 1 87  ? -3.376  -4.419  -14.321 1.00 27.20 ? 247  PRO A O   1 
ATOM   614 C CB  . PRO A 1 87  ? -4.802  -2.074  -15.901 1.00 25.39 ? 247  PRO A CB  1 
ATOM   615 C CG  . PRO A 1 87  ? -4.573  -0.621  -15.679 1.00 27.11 ? 247  PRO A CG  1 
ATOM   616 C CD  . PRO A 1 87  ? -5.395  -0.239  -14.451 1.00 25.18 ? 247  PRO A CD  1 
ATOM   617 N N   . ASN A 1 88  ? -2.882  -2.607  -13.119 1.00 22.73 ? 248  ASN A N   1 
ATOM   618 C CA  . ASN A 1 88  ? -1.654  -3.228  -12.646 1.00 23.52 ? 248  ASN A CA  1 
ATOM   619 C C   . ASN A 1 88  ? -1.227  -2.616  -11.319 1.00 22.19 ? 248  ASN A C   1 
ATOM   620 O O   . ASN A 1 88  ? -1.815  -1.643  -10.850 1.00 22.63 ? 248  ASN A O   1 
ATOM   621 C CB  . ASN A 1 88  ? -0.549  -3.094  -13.707 1.00 23.87 ? 248  ASN A CB  1 
ATOM   622 C CG  . ASN A 1 88  ? -0.295  -1.673  -14.099 1.00 26.45 ? 248  ASN A CG  1 
ATOM   623 O OD1 . ASN A 1 88  ? 0.155   -0.861  -13.290 1.00 24.27 ? 248  ASN A OD1 1 
ATOM   624 N ND2 . ASN A 1 88  ? -0.580  -1.346  -15.360 1.00 27.26 ? 248  ASN A ND2 1 
ATOM   625 N N   . LEU A 1 89  ? -0.201  -3.189  -10.712 1.00 23.56 ? 249  LEU A N   1 
ATOM   626 C CA  . LEU A 1 89  ? 0.213   -2.725  -9.409  1.00 21.70 ? 249  LEU A CA  1 
ATOM   627 C C   . LEU A 1 89  ? 0.926   -1.382  -9.414  1.00 22.35 ? 249  LEU A C   1 
ATOM   628 O O   . LEU A 1 89  ? 0.910   -0.696  -8.400  1.00 20.54 ? 249  LEU A O   1 
ATOM   629 C CB  . LEU A 1 89  ? 1.031   -3.809  -8.724  1.00 19.34 ? 249  LEU A CB  1 
ATOM   630 C CG  . LEU A 1 89  ? 0.238   -5.103  -8.472  1.00 20.59 ? 249  LEU A CG  1 
ATOM   631 C CD1 . LEU A 1 89  ? 1.221   -6.179  -8.012  1.00 21.61 ? 249  LEU A CD1 1 
ATOM   632 C CD2 . LEU A 1 89  ? -0.897  -4.887  -7.429  1.00 21.71 ? 249  LEU A CD2 1 
ATOM   633 N N   . PHE A 1 90  ? 1.545   -0.995  -10.532 1.00 20.28 ? 250  PHE A N   1 
ATOM   634 C CA  . PHE A 1 90  ? 2.180   0.322   -10.579 1.00 21.97 ? 250  PHE A CA  1 
ATOM   635 C C   . PHE A 1 90  ? 1.045   1.356   -10.505 1.00 21.79 ? 250  PHE A C   1 
ATOM   636 O O   . PHE A 1 90  ? 1.171   2.381   -9.832  1.00 22.30 ? 250  PHE A O   1 
ATOM   637 C CB  . PHE A 1 90  ? 2.944   0.527   -11.891 1.00 21.99 ? 250  PHE A CB  1 
ATOM   638 C CG  . PHE A 1 90  ? 4.128   -0.385  -12.060 1.00 20.62 ? 250  PHE A CG  1 
ATOM   639 C CD1 . PHE A 1 90  ? 4.190   -1.274  -13.127 1.00 20.87 ? 250  PHE A CD1 1 
ATOM   640 C CD2 . PHE A 1 90  ? 5.202   -0.329  -11.173 1.00 21.82 ? 250  PHE A CD2 1 
ATOM   641 C CE1 . PHE A 1 90  ? 5.333   -2.101  -13.321 1.00 21.00 ? 250  PHE A CE1 1 
ATOM   642 C CE2 . PHE A 1 90  ? 6.339   -1.147  -11.352 1.00 22.32 ? 250  PHE A CE2 1 
ATOM   643 C CZ  . PHE A 1 90  ? 6.399   -2.033  -12.442 1.00 21.26 ? 250  PHE A CZ  1 
ATOM   644 N N   . SER A 1 91  ? -0.054  1.067   -11.209 1.00 22.11 ? 251  SER A N   1 
ATOM   645 C CA  . SER A 1 91  ? -1.218  1.938   -11.232 1.00 22.51 ? 251  SER A CA  1 
ATOM   646 C C   . SER A 1 91  ? -1.786  2.077   -9.807  1.00 21.68 ? 251  SER A C   1 
ATOM   647 O O   . SER A 1 91  ? -2.192  3.168   -9.400  1.00 24.11 ? 251  SER A O   1 
ATOM   648 C CB  . SER A 1 91  ? -2.294  1.357   -12.161 1.00 26.79 ? 251  SER A CB  1 
ATOM   649 O OG  . SER A 1 91  ? -3.304  2.335   -12.397 1.00 34.33 ? 251  SER A OG  1 
ATOM   650 N N   . VAL A 1 92  ? -1.818  0.977   -9.056  1.00 20.44 ? 252  VAL A N   1 
ATOM   651 C CA  . VAL A 1 92  ? -2.324  1.017   -7.669  1.00 21.44 ? 252  VAL A CA  1 
ATOM   652 C C   . VAL A 1 92  ? -1.466  1.949   -6.804  1.00 22.07 ? 252  VAL A C   1 
ATOM   653 O O   . VAL A 1 92  ? -1.994  2.739   -6.021  1.00 21.56 ? 252  VAL A O   1 
ATOM   654 C CB  . VAL A 1 92  ? -2.357  -0.401  -7.041  1.00 22.18 ? 252  VAL A CB  1 
ATOM   655 C CG1 . VAL A 1 92  ? -2.646  -0.329  -5.510  1.00 21.03 ? 252  VAL A CG1 1 
ATOM   656 C CG2 . VAL A 1 92  ? -3.405  -1.244  -7.776  1.00 21.33 ? 252  VAL A CG2 1 
ATOM   657 N N   . ILE A 1 93  ? -0.141  1.858   -6.937  1.00 21.89 ? 253  ILE A N   1 
ATOM   658 C CA  . ILE A 1 93  ? 0.756   2.732   -6.167  1.00 21.68 ? 253  ILE A CA  1 
ATOM   659 C C   . ILE A 1 93  ? 0.505   4.197   -6.592  1.00 22.03 ? 253  ILE A C   1 
ATOM   660 O O   . ILE A 1 93  ? 0.422   5.082   -5.733  1.00 21.07 ? 253  ILE A O   1 
ATOM   661 C CB  . ILE A 1 93  ? 2.282   2.373   -6.389  1.00 21.13 ? 253  ILE A CB  1 
ATOM   662 C CG1 . ILE A 1 93  ? 2.591   0.946   -5.894  1.00 20.17 ? 253  ILE A CG1 1 
ATOM   663 C CG2 . ILE A 1 93  ? 3.161   3.389   -5.699  1.00 20.70 ? 253  ILE A CG2 1 
ATOM   664 C CD1 . ILE A 1 93  ? 2.057   0.591   -4.490  1.00 21.25 ? 253  ILE A CD1 1 
ATOM   665 N N   . ASP A 1 94  ? 0.382   4.446   -7.899  1.00 21.12 ? 254  ASP A N   1 
ATOM   666 C CA  . ASP A 1 94  ? 0.111   5.797   -8.407  1.00 20.78 ? 254  ASP A CA  1 
ATOM   667 C C   . ASP A 1 94  ? -1.188  6.338   -7.780  1.00 21.39 ? 254  ASP A C   1 
ATOM   668 O O   . ASP A 1 94  ? -1.241  7.493   -7.348  1.00 20.69 ? 254  ASP A O   1 
ATOM   669 C CB  . ASP A 1 94  ? 0.008   5.787   -9.941  1.00 22.11 ? 254  ASP A CB  1 
ATOM   670 C CG  . ASP A 1 94  ? -0.442  7.134   -10.515 1.00 21.50 ? 254  ASP A CG  1 
ATOM   671 O OD1 . ASP A 1 94  ? -1.657  7.337   -10.710 1.00 22.87 ? 254  ASP A OD1 1 
ATOM   672 O OD2 . ASP A 1 94  ? 0.417   7.996   -10.761 1.00 22.78 ? 254  ASP A OD2 1 
ATOM   673 N N   . TYR A 1 95  ? -2.212  5.489   -7.688  1.00 20.49 ? 255  TYR A N   1 
ATOM   674 C CA  . TYR A 1 95  ? -3.472  5.903   -7.089  1.00 22.42 ? 255  TYR A CA  1 
ATOM   675 C C   . TYR A 1 95  ? -3.318  6.276   -5.607  1.00 22.67 ? 255  TYR A C   1 
ATOM   676 O O   . TYR A 1 95  ? -3.894  7.267   -5.161  1.00 23.86 ? 255  TYR A O   1 
ATOM   677 C CB  . TYR A 1 95  ? -4.548  4.818   -7.231  1.00 22.65 ? 255  TYR A CB  1 
ATOM   678 C CG  . TYR A 1 95  ? -5.852  5.229   -6.548  1.00 24.90 ? 255  TYR A CG  1 
ATOM   679 C CD1 . TYR A 1 95  ? -6.092  4.898   -5.212  1.00 27.75 ? 255  TYR A CD1 1 
ATOM   680 C CD2 . TYR A 1 95  ? -6.802  6.014   -7.214  1.00 28.52 ? 255  TYR A CD2 1 
ATOM   681 C CE1 . TYR A 1 95  ? -7.235  5.335   -4.548  1.00 27.48 ? 255  TYR A CE1 1 
ATOM   682 C CE2 . TYR A 1 95  ? -7.964  6.464   -6.558  1.00 27.45 ? 255  TYR A CE2 1 
ATOM   683 C CZ  . TYR A 1 95  ? -8.161  6.113   -5.220  1.00 28.86 ? 255  TYR A CZ  1 
ATOM   684 O OH  . TYR A 1 95  ? -9.266  6.549   -4.538  1.00 28.99 ? 255  TYR A OH  1 
ATOM   685 N N   . PHE A 1 96  ? -2.566  5.489   -4.836  1.00 21.61 ? 256  PHE A N   1 
ATOM   686 C CA  . PHE A 1 96  ? -2.366  5.821   -3.416  1.00 21.67 ? 256  PHE A CA  1 
ATOM   687 C C   . PHE A 1 96  ? -1.656  7.172   -3.240  1.00 22.89 ? 256  PHE A C   1 
ATOM   688 O O   . PHE A 1 96  ? -1.984  7.956   -2.335  1.00 21.06 ? 256  PHE A O   1 
ATOM   689 C CB  . PHE A 1 96  ? -1.561  4.725   -2.711  1.00 20.74 ? 256  PHE A CB  1 
ATOM   690 C CG  . PHE A 1 96  ? -2.415  3.623   -2.135  1.00 23.72 ? 256  PHE A CG  1 
ATOM   691 C CD1 . PHE A 1 96  ? -2.992  2.660   -2.964  1.00 23.12 ? 256  PHE A CD1 1 
ATOM   692 C CD2 . PHE A 1 96  ? -2.674  3.573   -0.758  1.00 24.32 ? 256  PHE A CD2 1 
ATOM   693 C CE1 . PHE A 1 96  ? -3.818  1.656   -2.438  1.00 26.63 ? 256  PHE A CE1 1 
ATOM   694 C CE2 . PHE A 1 96  ? -3.502  2.572   -0.216  1.00 25.57 ? 256  PHE A CE2 1 
ATOM   695 C CZ  . PHE A 1 96  ? -4.074  1.611   -1.057  1.00 23.11 ? 256  PHE A CZ  1 
ATOM   696 N N   . VAL A 1 97  ? -0.687  7.448   -4.111  1.00 20.41 ? 257  VAL A N   1 
ATOM   697 C CA  . VAL A 1 97  ? 0.061   8.694   -4.032  1.00 22.07 ? 257  VAL A CA  1 
ATOM   698 C C   . VAL A 1 97  ? -0.873  9.850   -4.412  1.00 22.04 ? 257  VAL A C   1 
ATOM   699 O O   . VAL A 1 97  ? -0.975  10.851  -3.699  1.00 23.12 ? 257  VAL A O   1 
ATOM   700 C CB  . VAL A 1 97  ? 1.317   8.663   -4.993  1.00 21.62 ? 257  VAL A CB  1 
ATOM   701 C CG1 . VAL A 1 97  ? 1.972   10.039  -5.072  1.00 23.24 ? 257  VAL A CG1 1 
ATOM   702 C CG2 . VAL A 1 97  ? 2.348   7.633   -4.501  1.00 22.40 ? 257  VAL A CG2 1 
ATOM   703 N N   . LYS A 1 98  ? -1.563  9.691   -5.533  1.00 23.60 ? 258  LYS A N   1 
ATOM   704 C CA  . LYS A 1 98  ? -2.468  10.721  -6.027  1.00 26.36 ? 258  LYS A CA  1 
ATOM   705 C C   . LYS A 1 98  ? -3.617  11.028  -5.054  1.00 23.84 ? 258  LYS A C   1 
ATOM   706 O O   . LYS A 1 98  ? -3.849  12.189  -4.726  1.00 23.96 ? 258  LYS A O   1 
ATOM   707 C CB  . LYS A 1 98  ? -3.026  10.307  -7.385  1.00 27.27 ? 258  LYS A CB  1 
ATOM   708 C CG  . LYS A 1 98  ? -3.953  11.337  -8.000  1.00 34.84 ? 258  LYS A CG  1 
ATOM   709 C CD  . LYS A 1 98  ? -4.265  10.982  -9.457  1.00 38.15 ? 258  LYS A CD  1 
ATOM   710 C CE  . LYS A 1 98  ? -4.904  9.611   -9.565  1.00 40.54 ? 258  LYS A CE  1 
ATOM   711 N NZ  . LYS A 1 98  ? -5.242  9.284   -10.990 1.00 43.48 ? 258  LYS A NZ  1 
ATOM   712 N N   . GLU A 1 99  ? -4.299  9.990   -4.576  1.00 22.75 ? 259  GLU A N   1 
ATOM   713 C CA  . GLU A 1 99  ? -5.431  10.148  -3.667  1.00 23.86 ? 259  GLU A CA  1 
ATOM   714 C C   . GLU A 1 99  ? -5.051  10.822  -2.335  1.00 25.67 ? 259  GLU A C   1 
ATOM   715 O O   . GLU A 1 99  ? -5.871  11.536  -1.743  1.00 25.32 ? 259  GLU A O   1 
ATOM   716 C CB  . GLU A 1 99  ? -6.087  8.783   -3.413  1.00 25.57 ? 259  GLU A CB  1 
ATOM   717 C CG  . GLU A 1 99  ? -7.380  8.782   -2.566  1.00 26.72 ? 259  GLU A CG  1 
ATOM   718 C CD  . GLU A 1 99  ? -8.574  9.482   -3.243  1.00 28.94 ? 259  GLU A CD  1 
ATOM   719 O OE1 . GLU A 1 99  ? -8.442  9.947   -4.401  1.00 30.26 ? 259  GLU A OE1 1 
ATOM   720 O OE2 . GLU A 1 99  ? -9.647  9.563   -2.599  1.00 29.67 ? 259  GLU A OE2 1 
ATOM   721 N N   . THR A 1 100 ? -3.812  10.620  -1.870  1.00 24.50 ? 260  THR A N   1 
ATOM   722 C CA  . THR A 1 100 ? -3.353  11.241  -0.625  1.00 25.16 ? 260  THR A CA  1 
ATOM   723 C C   . THR A 1 100 ? -2.573  12.523  -0.923  1.00 24.66 ? 260  THR A C   1 
ATOM   724 O O   . THR A 1 100 ? -1.868  13.052  -0.071  1.00 26.17 ? 260  THR A O   1 
ATOM   725 C CB  . THR A 1 100 ? -2.459  10.301  0.204   1.00 23.47 ? 260  THR A CB  1 
ATOM   726 O OG1 . THR A 1 100 ? -1.274  9.976   -0.544  1.00 22.46 ? 260  THR A OG1 1 
ATOM   727 C CG2 . THR A 1 100 ? -3.240  9.038   0.591   1.00 22.13 ? 260  THR A CG2 1 
ATOM   728 N N   . ARG A 1 101 ? -2.711  13.006  -2.147  1.00 26.00 ? 261  ARG A N   1 
ATOM   729 C CA  . ARG A 1 101 ? -2.051  14.232  -2.582  1.00 27.10 ? 261  ARG A CA  1 
ATOM   730 C C   . ARG A 1 101 ? -0.553  14.275  -2.313  1.00 27.93 ? 261  ARG A C   1 
ATOM   731 O O   . ARG A 1 101 ? -0.028  15.327  -1.934  1.00 26.82 ? 261  ARG A O   1 
ATOM   732 C CB  . ARG A 1 101 ? -2.719  15.458  -1.930  1.00 26.75 ? 261  ARG A CB  1 
ATOM   733 C CG  . ARG A 1 101 ? -4.163  15.643  -2.332  1.00 25.84 ? 261  ARG A CG  1 
ATOM   734 C CD  . ARG A 1 101 ? -4.819  16.830  -1.632  1.00 27.44 ? 261  ARG A CD  1 
ATOM   735 N NE  . ARG A 1 101 ? -6.178  17.043  -2.128  1.00 28.14 ? 261  ARG A NE  1 
ATOM   736 C CZ  . ARG A 1 101 ? -7.202  17.437  -1.383  1.00 29.00 ? 261  ARG A CZ  1 
ATOM   737 N NH1 . ARG A 1 101 ? -7.045  17.671  -0.085  1.00 24.88 ? 261  ARG A NH1 1 
ATOM   738 N NH2 . ARG A 1 101 ? -8.391  17.592  -1.948  1.00 28.73 ? 261  ARG A NH2 1 
ATOM   739 N N   . GLY A 1 102 ? 0.133   13.144  -2.490  1.00 27.36 ? 262  GLY A N   1 
ATOM   740 C CA  . GLY A 1 102 ? 1.575   13.132  -2.300  1.00 25.96 ? 262  GLY A CA  1 
ATOM   741 C C   . GLY A 1 102 ? 2.054   12.836  -0.897  1.00 28.35 ? 262  GLY A C   1 
ATOM   742 O O   . GLY A 1 102 ? 3.258   12.794  -0.640  1.00 29.88 ? 262  GLY A O   1 
ATOM   743 N N   . ASN A 1 103 ? 1.122   12.618  0.024   1.00 29.17 ? 263  ASN A N   1 
ATOM   744 C CA  . ASN A 1 103 ? 1.502   12.345  1.406   1.00 28.80 ? 263  ASN A CA  1 
ATOM   745 C C   . ASN A 1 103 ? 2.132   10.956  1.506   1.00 28.34 ? 263  ASN A C   1 
ATOM   746 O O   . ASN A 1 103 ? 3.043   10.730  2.313   1.00 27.96 ? 263  ASN A O   1 
ATOM   747 C CB  . ASN A 1 103 ? 0.286   12.463  2.328   1.00 28.86 ? 263  ASN A CB  1 
ATOM   748 C CG  . ASN A 1 103 ? 0.648   12.288  3.807   1.00 32.03 ? 263  ASN A CG  1 
ATOM   749 O OD1 . ASN A 1 103 ? 0.349   11.260  4.425   1.00 32.23 ? 263  ASN A OD1 1 
ATOM   750 N ND2 . ASN A 1 103 ? 1.305   13.287  4.370   1.00 33.29 ? 263  ASN A ND2 1 
ATOM   751 N N   . LEU A 1 104 ? 1.659   10.038  0.669   1.00 25.88 ? 264  LEU A N   1 
ATOM   752 C CA  . LEU A 1 104 ? 2.189   8.693   0.665   1.00 25.55 ? 264  LEU A CA  1 
ATOM   753 C C   . LEU A 1 104 ? 3.320   8.632   -0.346  1.00 24.59 ? 264  LEU A C   1 
ATOM   754 O O   . LEU A 1 104 ? 3.209   9.155   -1.450  1.00 24.59 ? 264  LEU A O   1 
ATOM   755 C CB  . LEU A 1 104 ? 1.089   7.666   0.340   1.00 22.97 ? 264  LEU A CB  1 
ATOM   756 C CG  . LEU A 1 104 ? -0.001  7.485   1.405   1.00 23.28 ? 264  LEU A CG  1 
ATOM   757 C CD1 . LEU A 1 104 ? -0.949  6.385   0.942   1.00 23.82 ? 264  LEU A CD1 1 
ATOM   758 C CD2 . LEU A 1 104 ? 0.588   7.114   2.772   1.00 24.06 ? 264  LEU A CD2 1 
ATOM   759 N N   . ARG A 1 105 ? 4.410   7.996   0.061   1.00 23.53 ? 265  ARG A N   1 
ATOM   760 C CA  . ARG A 1 105 ? 5.580   7.864   -0.775  1.00 25.28 ? 265  ARG A CA  1 
ATOM   761 C C   . ARG A 1 105 ? 6.091   6.432   -0.623  1.00 24.65 ? 265  ARG A C   1 
ATOM   762 O O   . ARG A 1 105 ? 6.279   5.925   0.488   1.00 24.19 ? 265  ARG A O   1 
ATOM   763 C CB  . ARG A 1 105 ? 6.654   8.887   -0.358  1.00 27.53 ? 265  ARG A CB  1 
ATOM   764 C CG  . ARG A 1 105 ? 6.271   10.402  -0.603  1.00 32.99 ? 265  ARG A CG  1 
ATOM   765 C CD  . ARG A 1 105 ? 5.885   10.720  -2.102  1.00 39.02 ? 265  ARG A CD  1 
ATOM   766 N NE  . ARG A 1 105 ? 5.570   12.145  -2.348  1.00 40.14 ? 265  ARG A NE  1 
ATOM   767 C CZ  . ARG A 1 105 ? 5.273   12.670  -3.542  1.00 40.95 ? 265  ARG A CZ  1 
ATOM   768 N NH1 . ARG A 1 105 ? 5.246   11.895  -4.617  1.00 41.07 ? 265  ARG A NH1 1 
ATOM   769 N NH2 . ARG A 1 105 ? 5.004   13.976  -3.666  1.00 39.86 ? 265  ARG A NH2 1 
ATOM   770 N N   . PRO A 1 106 ? 6.273   5.738   -1.754  1.00 26.25 ? 266  PRO A N   1 
ATOM   771 C CA  . PRO A 1 106 ? 6.763   4.360   -1.714  1.00 27.84 ? 266  PRO A CA  1 
ATOM   772 C C   . PRO A 1 106 ? 8.054   4.234   -0.904  1.00 27.69 ? 266  PRO A C   1 
ATOM   773 O O   . PRO A 1 106 ? 8.970   5.058   -1.018  1.00 28.76 ? 266  PRO A O   1 
ATOM   774 C CB  . PRO A 1 106 ? 6.966   4.009   -3.200  1.00 27.84 ? 266  PRO A CB  1 
ATOM   775 C CG  . PRO A 1 106 ? 7.136   5.355   -3.847  1.00 30.03 ? 266  PRO A CG  1 
ATOM   776 C CD  . PRO A 1 106 ? 6.066   6.173   -3.140  1.00 26.42 ? 266  PRO A CD  1 
ATOM   777 N N   . PHE A 1 107 ? 8.093   3.210   -0.067  1.00 27.44 ? 267  PHE A N   1 
ATOM   778 C CA  . PHE A 1 107 ? 9.257   2.918   0.759   1.00 28.13 ? 267  PHE A CA  1 
ATOM   779 C C   . PHE A 1 107 ? 10.346  2.289   -0.139  1.00 28.56 ? 267  PHE A C   1 
ATOM   780 O O   . PHE A 1 107 ? 10.163  1.198   -0.681  1.00 28.12 ? 267  PHE A O   1 
ATOM   781 C CB  . PHE A 1 107 ? 8.834   1.958   1.875   1.00 26.63 ? 267  PHE A CB  1 
ATOM   782 C CG  . PHE A 1 107 ? 9.941   1.626   2.844   1.00 30.64 ? 267  PHE A CG  1 
ATOM   783 C CD1 . PHE A 1 107 ? 10.686  0.461   2.699   1.00 30.68 ? 267  PHE A CD1 1 
ATOM   784 C CD2 . PHE A 1 107 ? 10.250  2.496   3.889   1.00 31.58 ? 267  PHE A CD2 1 
ATOM   785 C CE1 . PHE A 1 107 ? 11.736  0.153   3.580   1.00 31.80 ? 267  PHE A CE1 1 
ATOM   786 C CE2 . PHE A 1 107 ? 11.303  2.204   4.787   1.00 32.10 ? 267  PHE A CE2 1 
ATOM   787 C CZ  . PHE A 1 107 ? 12.040  1.034   4.628   1.00 32.02 ? 267  PHE A CZ  1 
ATOM   788 N N   . ILE A 1 108 ? 11.451  3.006   -0.322  1.00 29.89 ? 268  ILE A N   1 
ATOM   789 C CA  . ILE A 1 108 ? 12.556  2.536   -1.158  1.00 32.34 ? 268  ILE A CA  1 
ATOM   790 C C   . ILE A 1 108 ? 13.682  2.136   -0.199  1.00 35.28 ? 268  ILE A C   1 
ATOM   791 O O   . ILE A 1 108 ? 14.412  2.986   0.301   1.00 34.77 ? 268  ILE A O   1 
ATOM   792 C CB  . ILE A 1 108 ? 13.035  3.654   -2.118  1.00 30.48 ? 268  ILE A CB  1 
ATOM   793 C CG1 . ILE A 1 108 ? 11.871  4.176   -2.958  1.00 29.97 ? 268  ILE A CG1 1 
ATOM   794 C CG2 . ILE A 1 108 ? 14.138  3.126   -3.028  1.00 33.38 ? 268  ILE A CG2 1 
ATOM   795 C CD1 . ILE A 1 108 ? 11.247  3.123   -3.898  1.00 26.70 ? 268  ILE A CD1 1 
ATOM   796 N N   . ALA A 1 109 ? 13.798  0.837   0.072   1.00 38.95 ? 269  ALA A N   1 
ATOM   797 C CA  . ALA A 1 109 ? 14.796  0.338   1.008   1.00 43.61 ? 269  ALA A CA  1 
ATOM   798 C C   . ALA A 1 109 ? 16.230  0.383   0.493   1.00 46.33 ? 269  ALA A C   1 
ATOM   799 O O   . ALA A 1 109 ? 16.429  0.288   -0.739  1.00 49.07 ? 269  ALA A O   1 
ATOM   800 C CB  . ALA A 1 109 ? 14.438  -1.078  1.425   1.00 44.97 ? 269  ALA A CB  1 
ATOM   801 N N   . ASN B 2 2   ? -7.202  -10.356 11.050  1.00 50.44 ? 134  ASN B N   1 
ATOM   802 C CA  . ASN B 2 2   ? -6.638  -8.994  10.800  1.00 49.82 ? 134  ASN B CA  1 
ATOM   803 C C   . ASN B 2 2   ? -7.647  -8.002  10.231  1.00 48.30 ? 134  ASN B C   1 
ATOM   804 O O   . ASN B 2 2   ? -8.500  -8.352  9.406   1.00 48.69 ? 134  ASN B O   1 
ATOM   805 C CB  . ASN B 2 2   ? -5.439  -9.074  9.854   1.00 51.38 ? 134  ASN B CB  1 
ATOM   806 C CG  . ASN B 2 2   ? -4.180  -9.547  10.551  1.00 52.89 ? 134  ASN B CG  1 
ATOM   807 O OD1 . ASN B 2 2   ? -3.963  -9.256  11.731  1.00 53.68 ? 134  ASN B OD1 1 
ATOM   808 N ND2 . ASN B 2 2   ? -3.328  -10.257 9.818   1.00 52.73 ? 134  ASN B ND2 1 
ATOM   809 N N   . SER B 2 3   ? -7.539  -6.755  10.675  1.00 46.20 ? 135  SER B N   1 
ATOM   810 C CA  . SER B 2 3   ? -8.439  -5.707  10.214  1.00 43.73 ? 135  SER B CA  1 
ATOM   811 C C   . SER B 2 3   ? -7.732  -4.731  9.275   1.00 40.76 ? 135  SER B C   1 
ATOM   812 O O   . SER B 2 3   ? -6.527  -4.461  9.402   1.00 39.63 ? 135  SER B O   1 
ATOM   813 C CB  . SER B 2 3   ? -9.030  -4.941  11.407  1.00 45.27 ? 135  SER B CB  1 
ATOM   814 O OG  . SER B 2 3   ? -8.021  -4.272  12.148  1.00 46.20 ? 135  SER B OG  1 
HETATM 815 N N   . PTR B 2 4   ? -8.516  -4.198  8.346   1.00 37.81 ? 136  PTR B N   1 
HETATM 816 C CA  . PTR B 2 4   ? -8.045  -3.263  7.341   1.00 35.26 ? 136  PTR B CA  1 
HETATM 817 C C   . PTR B 2 4   ? -8.899  -1.991  7.289   1.00 34.10 ? 136  PTR B C   1 
HETATM 818 O O   . PTR B 2 4   ? -10.083 -2.006  7.646   1.00 32.45 ? 136  PTR B O   1 
HETATM 819 C CB  . PTR B 2 4   ? -8.088  -3.934  5.951   1.00 34.38 ? 136  PTR B CB  1 
HETATM 820 C CG  . PTR B 2 4   ? -7.157  -5.121  5.780   1.00 33.12 ? 136  PTR B CG  1 
HETATM 821 C CD1 . PTR B 2 4   ? -7.505  -6.386  6.258   1.00 34.47 ? 136  PTR B CD1 1 
HETATM 822 C CD2 . PTR B 2 4   ? -5.919  -4.972  5.146   1.00 33.41 ? 136  PTR B CD2 1 
HETATM 823 C CE1 . PTR B 2 4   ? -6.644  -7.474  6.107   1.00 34.40 ? 136  PTR B CE1 1 
HETATM 824 C CE2 . PTR B 2 4   ? -5.052  -6.043  4.990   1.00 34.17 ? 136  PTR B CE2 1 
HETATM 825 C CZ  . PTR B 2 4   ? -5.421  -7.299  5.470   1.00 36.08 ? 136  PTR B CZ  1 
HETATM 826 O OH  . PTR B 2 4   ? -4.642  -8.333  5.273   1.00 37.55 ? 136  PTR B OH  1 
HETATM 827 P P   . PTR B 2 4   ? -3.204  -8.623  5.959   1.00 37.88 ? 136  PTR B P   1 
HETATM 828 O O1P . PTR B 2 4   ? -3.334  -9.823  6.829   1.00 39.03 ? 136  PTR B O1P 1 
HETATM 829 O O2P . PTR B 2 4   ? -2.734  -7.471  6.778   1.00 36.73 ? 136  PTR B O2P 1 
HETATM 830 O O3P . PTR B 2 4   ? -2.207  -8.892  4.880   1.00 38.17 ? 136  PTR B O3P 1 
ATOM   831 N N   . GLU B 2 5   ? -8.283  -0.904  6.825   1.00 32.04 ? 137  GLU B N   1 
ATOM   832 C CA  . GLU B 2 5   ? -8.956  0.376   6.648   1.00 30.94 ? 137  GLU B CA  1 
ATOM   833 C C   . GLU B 2 5   ? -9.568  0.337   5.257   1.00 29.26 ? 137  GLU B C   1 
ATOM   834 O O   . GLU B 2 5   ? -9.101  -0.418  4.407   1.00 26.70 ? 137  GLU B O   1 
ATOM   835 C CB  . GLU B 2 5   ? -7.946  1.507   6.669   1.00 33.85 ? 137  GLU B CB  1 
ATOM   836 C CG  . GLU B 2 5   ? -7.053  1.479   7.857   1.00 41.02 ? 137  GLU B CG  1 
ATOM   837 C CD  . GLU B 2 5   ? -7.842  1.595   9.119   1.00 45.51 ? 137  GLU B CD  1 
ATOM   838 O OE1 . GLU B 2 5   ? -8.714  2.498   9.166   1.00 47.86 ? 137  GLU B OE1 1 
ATOM   839 O OE2 . GLU B 2 5   ? -7.600  0.791   10.053  1.00 49.16 ? 137  GLU B OE2 1 
ATOM   840 N N   . ASN B 2 6   ? -10.609 1.136   5.032   1.00 27.37 ? 138  ASN B N   1 
ATOM   841 C CA  . ASN B 2 6   ? -11.230 1.222   3.711   1.00 29.08 ? 138  ASN B CA  1 
ATOM   842 C C   . ASN B 2 6   ? -11.395 2.696   3.316   1.00 27.19 ? 138  ASN B C   1 
ATOM   843 O O   . ASN B 2 6   ? -12.145 3.043   2.413   1.00 27.23 ? 138  ASN B O   1 
ATOM   844 C CB  . ASN B 2 6   ? -12.573 0.471   3.659   1.00 29.00 ? 138  ASN B CB  1 
ATOM   845 C CG  . ASN B 2 6   ? -13.670 1.102   4.522   1.00 33.79 ? 138  ASN B CG  1 
ATOM   846 O OD1 . ASN B 2 6   ? -14.838 0.708   4.409   1.00 37.09 ? 138  ASN B OD1 1 
ATOM   847 N ND2 . ASN B 2 6   ? -13.316 2.060   5.373   1.00 29.45 ? 138  ASN B ND2 1 
ATOM   848 N N   . VAL B 2 7   ? -10.663 3.549   4.021   1.00 27.50 ? 139  VAL B N   1 
ATOM   849 C CA  . VAL B 2 7   ? -10.664 4.979   3.767   1.00 27.61 ? 139  VAL B CA  1 
ATOM   850 C C   . VAL B 2 7   ? -9.225  5.498   3.740   1.00 24.99 ? 139  VAL B C   1 
ATOM   851 O O   . VAL B 2 7   ? -8.453  5.271   4.686   1.00 26.12 ? 139  VAL B O   1 
ATOM   852 C CB  . VAL B 2 7   ? -11.419 5.741   4.882   1.00 28.94 ? 139  VAL B CB  1 
ATOM   853 C CG1 . VAL B 2 7   ? -11.366 7.233   4.597   1.00 30.48 ? 139  VAL B CG1 1 
ATOM   854 C CG2 . VAL B 2 7   ? -12.861 5.254   4.973   1.00 30.66 ? 139  VAL B CG2 1 
ATOM   855 N N   . LEU B 2 8   ? -8.867  6.173   2.650   1.00 25.25 ? 140  LEU B N   1 
ATOM   856 C CA  . LEU B 2 8   ? -7.548  6.778   2.487   1.00 26.86 ? 140  LEU B CA  1 
ATOM   857 C C   . LEU B 2 8   ? -7.681  8.247   2.908   1.00 27.27 ? 140  LEU B C   1 
ATOM   858 O O   . LEU B 2 8   ? -8.618  8.917   2.520   1.00 26.36 ? 140  LEU B O   1 
ATOM   859 C CB  . LEU B 2 8   ? -7.088  6.718   1.019   1.00 28.41 ? 140  LEU B CB  1 
ATOM   860 C CG  . LEU B 2 8   ? -6.332  5.454   0.601   1.00 31.72 ? 140  LEU B CG  1 
ATOM   861 C CD1 . LEU B 2 8   ? -6.078  5.476   -0.896  1.00 31.03 ? 140  LEU B CD1 1 
ATOM   862 C CD2 . LEU B 2 8   ? -5.012  5.397   1.391   1.00 31.54 ? 140  LEU B CD2 1 
ATOM   863 N N   . ILE B 2 9   ? -6.729  8.732   3.696   1.00 27.92 ? 141  ILE B N   1 
ATOM   864 C CA  . ILE B 2 9   ? -6.762  10.116  4.200   1.00 28.66 ? 141  ILE B CA  1 
ATOM   865 C C   . ILE B 2 9   ? -5.768  11.044  3.490   1.00 27.37 ? 141  ILE B C   1 
ATOM   866 O O   . ILE B 2 9   ? -4.608  10.687  3.308   1.00 28.71 ? 141  ILE B O   1 
ATOM   867 C CB  . ILE B 2 9   ? -6.445  10.123  5.741   1.00 29.04 ? 141  ILE B CB  1 
ATOM   868 C CG1 . ILE B 2 9   ? -7.555  9.407   6.511   1.00 28.90 ? 141  ILE B CG1 1 
ATOM   869 C CG2 . ILE B 2 9   ? -6.276  11.553  6.252   1.00 30.35 ? 141  ILE B CG2 1 
ATOM   870 C CD1 . ILE B 2 9   ? -8.889  10.057  6.338   1.00 29.08 ? 141  ILE B CD1 1 
ATOM   871 N N   . ALA B 2 10  ? -6.229  12.232  3.098   1.00 27.90 ? 142  ALA B N   1 
ATOM   872 C CA  . ALA B 2 10  ? -5.384  13.247  2.452   1.00 27.49 ? 142  ALA B CA  1 
ATOM   873 C C   . ALA B 2 10  ? -5.497  14.566  3.236   1.00 28.77 ? 142  ALA B C   1 
ATOM   874 O O   . ALA B 2 10  ? -6.516  14.816  3.884   1.00 28.44 ? 142  ALA B O   1 
ATOM   875 C CB  . ALA B 2 10  ? -5.836  13.476  0.999   1.00 27.11 ? 142  ALA B CB  1 
ATOM   876 N N   . LYS B 2 11  ? -4.456  15.391  3.192   1.00 29.46 ? 143  LYS B N   1 
ATOM   877 C CA  . LYS B 2 11  ? -4.493  16.703  3.829   1.00 31.46 ? 143  LYS B CA  1 
ATOM   878 C C   . LYS B 2 11  ? -4.958  17.665  2.729   1.00 30.94 ? 143  LYS B C   1 
ATOM   879 O O   . LYS B 2 11  ? -4.697  17.439  1.545   1.00 31.61 ? 143  LYS B O   1 
ATOM   880 C CB  . LYS B 2 11  ? -3.102  17.138  4.321   1.00 33.72 ? 143  LYS B CB  1 
ATOM   881 C CG  . LYS B 2 11  ? -2.545  16.285  5.446   1.00 36.76 ? 143  LYS B CG  1 
ATOM   882 C CD  . LYS B 2 11  ? -1.417  17.004  6.194   1.00 38.56 ? 143  LYS B CD  1 
ATOM   883 C CE  . LYS B 2 11  ? -0.087  16.865  5.477   1.00 41.63 ? 143  LYS B CE  1 
ATOM   884 N NZ  . LYS B 2 11  ? 1.043   17.392  6.304   1.00 42.35 ? 143  LYS B NZ  1 
HETATM 885 N N   . NH2 B 2 12  ? -5.655  18.734  3.104   1.00 31.63 ? 144  NH2 B N   1 
HETATM 886 C C1  . MLI C 3 .   ? 4.678   6.791   -8.129  0.50 45.19 ? 1001 MLI A C1  1 
HETATM 887 C C2  . MLI C 3 .   ? 4.773   5.419   -8.745  0.50 45.63 ? 1001 MLI A C2  1 
HETATM 888 C C3  . MLI C 3 .   ? 5.671   6.904   -7.001  0.50 45.19 ? 1001 MLI A C3  1 
HETATM 889 O O6  . MLI C 3 .   ? 5.573   4.608   -8.309  0.50 44.15 ? 1001 MLI A O6  1 
HETATM 890 O O7  . MLI C 3 .   ? 4.047   5.118   -9.677  0.50 48.30 ? 1001 MLI A O7  1 
HETATM 891 O O8  . MLI C 3 .   ? 6.389   5.958   -6.722  0.50 45.83 ? 1001 MLI A O8  1 
HETATM 892 O O9  . MLI C 3 .   ? 5.756   7.941   -6.365  0.50 46.75 ? 1001 MLI A O9  1 
HETATM 893 O O   . HOH D 4 .   ? 2.355   -9.919  4.112   1.00 27.00 ? 1    HOH A O   1 
HETATM 894 O O   . HOH D 4 .   ? 2.858   7.315   -11.693 1.00 20.30 ? 2    HOH A O   1 
HETATM 895 O O   . HOH D 4 .   ? 6.604   1.630   -5.638  1.00 23.10 ? 3    HOH A O   1 
HETATM 896 O O   . HOH D 4 .   ? -5.134  -9.485  -11.527 1.00 26.87 ? 5    HOH A O   1 
HETATM 897 O O   . HOH D 4 .   ? -2.778  9.317   -12.159 1.00 21.74 ? 6    HOH A O   1 
HETATM 898 O O   . HOH D 4 .   ? -4.976  6.861   5.081   1.00 30.18 ? 7    HOH A O   1 
HETATM 899 O O   . HOH D 4 .   ? 2.218   9.204   -8.776  1.00 26.42 ? 9    HOH A O   1 
HETATM 900 O O   . HOH D 4 .   ? 2.747   -3.129  -15.588 1.00 27.53 ? 10   HOH A O   1 
HETATM 901 O O   . HOH D 4 .   ? -10.107 -8.713  -16.534 1.00 28.61 ? 11   HOH A O   1 
HETATM 902 O O   . HOH D 4 .   ? 11.152  -3.768  -4.063  1.00 32.34 ? 12   HOH A O   1 
HETATM 903 O O   . HOH D 4 .   ? 6.308   7.464   8.343   1.00 30.78 ? 13   HOH A O   1 
HETATM 904 O O   . HOH D 4 .   ? -3.503  5.321   -10.860 1.00 25.63 ? 14   HOH A O   1 
HETATM 905 O O   . HOH D 4 .   ? 7.581   5.395   7.271   1.00 26.51 ? 15   HOH A O   1 
HETATM 906 O O   . HOH D 4 .   ? 8.888   9.791   12.589  1.00 48.35 ? 17   HOH A O   1 
HETATM 907 O O   . HOH D 4 .   ? -1.895  14.976  1.799   1.00 31.16 ? 18   HOH A O   1 
HETATM 908 O O   . HOH D 4 .   ? 3.799   -11.461 -6.272  1.00 38.49 ? 19   HOH A O   1 
HETATM 909 O O   . HOH D 4 .   ? 0.570   -12.436 -3.176  1.00 37.73 ? 20   HOH A O   1 
HETATM 910 O O   . HOH D 4 .   ? -1.926  2.999   14.396  1.00 38.19 ? 21   HOH A O   1 
HETATM 911 O O   . HOH D 4 .   ? -5.051  -8.701  1.286   1.00 45.51 ? 22   HOH A O   1 
HETATM 912 O O   . HOH D 4 .   ? -8.380  5.626   7.452   1.00 35.05 ? 23   HOH A O   1 
HETATM 913 O O   . HOH D 4 .   ? -11.439 -7.095  -13.567 1.00 37.96 ? 24   HOH A O   1 
HETATM 914 O O   . HOH D 4 .   ? 6.269   -11.691 -6.473  1.00 48.30 ? 25   HOH A O   1 
HETATM 915 O O   . HOH D 4 .   ? 2.030   11.408  6.587   1.00 42.64 ? 26   HOH A O   1 
HETATM 916 O O   . HOH D 4 .   ? 13.161  -0.732  -3.663  1.00 37.86 ? 27   HOH A O   1 
HETATM 917 O O   . HOH D 4 .   ? -14.746 -2.403  -0.738  1.00 46.66 ? 28   HOH A O   1 
HETATM 918 O O   . HOH D 4 .   ? 0.756   7.272   17.362  1.00 29.70 ? 29   HOH A O   1 
HETATM 919 O O   . HOH D 4 .   ? -12.673 5.522   -3.573  1.00 42.03 ? 30   HOH A O   1 
HETATM 920 O O   . HOH D 4 .   ? 2.719   -10.156 10.553  1.00 40.76 ? 32   HOH A O   1 
HETATM 921 O O   . HOH D 4 .   ? -1.933  10.300  10.720  1.00 32.03 ? 33   HOH A O   1 
HETATM 922 O O   . HOH D 4 .   ? 5.260   12.150  2.574   1.00 39.16 ? 34   HOH A O   1 
HETATM 923 O O   . HOH D 4 .   ? -11.062 7.781   -6.130  1.00 39.67 ? 35   HOH A O   1 
HETATM 924 O O   . HOH D 4 .   ? -4.018  14.589  -6.057  1.00 42.52 ? 36   HOH A O   1 
HETATM 925 O O   . HOH D 4 .   ? 3.772   2.934   16.721  1.00 56.49 ? 37   HOH A O   1 
HETATM 926 O O   . HOH D 4 .   ? -13.478 5.585   -1.000  1.00 44.43 ? 38   HOH A O   1 
HETATM 927 O O   . HOH D 4 .   ? 11.917  -6.715  -3.202  1.00 45.87 ? 39   HOH A O   1 
HETATM 928 O O   . HOH D 4 .   ? 7.732   9.064   5.487   1.00 39.79 ? 40   HOH A O   1 
HETATM 929 O O   . HOH D 4 .   ? -0.822  -6.584  -13.936 1.00 34.40 ? 41   HOH A O   1 
HETATM 930 O O   . HOH D 4 .   ? -3.974  8.628   8.919   1.00 34.05 ? 42   HOH A O   1 
HETATM 931 O O   . HOH D 4 .   ? 4.678   11.601  6.223   1.00 41.95 ? 44   HOH A O   1 
HETATM 932 O O   . HOH D 4 .   ? 10.344  -4.524  -6.642  1.00 37.44 ? 45   HOH A O   1 
HETATM 933 O O   . HOH D 4 .   ? -5.471  4.874   13.279  1.00 45.29 ? 46   HOH A O   1 
HETATM 934 O O   . HOH D 4 .   ? 14.601  7.736   8.796   1.00 45.59 ? 47   HOH A O   1 
HETATM 935 O O   . HOH D 4 .   ? -10.801 6.858   -1.668  1.00 52.49 ? 48   HOH A O   1 
HETATM 936 O O   . HOH D 4 .   ? -2.802  -0.960  12.245  1.00 44.23 ? 49   HOH A O   1 
HETATM 937 O O   . HOH D 4 .   ? 3.300   -12.067 -3.580  1.00 45.52 ? 51   HOH A O   1 
HETATM 938 O O   . HOH D 4 .   ? -5.982  6.303   -11.005 1.00 43.14 ? 53   HOH A O   1 
HETATM 939 O O   . HOH D 4 .   ? 10.885  -8.165  -15.699 1.00 43.12 ? 54   HOH A O   1 
HETATM 940 O O   . HOH D 4 .   ? 0.304   -3.095  12.075  1.00 44.39 ? 55   HOH A O   1 
HETATM 941 O O   . HOH D 4 .   ? -5.454  10.368  10.255  1.00 47.51 ? 56   HOH A O   1 
HETATM 942 O O   . HOH D 4 .   ? 11.435  -8.381  -0.490  1.00 49.44 ? 57   HOH A O   1 
HETATM 943 O O   . HOH D 4 .   ? -7.604  8.138   -11.482 1.00 54.80 ? 58   HOH A O   1 
HETATM 944 O O   . HOH D 4 .   ? 18.235  2.029   -2.085  1.00 42.12 ? 59   HOH A O   1 
HETATM 945 O O   . HOH D 4 .   ? 10.017  -8.036  -9.295  1.00 42.20 ? 60   HOH A O   1 
HETATM 946 O O   . HOH D 4 .   ? -9.210  -13.464 -3.588  1.00 53.58 ? 61   HOH A O   1 
HETATM 947 O O   . HOH D 4 .   ? -16.821 1.744   -7.025  1.00 58.07 ? 62   HOH A O   1 
HETATM 948 O O   . HOH D 4 .   ? -3.192  -8.634  -13.236 1.00 47.43 ? 63   HOH A O   1 
HETATM 949 O O   . HOH D 4 .   ? 10.258  -9.668  -13.527 1.00 47.32 ? 64   HOH A O   1 
HETATM 950 O O   . HOH D 4 .   ? 16.971  3.897   -0.735  1.00 45.92 ? 65   HOH A O   1 
HETATM 951 O O   . HOH D 4 .   ? 10.285  -7.561  -6.237  1.00 49.03 ? 66   HOH A O   1 
HETATM 952 O O   . HOH D 4 .   ? 1.066   15.697  2.331   1.00 49.75 ? 67   HOH A O   1 
HETATM 953 O O   . HOH D 4 .   ? -16.323 7.458   6.578   1.00 48.26 ? 68   HOH A O   1 
HETATM 954 O O   . HOH D 4 .   ? -7.030  12.086  11.465  1.00 55.27 ? 69   HOH A O   1 
HETATM 955 O O   . HOH D 4 .   ? 11.750  -8.042  -24.385 1.00 47.15 ? 72   HOH A O   1 
HETATM 956 O O   . HOH D 4 .   ? -4.263  2.731   13.108  1.00 47.03 ? 73   HOH A O   1 
HETATM 957 O O   . HOH D 4 .   ? -10.563 11.776  -5.804  1.00 48.61 ? 74   HOH A O   1 
HETATM 958 O O   . HOH D 4 .   ? -8.884  16.868  -4.855  1.00 42.40 ? 75   HOH A O   1 
HETATM 959 O O   . HOH D 4 .   ? -10.278 -13.332 -10.748 1.00 34.39 ? 76   HOH A O   1 
HETATM 960 O O   . HOH D 4 .   ? -6.944  -13.938 -5.844  1.00 43.66 ? 77   HOH A O   1 
HETATM 961 O O   . HOH D 4 .   ? 13.762  -4.842  -22.152 1.00 42.68 ? 78   HOH A O   1 
HETATM 962 O O   . HOH D 4 .   ? -12.774 1.771   -10.680 1.00 37.85 ? 79   HOH A O   1 
HETATM 963 O O   . HOH D 4 .   ? -14.129 -0.807  -8.642  1.00 48.54 ? 80   HOH A O   1 
HETATM 964 O O   . HOH D 4 .   ? 1.302   -5.403  -15.870 1.00 43.72 ? 81   HOH A O   1 
HETATM 965 O O   . HOH D 4 .   ? -3.049  -6.670  -14.804 1.00 32.47 ? 82   HOH A O   1 
HETATM 966 O O   . HOH D 4 .   ? 7.003   9.211   -4.301  0.50 21.06 ? 83   HOH A O   1 
HETATM 967 O O   . HOH E 4 .   ? -9.024  -2.309  2.500   1.00 25.52 ? 4    HOH B O   1 
HETATM 968 O O   . HOH E 4 .   ? -11.104 6.664   0.679   1.00 29.99 ? 8    HOH B O   1 
HETATM 969 O O   . HOH E 4 .   ? -10.820 3.053   7.367   1.00 41.45 ? 16   HOH B O   1 
HETATM 970 O O   . HOH E 4 .   ? -11.146 -5.507  7.984   1.00 49.01 ? 31   HOH B O   1 
HETATM 971 O O   . HOH E 4 .   ? -10.737 -4.161  3.340   1.00 36.75 ? 43   HOH B O   1 
HETATM 972 O O   . HOH E 4 .   ? 1.947   14.865  6.991   1.00 50.75 ? 50   HOH B O   1 
HETATM 973 O O   . HOH E 4 .   ? -1.722  18.123  0.873   1.00 47.41 ? 52   HOH B O   1 
HETATM 974 O O   . HOH E 4 .   ? -12.319 -2.836  5.736   1.00 51.74 ? 70   HOH B O   1 
HETATM 975 O O   . HOH E 4 .   ? -5.595  -0.969  9.451   1.00 36.32 ? 71   HOH B O   1 
# 
